data_5JNP
# 
_entry.id   5JNP 
# 
_audit_conform.dict_name       mmcif_pdbx.dic 
_audit_conform.dict_version    5.398 
_audit_conform.dict_location   http://mmcif.pdb.org/dictionaries/ascii/mmcif_pdbx.dic 
# 
loop_
_database_2.database_id 
_database_2.database_code 
_database_2.pdbx_database_accession 
_database_2.pdbx_DOI 
PDB   5JNP         pdb_00005jnp 10.2210/pdb5jnp/pdb 
WWPDB D_1000220124 ?            ?                   
# 
loop_
_pdbx_audit_revision_history.ordinal 
_pdbx_audit_revision_history.data_content_type 
_pdbx_audit_revision_history.major_revision 
_pdbx_audit_revision_history.minor_revision 
_pdbx_audit_revision_history.revision_date 
1 'Structure model' 1 0 2016-12-28 
2 'Structure model' 1 1 2017-01-18 
3 'Structure model' 1 2 2017-09-06 
4 'Structure model' 1 3 2019-12-04 
5 'Structure model' 1 4 2024-11-06 
# 
_pdbx_audit_revision_details.ordinal             1 
_pdbx_audit_revision_details.revision_ordinal    1 
_pdbx_audit_revision_details.data_content_type   'Structure model' 
_pdbx_audit_revision_details.provider            repository 
_pdbx_audit_revision_details.type                'Initial release' 
_pdbx_audit_revision_details.description         ? 
_pdbx_audit_revision_details.details             ? 
# 
loop_
_pdbx_audit_revision_group.ordinal 
_pdbx_audit_revision_group.revision_ordinal 
_pdbx_audit_revision_group.data_content_type 
_pdbx_audit_revision_group.group 
1 2 'Structure model' 'Database references'        
2 3 'Structure model' 'Author supporting evidence' 
3 4 'Structure model' 'Author supporting evidence' 
4 5 'Structure model' Advisory                     
5 5 'Structure model' 'Data collection'            
6 5 'Structure model' 'Database references'        
7 5 'Structure model' 'Refinement description'     
8 5 'Structure model' 'Structure summary'          
# 
loop_
_pdbx_audit_revision_category.ordinal 
_pdbx_audit_revision_category.revision_ordinal 
_pdbx_audit_revision_category.data_content_type 
_pdbx_audit_revision_category.category 
1  3 'Structure model' pdbx_audit_support           
2  4 'Structure model' pdbx_audit_support           
3  5 'Structure model' chem_comp_atom               
4  5 'Structure model' chem_comp_bond               
5  5 'Structure model' database_2                   
6  5 'Structure model' diffrn_radiation_wavelength  
7  5 'Structure model' pdbx_entry_details           
8  5 'Structure model' pdbx_modification_feature    
9  5 'Structure model' pdbx_unobs_or_zero_occ_atoms 
10 5 'Structure model' struct_ncs_dom_lim           
# 
loop_
_pdbx_audit_revision_item.ordinal 
_pdbx_audit_revision_item.revision_ordinal 
_pdbx_audit_revision_item.data_content_type 
_pdbx_audit_revision_item.item 
1  3 'Structure model' '_pdbx_audit_support.funding_organization' 
2  4 'Structure model' '_pdbx_audit_support.funding_organization' 
3  5 'Structure model' '_database_2.pdbx_DOI'                     
4  5 'Structure model' '_database_2.pdbx_database_accession'      
5  5 'Structure model' '_struct_ncs_dom_lim.beg_auth_comp_id'     
6  5 'Structure model' '_struct_ncs_dom_lim.beg_label_asym_id'    
7  5 'Structure model' '_struct_ncs_dom_lim.beg_label_comp_id'    
8  5 'Structure model' '_struct_ncs_dom_lim.beg_label_seq_id'     
9  5 'Structure model' '_struct_ncs_dom_lim.end_auth_comp_id'     
10 5 'Structure model' '_struct_ncs_dom_lim.end_label_asym_id'    
11 5 'Structure model' '_struct_ncs_dom_lim.end_label_comp_id'    
12 5 'Structure model' '_struct_ncs_dom_lim.end_label_seq_id'     
# 
_pdbx_database_status.status_code                     REL 
_pdbx_database_status.status_code_sf                  REL 
_pdbx_database_status.status_code_mr                  ? 
_pdbx_database_status.entry_id                        5JNP 
_pdbx_database_status.recvd_initial_deposition_date   2016-04-30 
_pdbx_database_status.SG_entry                        N 
_pdbx_database_status.deposit_site                    RCSB 
_pdbx_database_status.process_site                    RCSB 
_pdbx_database_status.status_code_cs                  ? 
_pdbx_database_status.methods_development_category    ? 
_pdbx_database_status.pdb_format_compatible           Y 
_pdbx_database_status.status_code_nmr_data            ? 
# 
loop_
_audit_author.name 
_audit_author.pdbx_ordinal 
'Rushton, P.S.'     1 
'Olek, A.T.'        2 
'Makowski, L.'      3 
'Badger, J.'        4 
'Steussy, C.N.'     5 
'Carpita, N.C.'     6 
'Stauffacher, C.V.' 7 
# 
_citation.abstract                  ? 
_citation.abstract_id_CAS           ? 
_citation.book_id_ISBN              ? 
_citation.book_publisher            ? 
_citation.book_publisher_city       ? 
_citation.book_title                ? 
_citation.coordinate_linkage        ? 
_citation.country                   US 
_citation.database_id_Medline       ? 
_citation.details                   ? 
_citation.id                        primary 
_citation.journal_abbrev            'Plant Physiol.' 
_citation.journal_id_ASTM           PLPHAY 
_citation.journal_id_CSD            0765 
_citation.journal_id_ISSN           1532-2548 
_citation.journal_full              ? 
_citation.journal_issue             ? 
_citation.journal_volume            173 
_citation.language                  ? 
_citation.page_first                482 
_citation.page_last                 494 
_citation.title                     
'Rice Cellulose SynthaseA8 Plant-Conserved Region Is a Coiled-Coil at the Catalytic Core Entrance.' 
_citation.year                      2017 
_citation.database_id_CSD           ? 
_citation.pdbx_database_id_DOI      10.1104/pp.16.00739 
_citation.pdbx_database_id_PubMed   27879387 
_citation.unpublished_flag          ? 
# 
loop_
_citation_author.citation_id 
_citation_author.name 
_citation_author.ordinal 
_citation_author.identifier_ORCID 
primary 'Rushton, P.S.'     1 ? 
primary 'Olek, A.T.'        2 ? 
primary 'Makowski, L.'      3 ? 
primary 'Badger, J.'        4 ? 
primary 'Steussy, C.N.'     5 ? 
primary 'Carpita, N.C.'     6 ? 
primary 'Stauffacher, C.V.' 7 ? 
# 
loop_
_entity.id 
_entity.type 
_entity.src_method 
_entity.pdbx_description 
_entity.formula_weight 
_entity.pdbx_number_of_molecules 
_entity.pdbx_ec 
_entity.pdbx_mutation 
_entity.pdbx_fragment 
_entity.details 
1 polymer     man 'Probable cellulose synthase A catalytic subunit 8 [UDP-forming]' 15005.438 2 2.4.1.12 ? ? 
'Plant Conserved Region (P-CR) Domain of Cellulose Synthase (aa 3-80 are ordered)' 
2 non-polymer syn 'CITRATE ANION'                                                   189.100   2 ?        ? ? ? 
3 non-polymer syn GLYCEROL                                                          92.094    2 ?        ? ? ? 
4 non-polymer syn 'PHOSPHATE ION'                                                   94.971    2 ?        ? ? ? 
5 water       nat water                                                             18.015    8 ?        ? ? ? 
# 
_entity_name_com.entity_id   1 
_entity_name_com.name        OsCesA8 
# 
_entity_poly.entity_id                      1 
_entity_poly.type                           'polypeptide(L)' 
_entity_poly.nstd_linkage                   no 
_entity_poly.nstd_monomer                   yes 
_entity_poly.pdbx_seq_one_letter_code       
;SNAA(MSE)LTFDALAETSEFARKWVPFVKKYNIEPRAPEWYFSQKIDYLKDKVHPSFVKDRRA(MSE)KREYEEFKVRI
NGLVAKAQKVPEEGWI(MSE)QDGTPWPGNNTRDHPG(MSE)IQVFLGHSGGLDTEGNELPRLV
;
_entity_poly.pdbx_seq_one_letter_code_can   
;SNAAMLTFDALAETSEFARKWVPFVKKYNIEPRAPEWYFSQKIDYLKDKVHPSFVKDRRAMKREYEEFKVRINGLVAKAQ
KVPEEGWIMQDGTPWPGNNTRDHPGMIQVFLGHSGGLDTEGNELPRLV
;
_entity_poly.pdbx_strand_id                 A,B 
_entity_poly.pdbx_target_identifier         ? 
# 
loop_
_pdbx_entity_nonpoly.entity_id 
_pdbx_entity_nonpoly.name 
_pdbx_entity_nonpoly.comp_id 
2 'CITRATE ANION' FLC 
3 GLYCEROL        GOL 
4 'PHOSPHATE ION' PO4 
5 water           HOH 
# 
loop_
_entity_poly_seq.entity_id 
_entity_poly_seq.num 
_entity_poly_seq.mon_id 
_entity_poly_seq.hetero 
1 1   SER n 
1 2   ASN n 
1 3   ALA n 
1 4   ALA n 
1 5   MSE n 
1 6   LEU n 
1 7   THR n 
1 8   PHE n 
1 9   ASP n 
1 10  ALA n 
1 11  LEU n 
1 12  ALA n 
1 13  GLU n 
1 14  THR n 
1 15  SER n 
1 16  GLU n 
1 17  PHE n 
1 18  ALA n 
1 19  ARG n 
1 20  LYS n 
1 21  TRP n 
1 22  VAL n 
1 23  PRO n 
1 24  PHE n 
1 25  VAL n 
1 26  LYS n 
1 27  LYS n 
1 28  TYR n 
1 29  ASN n 
1 30  ILE n 
1 31  GLU n 
1 32  PRO n 
1 33  ARG n 
1 34  ALA n 
1 35  PRO n 
1 36  GLU n 
1 37  TRP n 
1 38  TYR n 
1 39  PHE n 
1 40  SER n 
1 41  GLN n 
1 42  LYS n 
1 43  ILE n 
1 44  ASP n 
1 45  TYR n 
1 46  LEU n 
1 47  LYS n 
1 48  ASP n 
1 49  LYS n 
1 50  VAL n 
1 51  HIS n 
1 52  PRO n 
1 53  SER n 
1 54  PHE n 
1 55  VAL n 
1 56  LYS n 
1 57  ASP n 
1 58  ARG n 
1 59  ARG n 
1 60  ALA n 
1 61  MSE n 
1 62  LYS n 
1 63  ARG n 
1 64  GLU n 
1 65  TYR n 
1 66  GLU n 
1 67  GLU n 
1 68  PHE n 
1 69  LYS n 
1 70  VAL n 
1 71  ARG n 
1 72  ILE n 
1 73  ASN n 
1 74  GLY n 
1 75  LEU n 
1 76  VAL n 
1 77  ALA n 
1 78  LYS n 
1 79  ALA n 
1 80  GLN n 
1 81  LYS n 
1 82  VAL n 
1 83  PRO n 
1 84  GLU n 
1 85  GLU n 
1 86  GLY n 
1 87  TRP n 
1 88  ILE n 
1 89  MSE n 
1 90  GLN n 
1 91  ASP n 
1 92  GLY n 
1 93  THR n 
1 94  PRO n 
1 95  TRP n 
1 96  PRO n 
1 97  GLY n 
1 98  ASN n 
1 99  ASN n 
1 100 THR n 
1 101 ARG n 
1 102 ASP n 
1 103 HIS n 
1 104 PRO n 
1 105 GLY n 
1 106 MSE n 
1 107 ILE n 
1 108 GLN n 
1 109 VAL n 
1 110 PHE n 
1 111 LEU n 
1 112 GLY n 
1 113 HIS n 
1 114 SER n 
1 115 GLY n 
1 116 GLY n 
1 117 LEU n 
1 118 ASP n 
1 119 THR n 
1 120 GLU n 
1 121 GLY n 
1 122 ASN n 
1 123 GLU n 
1 124 LEU n 
1 125 PRO n 
1 126 ARG n 
1 127 LEU n 
1 128 VAL n 
# 
_entity_src_gen.entity_id                          1 
_entity_src_gen.pdbx_src_id                        1 
_entity_src_gen.pdbx_alt_source_flag               sample 
_entity_src_gen.pdbx_seq_type                      'Biological sequence' 
_entity_src_gen.pdbx_beg_seq_num                   1 
_entity_src_gen.pdbx_end_seq_num                   128 
_entity_src_gen.gene_src_common_name               Rice 
_entity_src_gen.gene_src_genus                     ? 
_entity_src_gen.pdbx_gene_src_gene                 'CESA8, Os07g0208500, LOC_Os07g10770, OJ1136_A05.10, OJ1559_F09.120, OsJ_022567' 
_entity_src_gen.gene_src_species                   ? 
_entity_src_gen.gene_src_strain                    ? 
_entity_src_gen.gene_src_tissue                    ? 
_entity_src_gen.gene_src_tissue_fraction           ? 
_entity_src_gen.gene_src_details                   ? 
_entity_src_gen.pdbx_gene_src_fragment             ? 
_entity_src_gen.pdbx_gene_src_scientific_name      'Oryza sativa subsp. japonica' 
_entity_src_gen.pdbx_gene_src_ncbi_taxonomy_id     39947 
_entity_src_gen.pdbx_gene_src_variant              ? 
_entity_src_gen.pdbx_gene_src_cell_line            ? 
_entity_src_gen.pdbx_gene_src_atcc                 ? 
_entity_src_gen.pdbx_gene_src_organ                ? 
_entity_src_gen.pdbx_gene_src_organelle            ? 
_entity_src_gen.pdbx_gene_src_cell                 ? 
_entity_src_gen.pdbx_gene_src_cellular_location    ? 
_entity_src_gen.host_org_common_name               ? 
_entity_src_gen.pdbx_host_org_scientific_name      'Escherichia coli' 
_entity_src_gen.pdbx_host_org_ncbi_taxonomy_id     562 
_entity_src_gen.host_org_genus                     ? 
_entity_src_gen.pdbx_host_org_gene                 ? 
_entity_src_gen.pdbx_host_org_organ                ? 
_entity_src_gen.host_org_species                   ? 
_entity_src_gen.pdbx_host_org_tissue               ? 
_entity_src_gen.pdbx_host_org_tissue_fraction      ? 
_entity_src_gen.pdbx_host_org_strain               ? 
_entity_src_gen.pdbx_host_org_variant              ? 
_entity_src_gen.pdbx_host_org_cell_line            ? 
_entity_src_gen.pdbx_host_org_atcc                 ? 
_entity_src_gen.pdbx_host_org_culture_collection   ? 
_entity_src_gen.pdbx_host_org_cell                 ? 
_entity_src_gen.pdbx_host_org_organelle            ? 
_entity_src_gen.pdbx_host_org_cellular_location    ? 
_entity_src_gen.pdbx_host_org_vector_type          ? 
_entity_src_gen.pdbx_host_org_vector               ? 
_entity_src_gen.host_org_details                   ? 
_entity_src_gen.expression_system_id               ? 
_entity_src_gen.plasmid_name                       ? 
_entity_src_gen.plasmid_details                    ? 
_entity_src_gen.pdbx_description                   ? 
# 
loop_
_chem_comp.id 
_chem_comp.type 
_chem_comp.mon_nstd_flag 
_chem_comp.name 
_chem_comp.pdbx_synonyms 
_chem_comp.formula 
_chem_comp.formula_weight 
ALA 'L-peptide linking' y ALANINE          ?                               'C3 H7 N O2'     89.093  
ARG 'L-peptide linking' y ARGININE         ?                               'C6 H15 N4 O2 1' 175.209 
ASN 'L-peptide linking' y ASPARAGINE       ?                               'C4 H8 N2 O3'    132.118 
ASP 'L-peptide linking' y 'ASPARTIC ACID'  ?                               'C4 H7 N O4'     133.103 
FLC non-polymer         . 'CITRATE ANION'  ?                               'C6 H5 O7 -3'    189.100 
GLN 'L-peptide linking' y GLUTAMINE        ?                               'C5 H10 N2 O3'   146.144 
GLU 'L-peptide linking' y 'GLUTAMIC ACID'  ?                               'C5 H9 N O4'     147.129 
GLY 'peptide linking'   y GLYCINE          ?                               'C2 H5 N O2'     75.067  
GOL non-polymer         . GLYCEROL         'GLYCERIN; PROPANE-1,2,3-TRIOL' 'C3 H8 O3'       92.094  
HIS 'L-peptide linking' y HISTIDINE        ?                               'C6 H10 N3 O2 1' 156.162 
HOH non-polymer         . WATER            ?                               'H2 O'           18.015  
ILE 'L-peptide linking' y ISOLEUCINE       ?                               'C6 H13 N O2'    131.173 
LEU 'L-peptide linking' y LEUCINE          ?                               'C6 H13 N O2'    131.173 
LYS 'L-peptide linking' y LYSINE           ?                               'C6 H15 N2 O2 1' 147.195 
MSE 'L-peptide linking' n SELENOMETHIONINE ?                               'C5 H11 N O2 Se' 196.106 
PHE 'L-peptide linking' y PHENYLALANINE    ?                               'C9 H11 N O2'    165.189 
PO4 non-polymer         . 'PHOSPHATE ION'  ?                               'O4 P -3'        94.971  
PRO 'L-peptide linking' y PROLINE          ?                               'C5 H9 N O2'     115.130 
SER 'L-peptide linking' y SERINE           ?                               'C3 H7 N O3'     105.093 
THR 'L-peptide linking' y THREONINE        ?                               'C4 H9 N O3'     119.119 
TRP 'L-peptide linking' y TRYPTOPHAN       ?                               'C11 H12 N2 O2'  204.225 
TYR 'L-peptide linking' y TYROSINE         ?                               'C9 H11 N O3'    181.189 
VAL 'L-peptide linking' y VALINE           ?                               'C5 H11 N O2'    117.146 
# 
loop_
_pdbx_poly_seq_scheme.asym_id 
_pdbx_poly_seq_scheme.entity_id 
_pdbx_poly_seq_scheme.seq_id 
_pdbx_poly_seq_scheme.mon_id 
_pdbx_poly_seq_scheme.ndb_seq_num 
_pdbx_poly_seq_scheme.pdb_seq_num 
_pdbx_poly_seq_scheme.auth_seq_num 
_pdbx_poly_seq_scheme.pdb_mon_id 
_pdbx_poly_seq_scheme.auth_mon_id 
_pdbx_poly_seq_scheme.pdb_strand_id 
_pdbx_poly_seq_scheme.pdb_ins_code 
_pdbx_poly_seq_scheme.hetero 
A 1 1   SER 1   396 ?   ?   ?   A . n 
A 1 2   ASN 2   397 ?   ?   ?   A . n 
A 1 3   ALA 3   398 ?   ?   ?   A . n 
A 1 4   ALA 4   399 399 ALA ALA A . n 
A 1 5   MSE 5   400 400 MSE MSE A . n 
A 1 6   LEU 6   401 401 LEU LEU A . n 
A 1 7   THR 7   402 402 THR THR A . n 
A 1 8   PHE 8   403 403 PHE PHE A . n 
A 1 9   ASP 9   404 404 ASP ASP A . n 
A 1 10  ALA 10  405 405 ALA ALA A . n 
A 1 11  LEU 11  406 406 LEU LEU A . n 
A 1 12  ALA 12  407 407 ALA ALA A . n 
A 1 13  GLU 13  408 408 GLU GLU A . n 
A 1 14  THR 14  409 409 THR THR A . n 
A 1 15  SER 15  410 410 SER SER A . n 
A 1 16  GLU 16  411 411 GLU GLU A . n 
A 1 17  PHE 17  412 412 PHE PHE A . n 
A 1 18  ALA 18  413 413 ALA ALA A . n 
A 1 19  ARG 19  414 414 ARG ARG A . n 
A 1 20  LYS 20  415 415 LYS LYS A . n 
A 1 21  TRP 21  416 416 TRP TRP A . n 
A 1 22  VAL 22  417 417 VAL VAL A . n 
A 1 23  PRO 23  418 418 PRO PRO A . n 
A 1 24  PHE 24  419 419 PHE PHE A . n 
A 1 25  VAL 25  420 420 VAL VAL A . n 
A 1 26  LYS 26  421 421 LYS LYS A . n 
A 1 27  LYS 27  422 422 LYS LYS A . n 
A 1 28  TYR 28  423 423 TYR TYR A . n 
A 1 29  ASN 29  424 424 ASN ASN A . n 
A 1 30  ILE 30  425 425 ILE ILE A . n 
A 1 31  GLU 31  426 426 GLU GLU A . n 
A 1 32  PRO 32  427 427 PRO PRO A . n 
A 1 33  ARG 33  428 428 ARG ARG A . n 
A 1 34  ALA 34  429 429 ALA ALA A . n 
A 1 35  PRO 35  430 430 PRO PRO A . n 
A 1 36  GLU 36  431 431 GLU GLU A . n 
A 1 37  TRP 37  432 432 TRP TRP A . n 
A 1 38  TYR 38  433 433 TYR TYR A . n 
A 1 39  PHE 39  434 434 PHE PHE A . n 
A 1 40  SER 40  435 435 SER SER A . n 
A 1 41  GLN 41  436 436 GLN GLN A . n 
A 1 42  LYS 42  437 437 LYS LYS A . n 
A 1 43  ILE 43  438 438 ILE ILE A . n 
A 1 44  ASP 44  439 439 ASP ASP A . n 
A 1 45  TYR 45  440 440 TYR TYR A . n 
A 1 46  LEU 46  441 441 LEU LEU A . n 
A 1 47  LYS 47  442 442 LYS LYS A . n 
A 1 48  ASP 48  443 443 ASP ASP A . n 
A 1 49  LYS 49  444 444 LYS LYS A . n 
A 1 50  VAL 50  445 445 VAL VAL A . n 
A 1 51  HIS 51  446 446 HIS HIS A . n 
A 1 52  PRO 52  447 447 PRO PRO A . n 
A 1 53  SER 53  448 448 SER SER A . n 
A 1 54  PHE 54  449 449 PHE PHE A . n 
A 1 55  VAL 55  450 450 VAL VAL A . n 
A 1 56  LYS 56  451 451 LYS LYS A . n 
A 1 57  ASP 57  452 452 ASP ASP A . n 
A 1 58  ARG 58  453 453 ARG ARG A . n 
A 1 59  ARG 59  454 454 ARG ARG A . n 
A 1 60  ALA 60  455 455 ALA ALA A . n 
A 1 61  MSE 61  456 456 MSE MSE A . n 
A 1 62  LYS 62  457 457 LYS LYS A . n 
A 1 63  ARG 63  458 458 ARG ARG A . n 
A 1 64  GLU 64  459 459 GLU GLU A . n 
A 1 65  TYR 65  460 460 TYR TYR A . n 
A 1 66  GLU 66  461 461 GLU GLU A . n 
A 1 67  GLU 67  462 462 GLU GLU A . n 
A 1 68  PHE 68  463 463 PHE PHE A . n 
A 1 69  LYS 69  464 464 LYS LYS A . n 
A 1 70  VAL 70  465 465 VAL VAL A . n 
A 1 71  ARG 71  466 466 ARG ARG A . n 
A 1 72  ILE 72  467 467 ILE ILE A . n 
A 1 73  ASN 73  468 468 ASN ASN A . n 
A 1 74  GLY 74  469 469 GLY GLY A . n 
A 1 75  LEU 75  470 470 LEU LEU A . n 
A 1 76  VAL 76  471 471 VAL VAL A . n 
A 1 77  ALA 77  472 472 ALA ALA A . n 
A 1 78  LYS 78  473 473 LYS LYS A . n 
A 1 79  ALA 79  474 474 ALA ALA A . n 
A 1 80  GLN 80  475 475 GLN GLN A . n 
A 1 81  LYS 81  476 ?   ?   ?   A . n 
A 1 82  VAL 82  477 ?   ?   ?   A . n 
A 1 83  PRO 83  478 ?   ?   ?   A . n 
A 1 84  GLU 84  479 ?   ?   ?   A . n 
A 1 85  GLU 85  480 ?   ?   ?   A . n 
A 1 86  GLY 86  481 ?   ?   ?   A . n 
A 1 87  TRP 87  482 ?   ?   ?   A . n 
A 1 88  ILE 88  483 ?   ?   ?   A . n 
A 1 89  MSE 89  484 ?   ?   ?   A . n 
A 1 90  GLN 90  485 ?   ?   ?   A . n 
A 1 91  ASP 91  486 ?   ?   ?   A . n 
A 1 92  GLY 92  487 ?   ?   ?   A . n 
A 1 93  THR 93  488 ?   ?   ?   A . n 
A 1 94  PRO 94  489 ?   ?   ?   A . n 
A 1 95  TRP 95  490 ?   ?   ?   A . n 
A 1 96  PRO 96  491 ?   ?   ?   A . n 
A 1 97  GLY 97  492 ?   ?   ?   A . n 
A 1 98  ASN 98  493 ?   ?   ?   A . n 
A 1 99  ASN 99  494 ?   ?   ?   A . n 
A 1 100 THR 100 495 ?   ?   ?   A . n 
A 1 101 ARG 101 496 ?   ?   ?   A . n 
A 1 102 ASP 102 497 ?   ?   ?   A . n 
A 1 103 HIS 103 498 ?   ?   ?   A . n 
A 1 104 PRO 104 499 ?   ?   ?   A . n 
A 1 105 GLY 105 500 ?   ?   ?   A . n 
A 1 106 MSE 106 501 ?   ?   ?   A . n 
A 1 107 ILE 107 502 ?   ?   ?   A . n 
A 1 108 GLN 108 503 ?   ?   ?   A . n 
A 1 109 VAL 109 504 ?   ?   ?   A . n 
A 1 110 PHE 110 505 ?   ?   ?   A . n 
A 1 111 LEU 111 506 ?   ?   ?   A . n 
A 1 112 GLY 112 507 ?   ?   ?   A . n 
A 1 113 HIS 113 508 ?   ?   ?   A . n 
A 1 114 SER 114 509 ?   ?   ?   A . n 
A 1 115 GLY 115 510 ?   ?   ?   A . n 
A 1 116 GLY 116 511 ?   ?   ?   A . n 
A 1 117 LEU 117 512 ?   ?   ?   A . n 
A 1 118 ASP 118 513 ?   ?   ?   A . n 
A 1 119 THR 119 514 ?   ?   ?   A . n 
A 1 120 GLU 120 515 ?   ?   ?   A . n 
A 1 121 GLY 121 516 ?   ?   ?   A . n 
A 1 122 ASN 122 517 ?   ?   ?   A . n 
A 1 123 GLU 123 518 ?   ?   ?   A . n 
A 1 124 LEU 124 519 ?   ?   ?   A . n 
A 1 125 PRO 125 520 ?   ?   ?   A . n 
A 1 126 ARG 126 521 ?   ?   ?   A . n 
A 1 127 LEU 127 522 ?   ?   ?   A . n 
A 1 128 VAL 128 523 ?   ?   ?   A . n 
B 1 1   SER 1   396 ?   ?   ?   B . n 
B 1 2   ASN 2   397 ?   ?   ?   B . n 
B 1 3   ALA 3   398 ?   ?   ?   B . n 
B 1 4   ALA 4   399 399 ALA ALA B . n 
B 1 5   MSE 5   400 400 MSE MSE B . n 
B 1 6   LEU 6   401 401 LEU LEU B . n 
B 1 7   THR 7   402 402 THR THR B . n 
B 1 8   PHE 8   403 403 PHE PHE B . n 
B 1 9   ASP 9   404 404 ASP ASP B . n 
B 1 10  ALA 10  405 405 ALA ALA B . n 
B 1 11  LEU 11  406 406 LEU LEU B . n 
B 1 12  ALA 12  407 407 ALA ALA B . n 
B 1 13  GLU 13  408 408 GLU GLU B . n 
B 1 14  THR 14  409 409 THR THR B . n 
B 1 15  SER 15  410 410 SER SER B . n 
B 1 16  GLU 16  411 411 GLU GLU B . n 
B 1 17  PHE 17  412 412 PHE PHE B . n 
B 1 18  ALA 18  413 413 ALA ALA B . n 
B 1 19  ARG 19  414 414 ARG ARG B . n 
B 1 20  LYS 20  415 415 LYS LYS B . n 
B 1 21  TRP 21  416 416 TRP TRP B . n 
B 1 22  VAL 22  417 417 VAL VAL B . n 
B 1 23  PRO 23  418 418 PRO PRO B . n 
B 1 24  PHE 24  419 419 PHE PHE B . n 
B 1 25  VAL 25  420 420 VAL VAL B . n 
B 1 26  LYS 26  421 421 LYS LYS B . n 
B 1 27  LYS 27  422 422 LYS LYS B . n 
B 1 28  TYR 28  423 423 TYR TYR B . n 
B 1 29  ASN 29  424 424 ASN ASN B . n 
B 1 30  ILE 30  425 425 ILE ILE B . n 
B 1 31  GLU 31  426 426 GLU GLU B . n 
B 1 32  PRO 32  427 427 PRO PRO B . n 
B 1 33  ARG 33  428 428 ARG ARG B . n 
B 1 34  ALA 34  429 429 ALA ALA B . n 
B 1 35  PRO 35  430 430 PRO PRO B . n 
B 1 36  GLU 36  431 431 GLU GLU B . n 
B 1 37  TRP 37  432 432 TRP TRP B . n 
B 1 38  TYR 38  433 433 TYR TYR B . n 
B 1 39  PHE 39  434 434 PHE PHE B . n 
B 1 40  SER 40  435 435 SER SER B . n 
B 1 41  GLN 41  436 436 GLN GLN B . n 
B 1 42  LYS 42  437 437 LYS LYS B . n 
B 1 43  ILE 43  438 438 ILE ILE B . n 
B 1 44  ASP 44  439 439 ASP ASP B . n 
B 1 45  TYR 45  440 440 TYR TYR B . n 
B 1 46  LEU 46  441 441 LEU LEU B . n 
B 1 47  LYS 47  442 442 LYS LYS B . n 
B 1 48  ASP 48  443 443 ASP ASP B . n 
B 1 49  LYS 49  444 444 LYS LYS B . n 
B 1 50  VAL 50  445 445 VAL VAL B . n 
B 1 51  HIS 51  446 446 HIS HIS B . n 
B 1 52  PRO 52  447 447 PRO PRO B . n 
B 1 53  SER 53  448 448 SER SER B . n 
B 1 54  PHE 54  449 449 PHE PHE B . n 
B 1 55  VAL 55  450 450 VAL VAL B . n 
B 1 56  LYS 56  451 451 LYS LYS B . n 
B 1 57  ASP 57  452 452 ASP ASP B . n 
B 1 58  ARG 58  453 453 ARG ARG B . n 
B 1 59  ARG 59  454 454 ARG ARG B . n 
B 1 60  ALA 60  455 455 ALA ALA B . n 
B 1 61  MSE 61  456 456 MSE MSE B . n 
B 1 62  LYS 62  457 457 LYS LYS B . n 
B 1 63  ARG 63  458 458 ARG ARG B . n 
B 1 64  GLU 64  459 459 GLU GLU B . n 
B 1 65  TYR 65  460 460 TYR TYR B . n 
B 1 66  GLU 66  461 461 GLU GLU B . n 
B 1 67  GLU 67  462 462 GLU GLU B . n 
B 1 68  PHE 68  463 463 PHE PHE B . n 
B 1 69  LYS 69  464 464 LYS LYS B . n 
B 1 70  VAL 70  465 465 VAL VAL B . n 
B 1 71  ARG 71  466 466 ARG ARG B . n 
B 1 72  ILE 72  467 467 ILE ILE B . n 
B 1 73  ASN 73  468 468 ASN ASN B . n 
B 1 74  GLY 74  469 469 GLY GLY B . n 
B 1 75  LEU 75  470 470 LEU LEU B . n 
B 1 76  VAL 76  471 471 VAL VAL B . n 
B 1 77  ALA 77  472 472 ALA ALA B . n 
B 1 78  LYS 78  473 473 LYS LYS B . n 
B 1 79  ALA 79  474 474 ALA ALA B . n 
B 1 80  GLN 80  475 475 GLN GLN B . n 
B 1 81  LYS 81  476 ?   ?   ?   B . n 
B 1 82  VAL 82  477 ?   ?   ?   B . n 
B 1 83  PRO 83  478 ?   ?   ?   B . n 
B 1 84  GLU 84  479 ?   ?   ?   B . n 
B 1 85  GLU 85  480 ?   ?   ?   B . n 
B 1 86  GLY 86  481 ?   ?   ?   B . n 
B 1 87  TRP 87  482 ?   ?   ?   B . n 
B 1 88  ILE 88  483 ?   ?   ?   B . n 
B 1 89  MSE 89  484 ?   ?   ?   B . n 
B 1 90  GLN 90  485 ?   ?   ?   B . n 
B 1 91  ASP 91  486 ?   ?   ?   B . n 
B 1 92  GLY 92  487 ?   ?   ?   B . n 
B 1 93  THR 93  488 ?   ?   ?   B . n 
B 1 94  PRO 94  489 ?   ?   ?   B . n 
B 1 95  TRP 95  490 ?   ?   ?   B . n 
B 1 96  PRO 96  491 ?   ?   ?   B . n 
B 1 97  GLY 97  492 ?   ?   ?   B . n 
B 1 98  ASN 98  493 ?   ?   ?   B . n 
B 1 99  ASN 99  494 ?   ?   ?   B . n 
B 1 100 THR 100 495 ?   ?   ?   B . n 
B 1 101 ARG 101 496 ?   ?   ?   B . n 
B 1 102 ASP 102 497 ?   ?   ?   B . n 
B 1 103 HIS 103 498 ?   ?   ?   B . n 
B 1 104 PRO 104 499 ?   ?   ?   B . n 
B 1 105 GLY 105 500 ?   ?   ?   B . n 
B 1 106 MSE 106 501 ?   ?   ?   B . n 
B 1 107 ILE 107 502 ?   ?   ?   B . n 
B 1 108 GLN 108 503 ?   ?   ?   B . n 
B 1 109 VAL 109 504 ?   ?   ?   B . n 
B 1 110 PHE 110 505 ?   ?   ?   B . n 
B 1 111 LEU 111 506 ?   ?   ?   B . n 
B 1 112 GLY 112 507 ?   ?   ?   B . n 
B 1 113 HIS 113 508 ?   ?   ?   B . n 
B 1 114 SER 114 509 ?   ?   ?   B . n 
B 1 115 GLY 115 510 ?   ?   ?   B . n 
B 1 116 GLY 116 511 ?   ?   ?   B . n 
B 1 117 LEU 117 512 ?   ?   ?   B . n 
B 1 118 ASP 118 513 ?   ?   ?   B . n 
B 1 119 THR 119 514 ?   ?   ?   B . n 
B 1 120 GLU 120 515 ?   ?   ?   B . n 
B 1 121 GLY 121 516 ?   ?   ?   B . n 
B 1 122 ASN 122 517 ?   ?   ?   B . n 
B 1 123 GLU 123 518 ?   ?   ?   B . n 
B 1 124 LEU 124 519 ?   ?   ?   B . n 
B 1 125 PRO 125 520 ?   ?   ?   B . n 
B 1 126 ARG 126 521 ?   ?   ?   B . n 
B 1 127 LEU 127 522 ?   ?   ?   B . n 
B 1 128 VAL 128 523 ?   ?   ?   B . n 
# 
loop_
_pdbx_nonpoly_scheme.asym_id 
_pdbx_nonpoly_scheme.entity_id 
_pdbx_nonpoly_scheme.mon_id 
_pdbx_nonpoly_scheme.ndb_seq_num 
_pdbx_nonpoly_scheme.pdb_seq_num 
_pdbx_nonpoly_scheme.auth_seq_num 
_pdbx_nonpoly_scheme.pdb_mon_id 
_pdbx_nonpoly_scheme.auth_mon_id 
_pdbx_nonpoly_scheme.pdb_strand_id 
_pdbx_nonpoly_scheme.pdb_ins_code 
C 2 FLC 1 1   1 FLC FLC A . 
D 3 GOL 1 601 1 GOL GOL A . 
E 4 PO4 1 602 1 PO4 PO4 A . 
F 2 FLC 1 1   2 FLC FLC B . 
G 3 GOL 1 601 2 GOL GOL B . 
H 4 PO4 1 602 1 PO4 PO4 B . 
I 5 HOH 1 701 1 HOH HOH A . 
I 5 HOH 2 702 6 HOH HOH A . 
I 5 HOH 3 703 8 HOH HOH A . 
I 5 HOH 4 704 3 HOH HOH A . 
J 5 HOH 1 701 7 HOH HOH B . 
J 5 HOH 2 702 5 HOH HOH B . 
J 5 HOH 3 703 4 HOH HOH B . 
J 5 HOH 4 704 2 HOH HOH B . 
# 
loop_
_pdbx_unobs_or_zero_occ_atoms.id 
_pdbx_unobs_or_zero_occ_atoms.PDB_model_num 
_pdbx_unobs_or_zero_occ_atoms.polymer_flag 
_pdbx_unobs_or_zero_occ_atoms.occupancy_flag 
_pdbx_unobs_or_zero_occ_atoms.auth_asym_id 
_pdbx_unobs_or_zero_occ_atoms.auth_comp_id 
_pdbx_unobs_or_zero_occ_atoms.auth_seq_id 
_pdbx_unobs_or_zero_occ_atoms.PDB_ins_code 
_pdbx_unobs_or_zero_occ_atoms.auth_atom_id 
_pdbx_unobs_or_zero_occ_atoms.label_alt_id 
_pdbx_unobs_or_zero_occ_atoms.label_asym_id 
_pdbx_unobs_or_zero_occ_atoms.label_comp_id 
_pdbx_unobs_or_zero_occ_atoms.label_seq_id 
_pdbx_unobs_or_zero_occ_atoms.label_atom_id 
1 1 Y 0 A ILE 438 ? CB  ? A ILE 43 CB  
2 1 Y 0 A ILE 438 ? CG1 ? A ILE 43 CG1 
3 1 Y 0 A ILE 438 ? CG2 ? A ILE 43 CG2 
4 1 Y 0 A ILE 438 ? CD1 ? A ILE 43 CD1 
5 1 Y 0 B ILE 438 ? CB  ? B ILE 43 CB  
6 1 Y 0 B ILE 438 ? CG1 ? B ILE 43 CG1 
7 1 Y 0 B ILE 438 ? CG2 ? B ILE 43 CG2 
8 1 Y 0 B ILE 438 ? CD1 ? B ILE 43 CD1 
# 
loop_
_software.citation_id 
_software.classification 
_software.compiler_name 
_software.compiler_version 
_software.contact_author 
_software.contact_author_email 
_software.date 
_software.description 
_software.dependencies 
_software.hardware 
_software.language 
_software.location 
_software.mods 
_software.name 
_software.os 
_software.os_version 
_software.type 
_software.version 
_software.pdbx_ordinal 
? refinement        ? ? ? ? ? ? ? ? ? ? ? PHENIX      ? ? ? 1.10.1_2155 1 
? 'data scaling'    ? ? ? ? ? ? ? ? ? ? ? HKL-2000    ? ? ? 710         2 
? 'data extraction' ? ? ? ? ? ? ? ? ? ? ? PDB_EXTRACT ? ? ? 3.20        3 
? 'data reduction'  ? ? ? ? ? ? ? ? ? ? ? HKL-2000    ? ? ? 710         4 
? phasing           ? ? ? ? ? ? ? ? ? ? ? PHENIX      ? ? ? 1.9_1692    5 
# 
_cell.angle_alpha                  90.000 
_cell.angle_alpha_esd              ? 
_cell.angle_beta                   90.000 
_cell.angle_beta_esd               ? 
_cell.angle_gamma                  90.000 
_cell.angle_gamma_esd              ? 
_cell.entry_id                     5JNP 
_cell.details                      ? 
_cell.formula_units_Z              ? 
_cell.length_a                     150.817 
_cell.length_a_esd                 ? 
_cell.length_b                     150.817 
_cell.length_b_esd                 ? 
_cell.length_c                     150.817 
_cell.length_c_esd                 ? 
_cell.volume                       ? 
_cell.volume_esd                   ? 
_cell.Z_PDB                        96 
_cell.reciprocal_angle_alpha       ? 
_cell.reciprocal_angle_beta        ? 
_cell.reciprocal_angle_gamma       ? 
_cell.reciprocal_angle_alpha_esd   ? 
_cell.reciprocal_angle_beta_esd    ? 
_cell.reciprocal_angle_gamma_esd   ? 
_cell.reciprocal_length_a          ? 
_cell.reciprocal_length_b          ? 
_cell.reciprocal_length_c          ? 
_cell.reciprocal_length_a_esd      ? 
_cell.reciprocal_length_b_esd      ? 
_cell.reciprocal_length_c_esd      ? 
_cell.pdbx_unique_axis             ? 
# 
_symmetry.entry_id                         5JNP 
_symmetry.cell_setting                     ? 
_symmetry.Int_Tables_number                196 
_symmetry.space_group_name_Hall            ? 
_symmetry.space_group_name_H-M             'F 2 3' 
_symmetry.pdbx_full_space_group_name_H-M   ? 
# 
_exptl.absorpt_coefficient_mu     ? 
_exptl.absorpt_correction_T_max   ? 
_exptl.absorpt_correction_T_min   ? 
_exptl.absorpt_correction_type    ? 
_exptl.absorpt_process_details    ? 
_exptl.entry_id                   5JNP 
_exptl.crystals_number            1 
_exptl.details                    ? 
_exptl.method                     'X-RAY DIFFRACTION' 
_exptl.method_details             ? 
# 
_exptl_crystal.colour                      ? 
_exptl_crystal.density_diffrn              ? 
_exptl_crystal.density_Matthews            2.42 
_exptl_crystal.density_method              ? 
_exptl_crystal.density_percent_sol         49.07 
_exptl_crystal.description                 'tetragonal bipyramids' 
_exptl_crystal.F_000                       ? 
_exptl_crystal.id                          1 
_exptl_crystal.preparation                 ? 
_exptl_crystal.size_max                    ? 
_exptl_crystal.size_mid                    ? 
_exptl_crystal.size_min                    ? 
_exptl_crystal.size_rad                    ? 
_exptl_crystal.colour_lustre               ? 
_exptl_crystal.colour_modifier             ? 
_exptl_crystal.colour_primary              ? 
_exptl_crystal.density_meas                ? 
_exptl_crystal.density_meas_esd            ? 
_exptl_crystal.density_meas_gt             ? 
_exptl_crystal.density_meas_lt             ? 
_exptl_crystal.density_meas_temp           ? 
_exptl_crystal.density_meas_temp_esd       ? 
_exptl_crystal.density_meas_temp_gt        ? 
_exptl_crystal.density_meas_temp_lt        ? 
_exptl_crystal.pdbx_crystal_image_url      ? 
_exptl_crystal.pdbx_crystal_image_format   ? 
_exptl_crystal.pdbx_mosaicity              ? 
_exptl_crystal.pdbx_mosaicity_esd          ? 
# 
_exptl_crystal_grow.apparatus       ? 
_exptl_crystal_grow.atmosphere      ? 
_exptl_crystal_grow.crystal_id      1 
_exptl_crystal_grow.details         ? 
_exptl_crystal_grow.method          'VAPOR DIFFUSION, SITTING DROP' 
_exptl_crystal_grow.method_ref      ? 
_exptl_crystal_grow.pH              8.6 
_exptl_crystal_grow.pressure        ? 
_exptl_crystal_grow.pressure_esd    ? 
_exptl_crystal_grow.seeding         ? 
_exptl_crystal_grow.seeding_ref     ? 
_exptl_crystal_grow.temp            277 
_exptl_crystal_grow.temp_details    ? 
_exptl_crystal_grow.temp_esd        ? 
_exptl_crystal_grow.time            ? 
_exptl_crystal_grow.pdbx_details    '1.0 M trisodium citrate dihydrate' 
_exptl_crystal_grow.pdbx_pH_range   ? 
# 
_diffrn.ambient_environment    ? 
_diffrn.ambient_temp           100 
_diffrn.ambient_temp_details   ? 
_diffrn.ambient_temp_esd       ? 
_diffrn.crystal_id             1 
_diffrn.crystal_support        ? 
_diffrn.crystal_treatment      ? 
_diffrn.details                ? 
_diffrn.id                     1 
_diffrn.ambient_pressure       ? 
_diffrn.ambient_pressure_esd   ? 
_diffrn.ambient_pressure_gt    ? 
_diffrn.ambient_pressure_lt    ? 
_diffrn.ambient_temp_gt        ? 
_diffrn.ambient_temp_lt        ? 
# 
_diffrn_detector.details                      'Si(111)' 
_diffrn_detector.detector                     CCD 
_diffrn_detector.diffrn_id                    1 
_diffrn_detector.type                         'MARMOSAIC 300 mm CCD' 
_diffrn_detector.area_resol_mean              ? 
_diffrn_detector.dtime                        ? 
_diffrn_detector.pdbx_frames_total            ? 
_diffrn_detector.pdbx_collection_time_total   ? 
_diffrn_detector.pdbx_collection_date         2014-06-20 
# 
_diffrn_radiation.collimation                      ? 
_diffrn_radiation.diffrn_id                        1 
_diffrn_radiation.filter_edge                      ? 
_diffrn_radiation.inhomogeneity                    ? 
_diffrn_radiation.monochromator                    ? 
_diffrn_radiation.polarisn_norm                    ? 
_diffrn_radiation.polarisn_ratio                   ? 
_diffrn_radiation.probe                            ? 
_diffrn_radiation.type                             ? 
_diffrn_radiation.xray_symbol                      ? 
_diffrn_radiation.wavelength_id                    1 
_diffrn_radiation.pdbx_monochromatic_or_laue_m_l   M 
_diffrn_radiation.pdbx_wavelength_list             ? 
_diffrn_radiation.pdbx_wavelength                  ? 
_diffrn_radiation.pdbx_diffrn_protocol             'SINGLE WAVELENGTH' 
_diffrn_radiation.pdbx_analyzer                    ? 
_diffrn_radiation.pdbx_scattering_type             x-ray 
# 
_diffrn_radiation_wavelength.id           1 
_diffrn_radiation_wavelength.wavelength   0.9794 
_diffrn_radiation_wavelength.wt           1.0 
# 
_diffrn_source.current                     ? 
_diffrn_source.details                     ? 
_diffrn_source.diffrn_id                   1 
_diffrn_source.power                       ? 
_diffrn_source.size                        ? 
_diffrn_source.source                      SYNCHROTRON 
_diffrn_source.target                      ? 
_diffrn_source.type                        'APS BEAMLINE 23-ID-B' 
_diffrn_source.voltage                     ? 
_diffrn_source.take-off_angle              ? 
_diffrn_source.pdbx_wavelength_list        0.9794 
_diffrn_source.pdbx_wavelength             ? 
_diffrn_source.pdbx_synchrotron_beamline   23-ID-B 
_diffrn_source.pdbx_synchrotron_site       APS 
# 
_reflns.B_iso_Wilson_estimate            74.170 
_reflns.entry_id                         5JNP 
_reflns.data_reduction_details           ? 
_reflns.data_reduction_method            ? 
_reflns.d_resolution_high                2.400 
_reflns.d_resolution_low                 50.000 
_reflns.details                          ? 
_reflns.limit_h_max                      ? 
_reflns.limit_h_min                      ? 
_reflns.limit_k_max                      ? 
_reflns.limit_k_min                      ? 
_reflns.limit_l_max                      ? 
_reflns.limit_l_min                      ? 
_reflns.number_all                       ? 
_reflns.number_obs                       11173 
_reflns.observed_criterion               ? 
_reflns.observed_criterion_F_max         ? 
_reflns.observed_criterion_F_min         ? 
_reflns.observed_criterion_I_max         ? 
_reflns.observed_criterion_I_min         ? 
_reflns.observed_criterion_sigma_F       ? 
_reflns.observed_criterion_sigma_I       ? 
_reflns.percent_possible_obs             99.900 
_reflns.R_free_details                   ? 
_reflns.Rmerge_F_all                     ? 
_reflns.Rmerge_F_obs                     ? 
_reflns.Friedel_coverage                 ? 
_reflns.number_gt                        ? 
_reflns.threshold_expression             ? 
_reflns.pdbx_redundancy                  45.200 
_reflns.pdbx_Rmerge_I_obs                0.087 
_reflns.pdbx_Rmerge_I_all                ? 
_reflns.pdbx_Rsym_value                  ? 
_reflns.pdbx_netI_over_av_sigmaI         101.437 
_reflns.pdbx_netI_over_sigmaI            11.800 
_reflns.pdbx_res_netI_over_av_sigmaI_2   ? 
_reflns.pdbx_res_netI_over_sigmaI_2      ? 
_reflns.pdbx_chi_squared                 3.984 
_reflns.pdbx_scaling_rejects             ? 
_reflns.pdbx_d_res_high_opt              ? 
_reflns.pdbx_d_res_low_opt               ? 
_reflns.pdbx_d_res_opt_method            ? 
_reflns.phase_calculation_details        ? 
_reflns.pdbx_Rrim_I_all                  0.088 
_reflns.pdbx_Rpim_I_all                  0.015 
_reflns.pdbx_d_opt                       ? 
_reflns.pdbx_number_measured_all         505517 
_reflns.pdbx_diffrn_id                   1 
_reflns.pdbx_ordinal                     1 
_reflns.pdbx_CC_half                     ? 
_reflns.pdbx_R_split                     ? 
# 
loop_
_reflns_shell.d_res_high 
_reflns_shell.d_res_low 
_reflns_shell.meanI_over_sigI_all 
_reflns_shell.meanI_over_sigI_obs 
_reflns_shell.number_measured_all 
_reflns_shell.number_measured_obs 
_reflns_shell.number_possible 
_reflns_shell.number_unique_all 
_reflns_shell.number_unique_obs 
_reflns_shell.percent_possible_all 
_reflns_shell.percent_possible_obs 
_reflns_shell.Rmerge_F_all 
_reflns_shell.Rmerge_F_obs 
_reflns_shell.Rmerge_I_all 
_reflns_shell.Rmerge_I_obs 
_reflns_shell.meanI_over_sigI_gt 
_reflns_shell.meanI_over_uI_all 
_reflns_shell.meanI_over_uI_gt 
_reflns_shell.number_measured_gt 
_reflns_shell.number_unique_gt 
_reflns_shell.percent_possible_gt 
_reflns_shell.Rmerge_F_gt 
_reflns_shell.Rmerge_I_gt 
_reflns_shell.pdbx_redundancy 
_reflns_shell.pdbx_Rsym_value 
_reflns_shell.pdbx_chi_squared 
_reflns_shell.pdbx_netI_over_sigmaI_all 
_reflns_shell.pdbx_netI_over_sigmaI_obs 
_reflns_shell.pdbx_Rrim_I_all 
_reflns_shell.pdbx_Rpim_I_all 
_reflns_shell.pdbx_rejects 
_reflns_shell.pdbx_ordinal 
_reflns_shell.pdbx_diffrn_id 
_reflns_shell.pdbx_CC_half 
_reflns_shell.pdbx_R_split 
2.400 2.490  ? ? ? ? ? ? ? 100.000 ? ? ? ? ?     ? ? ? ? ? ? ? ? 45.500 ? ? ? ? ? ? ? 1  1 ? ? 
2.490 2.590  ? ? ? ? ? ? ? 100.000 ? ? ? ? ?     ? ? ? ? ? ? ? ? 45.600 ? ? ? ? ? ? ? 2  1 ? ? 
2.590 2.700  ? ? ? ? ? ? ? 100.000 ? ? ? ? ?     ? ? ? ? ? ? ? ? 45.400 ? ? ? ? ? ? ? 3  1 ? ? 
2.700 2.850  ? ? ? ? ? ? ? 100.000 ? ? ? ? 0.638 ? ? ? ? ? ? ? ? 45.700 ? ? ? ? ? ? ? 4  1 ? ? 
2.850 3.020  ? ? ? ? ? ? ? 100.000 ? ? ? ? 0.291 ? ? ? ? ? ? ? ? 45.600 ? ? ? ? ? ? ? 5  1 ? ? 
3.020 3.260  ? ? ? ? ? ? ? 100.000 ? ? ? ? 0.163 ? ? ? ? ? ? ? ? 45.700 ? ? ? ? ? ? ? 6  1 ? ? 
3.260 3.580  ? ? ? ? ? ? ? 100.000 ? ? ? ? 0.131 ? ? ? ? ? ? ? ? 45.500 ? ? ? ? ? ? ? 7  1 ? ? 
3.580 4.100  ? ? ? ? ? ? ? 100.000 ? ? ? ? 0.103 ? ? ? ? ? ? ? ? 45.600 ? ? ? ? ? ? ? 8  1 ? ? 
4.100 5.170  ? ? ? ? ? ? ? 100.000 ? ? ? ? 0.069 ? ? ? ? ? ? ? ? 45.300 ? ? ? ? ? ? ? 9  1 ? ? 
5.170 50.000 ? ? ? ? ? ? ? 99.100  ? ? ? ? 0.068 ? ? ? ? ? ? ? ? 42.600 ? ? ? ? ? ? ? 10 1 ? ? 
# 
_refine.aniso_B[1][1]                            ? 
_refine.aniso_B[1][2]                            ? 
_refine.aniso_B[1][3]                            ? 
_refine.aniso_B[2][2]                            ? 
_refine.aniso_B[2][3]                            ? 
_refine.aniso_B[3][3]                            ? 
_refine.B_iso_max                                204.950 
_refine.B_iso_mean                               85.9480 
_refine.B_iso_min                                50.650 
_refine.correlation_coeff_Fo_to_Fc               ? 
_refine.correlation_coeff_Fo_to_Fc_free          ? 
_refine.details                                  ? 
_refine.diff_density_max                         ? 
_refine.diff_density_max_esd                     ? 
_refine.diff_density_min                         ? 
_refine.diff_density_min_esd                     ? 
_refine.diff_density_rms                         ? 
_refine.diff_density_rms_esd                     ? 
_refine.entry_id                                 5JNP 
_refine.pdbx_refine_id                           'X-RAY DIFFRACTION' 
_refine.ls_abs_structure_details                 ? 
_refine.ls_abs_structure_Flack                   ? 
_refine.ls_abs_structure_Flack_esd               ? 
_refine.ls_abs_structure_Rogers                  ? 
_refine.ls_abs_structure_Rogers_esd              ? 
_refine.ls_d_res_high                            2.4040 
_refine.ls_d_res_low                             45.4730 
_refine.ls_extinction_coef                       ? 
_refine.ls_extinction_coef_esd                   ? 
_refine.ls_extinction_expression                 ? 
_refine.ls_extinction_method                     ? 
_refine.ls_goodness_of_fit_all                   ? 
_refine.ls_goodness_of_fit_all_esd               ? 
_refine.ls_goodness_of_fit_obs                   ? 
_refine.ls_goodness_of_fit_obs_esd               ? 
_refine.ls_hydrogen_treatment                    ? 
_refine.ls_matrix_type                           ? 
_refine.ls_number_constraints                    ? 
_refine.ls_number_parameters                     ? 
_refine.ls_number_reflns_all                     ? 
_refine.ls_number_reflns_obs                     10862 
_refine.ls_number_reflns_R_free                  1084 
_refine.ls_number_reflns_R_work                  ? 
_refine.ls_number_restraints                     ? 
_refine.ls_percent_reflns_obs                    97.1200 
_refine.ls_percent_reflns_R_free                 9.9800 
_refine.ls_R_factor_all                          ? 
_refine.ls_R_factor_obs                          0.2434 
_refine.ls_R_factor_R_free                       0.2715 
_refine.ls_R_factor_R_free_error                 ? 
_refine.ls_R_factor_R_free_error_details         ? 
_refine.ls_R_factor_R_work                       0.2402 
_refine.ls_R_Fsqd_factor_obs                     ? 
_refine.ls_R_I_factor_obs                        ? 
_refine.ls_redundancy_reflns_all                 ? 
_refine.ls_redundancy_reflns_obs                 ? 
_refine.ls_restrained_S_all                      ? 
_refine.ls_restrained_S_obs                      ? 
_refine.ls_shift_over_esd_max                    ? 
_refine.ls_shift_over_esd_mean                   ? 
_refine.ls_structure_factor_coef                 ? 
_refine.ls_weighting_details                     ? 
_refine.ls_weighting_scheme                      ? 
_refine.ls_wR_factor_all                         ? 
_refine.ls_wR_factor_obs                         ? 
_refine.ls_wR_factor_R_free                      ? 
_refine.ls_wR_factor_R_work                      ? 
_refine.occupancy_max                            ? 
_refine.occupancy_min                            ? 
_refine.solvent_model_details                    ? 
_refine.solvent_model_param_bsol                 ? 
_refine.solvent_model_param_ksol                 ? 
_refine.ls_R_factor_gt                           ? 
_refine.ls_goodness_of_fit_gt                    ? 
_refine.ls_goodness_of_fit_ref                   ? 
_refine.ls_shift_over_su_max                     ? 
_refine.ls_shift_over_su_max_lt                  ? 
_refine.ls_shift_over_su_mean                    ? 
_refine.ls_shift_over_su_mean_lt                 ? 
_refine.pdbx_ls_sigma_I                          ? 
_refine.pdbx_ls_sigma_F                          0.000 
_refine.pdbx_ls_sigma_Fsqd                       ? 
_refine.pdbx_data_cutoff_high_absF               ? 
_refine.pdbx_data_cutoff_high_rms_absF           ? 
_refine.pdbx_data_cutoff_low_absF                ? 
_refine.pdbx_isotropic_thermal_model             ? 
_refine.pdbx_ls_cross_valid_method               'FREE R-VALUE' 
_refine.pdbx_method_to_determine_struct          SAD 
_refine.pdbx_starting_model                      ? 
_refine.pdbx_stereochemistry_target_values       ? 
_refine.pdbx_R_Free_selection_details            ? 
_refine.pdbx_stereochem_target_val_spec_case     ? 
_refine.pdbx_overall_ESU_R                       ? 
_refine.pdbx_overall_ESU_R_Free                  ? 
_refine.pdbx_solvent_vdw_probe_radii             1.1100 
_refine.pdbx_solvent_ion_probe_radii             ? 
_refine.pdbx_solvent_shrinkage_radii             0.9000 
_refine.pdbx_real_space_R                        ? 
_refine.pdbx_density_correlation                 ? 
_refine.pdbx_pd_number_of_powder_patterns        ? 
_refine.pdbx_pd_number_of_points                 ? 
_refine.pdbx_pd_meas_number_of_points            ? 
_refine.pdbx_pd_proc_ls_prof_R_factor            ? 
_refine.pdbx_pd_proc_ls_prof_wR_factor           ? 
_refine.pdbx_pd_Marquardt_correlation_coeff      ? 
_refine.pdbx_pd_Fsqrd_R_factor                   ? 
_refine.pdbx_pd_ls_matrix_band_width             ? 
_refine.pdbx_overall_phase_error                 35.2600 
_refine.pdbx_overall_SU_R_free_Cruickshank_DPI   ? 
_refine.pdbx_overall_SU_R_free_Blow_DPI          ? 
_refine.pdbx_overall_SU_R_Blow_DPI               ? 
_refine.pdbx_TLS_residual_ADP_flag               ? 
_refine.pdbx_diffrn_id                           1 
_refine.overall_SU_B                             ? 
_refine.overall_SU_ML                            0.4200 
_refine.overall_SU_R_Cruickshank_DPI             ? 
_refine.overall_SU_R_free                        ? 
_refine.overall_FOM_free_R_set                   ? 
_refine.overall_FOM_work_R_set                   ? 
_refine.pdbx_average_fsc_overall                 ? 
_refine.pdbx_average_fsc_work                    ? 
_refine.pdbx_average_fsc_free                    ? 
# 
_refine_hist.cycle_id                         final 
_refine_hist.pdbx_refine_id                   'X-RAY DIFFRACTION' 
_refine_hist.d_res_high                       2.4040 
_refine_hist.d_res_low                        45.4730 
_refine_hist.pdbx_number_atoms_ligand         48 
_refine_hist.number_atoms_solvent             8 
_refine_hist.number_atoms_total               1366 
_refine_hist.pdbx_number_residues_total       154 
_refine_hist.pdbx_B_iso_mean_ligand           119.84 
_refine_hist.pdbx_B_iso_mean_solvent          82.52 
_refine_hist.pdbx_number_atoms_protein        1310 
_refine_hist.pdbx_number_atoms_nucleic_acid   0 
# 
loop_
_refine_ls_restr.pdbx_refine_id 
_refine_ls_restr.criterion 
_refine_ls_restr.dev_ideal 
_refine_ls_restr.dev_ideal_target 
_refine_ls_restr.number 
_refine_ls_restr.rejects 
_refine_ls_restr.type 
_refine_ls_restr.weight 
_refine_ls_restr.pdbx_restraint_function 
'X-RAY DIFFRACTION' ? 0.009  ? 1388 ? f_bond_d           ? ? 
'X-RAY DIFFRACTION' ? 1.244  ? 1864 ? f_angle_d          ? ? 
'X-RAY DIFFRACTION' ? 0.060  ? 182  ? f_chiral_restr     ? ? 
'X-RAY DIFFRACTION' ? 0.006  ? 234  ? f_plane_restr      ? ? 
'X-RAY DIFFRACTION' ? 13.883 ? 530  ? f_dihedral_angle_d ? ? 
# 
loop_
_refine_ls_restr_ncs.pdbx_ordinal 
_refine_ls_restr_ncs.pdbx_refine_id 
_refine_ls_restr_ncs.pdbx_ens_id 
_refine_ls_restr_ncs.dom_id 
_refine_ls_restr_ncs.pdbx_type 
_refine_ls_restr_ncs.pdbx_auth_asym_id 
_refine_ls_restr_ncs.pdbx_number 
_refine_ls_restr_ncs.pdbx_rms 
_refine_ls_restr_ncs.weight_position 
_refine_ls_restr_ncs.ncs_model_details 
_refine_ls_restr_ncs.rms_dev_position 
_refine_ls_restr_ncs.rms_dev_B_iso 
_refine_ls_restr_ncs.weight_B_iso 
_refine_ls_restr_ncs.pdbx_asym_id 
_refine_ls_restr_ncs.pdbx_weight 
1 'X-RAY DIFFRACTION' 1 1 TORSIONAL A 68 0.216 ? ? ? ? ? ? ? 
2 'X-RAY DIFFRACTION' 1 2 TORSIONAL B 68 0.216 ? ? ? ? ? ? ? 
# 
loop_
_refine_ls_shell.pdbx_refine_id 
_refine_ls_shell.d_res_high 
_refine_ls_shell.d_res_low 
_refine_ls_shell.number_reflns_all 
_refine_ls_shell.number_reflns_obs 
_refine_ls_shell.number_reflns_R_free 
_refine_ls_shell.number_reflns_R_work 
_refine_ls_shell.percent_reflns_obs 
_refine_ls_shell.percent_reflns_R_free 
_refine_ls_shell.R_factor_all 
_refine_ls_shell.R_factor_obs 
_refine_ls_shell.R_factor_R_free 
_refine_ls_shell.R_factor_R_free_error 
_refine_ls_shell.R_factor_R_work 
_refine_ls_shell.redundancy_reflns_all 
_refine_ls_shell.redundancy_reflns_obs 
_refine_ls_shell.wR_factor_all 
_refine_ls_shell.wR_factor_obs 
_refine_ls_shell.wR_factor_R_free 
_refine_ls_shell.wR_factor_R_work 
_refine_ls_shell.pdbx_total_number_of_bins_used 
_refine_ls_shell.pdbx_phase_error 
_refine_ls_shell.pdbx_fsc_work 
_refine_ls_shell.pdbx_fsc_free 
'X-RAY DIFFRACTION' 2.4039 2.5133  1266 . 124 1142 92.0000  . . . 0.3953 . 0.3457 . . . . . . 8 . . . 
'X-RAY DIFFRACTION' 2.5133 2.6458  1301 . 132 1169 94.0000  . . . 0.4605 . 0.3398 . . . . . . 8 . . . 
'X-RAY DIFFRACTION' 2.6458 2.8116  1318 . 133 1185 95.0000  . . . 0.3582 . 0.3512 . . . . . . 8 . . . 
'X-RAY DIFFRACTION' 2.8116 3.0286  1378 . 136 1242 99.0000  . . . 0.3560 . 0.3195 . . . . . . 8 . . . 
'X-RAY DIFFRACTION' 3.0286 3.3333  1367 . 137 1230 99.0000  . . . 0.3039 . 0.2688 . . . . . . 8 . . . 
'X-RAY DIFFRACTION' 3.3333 3.8154  1388 . 140 1248 99.0000  . . . 0.2828 . 0.2382 . . . . . . 8 . . . 
'X-RAY DIFFRACTION' 3.8154 4.8062  1397 . 139 1258 100.0000 . . . 0.2593 . 0.2086 . . . . . . 8 . . . 
'X-RAY DIFFRACTION' 4.8062 45.4812 1447 . 143 1304 99.0000  . . . 0.2254 . 0.2184 . . . . . . 8 . . . 
# 
loop_
_struct_ncs_dom.pdbx_ens_id 
_struct_ncs_dom.id 
_struct_ncs_dom.details 
1 1 '(chain A and resseq 434:440)' 
1 2 '(chain B and resseq 434:440)' 
# 
loop_
_struct_ncs_dom_lim.pdbx_ens_id 
_struct_ncs_dom_lim.dom_id 
_struct_ncs_dom_lim.pdbx_component_id 
_struct_ncs_dom_lim.beg_label_asym_id 
_struct_ncs_dom_lim.beg_label_comp_id 
_struct_ncs_dom_lim.beg_label_seq_id 
_struct_ncs_dom_lim.beg_label_alt_id 
_struct_ncs_dom_lim.end_label_asym_id 
_struct_ncs_dom_lim.end_label_comp_id 
_struct_ncs_dom_lim.end_label_seq_id 
_struct_ncs_dom_lim.end_label_alt_id 
_struct_ncs_dom_lim.beg_auth_asym_id 
_struct_ncs_dom_lim.beg_auth_comp_id 
_struct_ncs_dom_lim.beg_auth_seq_id 
_struct_ncs_dom_lim.end_auth_asym_id 
_struct_ncs_dom_lim.end_auth_comp_id 
_struct_ncs_dom_lim.end_auth_seq_id 
_struct_ncs_dom_lim.pdbx_refine_code 
_struct_ncs_dom_lim.selection_details 
1 1 1 A PHE 39 . A TYR 45 . A PHE 434 A TYR 440 ? '(chain A and resseq 434:440)' 
1 2 1 B PHE 39 . B TYR 45 . B PHE 434 B TYR 440 ? '(chain B and resseq 434:440)' 
# 
_struct_ncs_ens.id        1 
_struct_ncs_ens.details   ? 
# 
_struct.entry_id                     5JNP 
_struct.title                        'Crystal structure of a rice (Oryza Sativa) cellulose synthase plant conserved region (P-CR)' 
_struct.pdbx_model_details           ? 
_struct.pdbx_formula_weight          ? 
_struct.pdbx_formula_weight_method   ? 
_struct.pdbx_model_type_details      ? 
_struct.pdbx_CASP_flag               N 
# 
_struct_keywords.entry_id        5JNP 
_struct_keywords.text            'cellulose synthase, plant conserved region (P-CR), coiled-coil, glycosyltranferase, TRANSFERASE' 
_struct_keywords.pdbx_keywords   TRANSFERASE 
# 
loop_
_struct_asym.id 
_struct_asym.pdbx_blank_PDB_chainid_flag 
_struct_asym.pdbx_modified 
_struct_asym.entity_id 
_struct_asym.details 
A N N 1 ? 
B N N 1 ? 
C N N 2 ? 
D N N 3 ? 
E N N 4 ? 
F N N 2 ? 
G N N 3 ? 
H N N 4 ? 
I N N 5 ? 
J N N 5 ? 
# 
_struct_ref.id                         1 
_struct_ref.db_name                    UNP 
_struct_ref.db_code                    CESA8_ORYSJ 
_struct_ref.pdbx_db_accession          Q84ZN6 
_struct_ref.pdbx_db_isoform            ? 
_struct_ref.entity_id                  1 
_struct_ref.pdbx_seq_one_letter_code   
;AAMLTFDALAETSEFARKWVPFVKKYNIEPRAPEWYFSQKIDYLKDKVHPSFVKDRRAMKREYEEFKVRINGLVAKAQKV
PEEGWIMQDGTPWPGNNTRDHPGMIQVFLGHSGGLDTEGNELPRLV
;
_struct_ref.pdbx_align_begin           398 
# 
loop_
_struct_ref_seq.align_id 
_struct_ref_seq.ref_id 
_struct_ref_seq.pdbx_PDB_id_code 
_struct_ref_seq.pdbx_strand_id 
_struct_ref_seq.seq_align_beg 
_struct_ref_seq.pdbx_seq_align_beg_ins_code 
_struct_ref_seq.seq_align_end 
_struct_ref_seq.pdbx_seq_align_end_ins_code 
_struct_ref_seq.pdbx_db_accession 
_struct_ref_seq.db_align_beg 
_struct_ref_seq.pdbx_db_align_beg_ins_code 
_struct_ref_seq.db_align_end 
_struct_ref_seq.pdbx_db_align_end_ins_code 
_struct_ref_seq.pdbx_auth_seq_align_beg 
_struct_ref_seq.pdbx_auth_seq_align_end 
1 1 5JNP A 3 ? 128 ? Q84ZN6 398 ? 523 ? 398 523 
2 1 5JNP B 3 ? 128 ? Q84ZN6 398 ? 523 ? 398 523 
# 
loop_
_struct_ref_seq_dif.align_id 
_struct_ref_seq_dif.pdbx_pdb_id_code 
_struct_ref_seq_dif.mon_id 
_struct_ref_seq_dif.pdbx_pdb_strand_id 
_struct_ref_seq_dif.seq_num 
_struct_ref_seq_dif.pdbx_pdb_ins_code 
_struct_ref_seq_dif.pdbx_seq_db_name 
_struct_ref_seq_dif.pdbx_seq_db_accession_code 
_struct_ref_seq_dif.db_mon_id 
_struct_ref_seq_dif.pdbx_seq_db_seq_num 
_struct_ref_seq_dif.details 
_struct_ref_seq_dif.pdbx_auth_seq_num 
_struct_ref_seq_dif.pdbx_ordinal 
1 5JNP SER A 1 ? UNP Q84ZN6 ? ? 'expression tag' 396 1 
1 5JNP ASN A 2 ? UNP Q84ZN6 ? ? 'expression tag' 397 2 
2 5JNP SER B 1 ? UNP Q84ZN6 ? ? 'expression tag' 396 3 
2 5JNP ASN B 2 ? UNP Q84ZN6 ? ? 'expression tag' 397 4 
# 
loop_
_pdbx_struct_assembly.id 
_pdbx_struct_assembly.details 
_pdbx_struct_assembly.method_details 
_pdbx_struct_assembly.oligomeric_details 
_pdbx_struct_assembly.oligomeric_count 
1 author_defined_assembly   ?    monomeric 1 
2 author_defined_assembly   ?    monomeric 1 
3 software_defined_assembly PISA dimeric   2 
# 
loop_
_pdbx_struct_assembly_prop.biol_id 
_pdbx_struct_assembly_prop.type 
_pdbx_struct_assembly_prop.value 
_pdbx_struct_assembly_prop.details 
3 'ABSA (A^2)' 2360  ? 
3 MORE         -21   ? 
3 'SSA (A^2)'  11060 ? 
# 
loop_
_pdbx_struct_assembly_gen.assembly_id 
_pdbx_struct_assembly_gen.oper_expression 
_pdbx_struct_assembly_gen.asym_id_list 
1 1 A,C,D,E,I           
2 1 B,F,G,H,J           
3 1 A,B,C,D,E,F,G,H,I,J 
# 
_pdbx_struct_oper_list.id                   1 
_pdbx_struct_oper_list.type                 'identity operation' 
_pdbx_struct_oper_list.name                 1_555 
_pdbx_struct_oper_list.symmetry_operation   x,y,z 
_pdbx_struct_oper_list.matrix[1][1]         1.0000000000 
_pdbx_struct_oper_list.matrix[1][2]         0.0000000000 
_pdbx_struct_oper_list.matrix[1][3]         0.0000000000 
_pdbx_struct_oper_list.vector[1]            0.0000000000 
_pdbx_struct_oper_list.matrix[2][1]         0.0000000000 
_pdbx_struct_oper_list.matrix[2][2]         1.0000000000 
_pdbx_struct_oper_list.matrix[2][3]         0.0000000000 
_pdbx_struct_oper_list.vector[2]            0.0000000000 
_pdbx_struct_oper_list.matrix[3][1]         0.0000000000 
_pdbx_struct_oper_list.matrix[3][2]         0.0000000000 
_pdbx_struct_oper_list.matrix[3][3]         1.0000000000 
_pdbx_struct_oper_list.vector[3]            0.0000000000 
# 
loop_
_struct_conf.conf_type_id 
_struct_conf.id 
_struct_conf.pdbx_PDB_helix_id 
_struct_conf.beg_label_comp_id 
_struct_conf.beg_label_asym_id 
_struct_conf.beg_label_seq_id 
_struct_conf.pdbx_beg_PDB_ins_code 
_struct_conf.end_label_comp_id 
_struct_conf.end_label_asym_id 
_struct_conf.end_label_seq_id 
_struct_conf.pdbx_end_PDB_ins_code 
_struct_conf.beg_auth_comp_id 
_struct_conf.beg_auth_asym_id 
_struct_conf.beg_auth_seq_id 
_struct_conf.end_auth_comp_id 
_struct_conf.end_auth_asym_id 
_struct_conf.end_auth_seq_id 
_struct_conf.pdbx_PDB_helix_class 
_struct_conf.details 
_struct_conf.pdbx_PDB_helix_length 
HELX_P HELX_P1 AA1 THR A 7  ? ASN A 29 ? THR A 402 ASN A 424 1 ? 23 
HELX_P HELX_P2 AA2 ALA A 34 ? GLN A 41 ? ALA A 429 GLN A 436 1 ? 8  
HELX_P HELX_P3 AA3 SER A 53 ? ALA A 77 ? SER A 448 ALA A 472 1 ? 25 
HELX_P HELX_P4 AA4 THR B 7  ? ASN B 29 ? THR B 402 ASN B 424 1 ? 23 
HELX_P HELX_P5 AA5 ALA B 34 ? GLN B 41 ? ALA B 429 GLN B 436 1 ? 8  
HELX_P HELX_P6 AA6 SER B 53 ? ALA B 77 ? SER B 448 ALA B 472 1 ? 25 
# 
_struct_conf_type.id          HELX_P 
_struct_conf_type.criteria    ? 
_struct_conf_type.reference   ? 
# 
loop_
_struct_conn.id 
_struct_conn.conn_type_id 
_struct_conn.pdbx_leaving_atom_flag 
_struct_conn.pdbx_PDB_id 
_struct_conn.ptnr1_label_asym_id 
_struct_conn.ptnr1_label_comp_id 
_struct_conn.ptnr1_label_seq_id 
_struct_conn.ptnr1_label_atom_id 
_struct_conn.pdbx_ptnr1_label_alt_id 
_struct_conn.pdbx_ptnr1_PDB_ins_code 
_struct_conn.pdbx_ptnr1_standard_comp_id 
_struct_conn.ptnr1_symmetry 
_struct_conn.ptnr2_label_asym_id 
_struct_conn.ptnr2_label_comp_id 
_struct_conn.ptnr2_label_seq_id 
_struct_conn.ptnr2_label_atom_id 
_struct_conn.pdbx_ptnr2_label_alt_id 
_struct_conn.pdbx_ptnr2_PDB_ins_code 
_struct_conn.ptnr1_auth_asym_id 
_struct_conn.ptnr1_auth_comp_id 
_struct_conn.ptnr1_auth_seq_id 
_struct_conn.ptnr2_auth_asym_id 
_struct_conn.ptnr2_auth_comp_id 
_struct_conn.ptnr2_auth_seq_id 
_struct_conn.ptnr2_symmetry 
_struct_conn.pdbx_ptnr3_label_atom_id 
_struct_conn.pdbx_ptnr3_label_seq_id 
_struct_conn.pdbx_ptnr3_label_comp_id 
_struct_conn.pdbx_ptnr3_label_asym_id 
_struct_conn.pdbx_ptnr3_label_alt_id 
_struct_conn.pdbx_ptnr3_PDB_ins_code 
_struct_conn.details 
_struct_conn.pdbx_dist_value 
_struct_conn.pdbx_value_order 
_struct_conn.pdbx_role 
covale1 covale both ? A ALA 4  C ? ? ? 1_555 A MSE 5  N ? ? A ALA 399 A MSE 400 1_555 ? ? ? ? ? ? ? 1.331 ? ? 
covale2 covale both ? A MSE 5  C ? ? ? 1_555 A LEU 6  N ? ? A MSE 400 A LEU 401 1_555 ? ? ? ? ? ? ? 1.344 ? ? 
covale3 covale both ? A ALA 60 C ? ? ? 1_555 A MSE 61 N ? ? A ALA 455 A MSE 456 1_555 ? ? ? ? ? ? ? 1.314 ? ? 
covale4 covale both ? A MSE 61 C ? ? ? 1_555 A LYS 62 N ? ? A MSE 456 A LYS 457 1_555 ? ? ? ? ? ? ? 1.315 ? ? 
covale5 covale both ? B ALA 4  C ? ? ? 1_555 B MSE 5  N ? ? B ALA 399 B MSE 400 1_555 ? ? ? ? ? ? ? 1.332 ? ? 
covale6 covale both ? B MSE 5  C ? ? ? 1_555 B LEU 6  N ? ? B MSE 400 B LEU 401 1_555 ? ? ? ? ? ? ? 1.341 ? ? 
covale7 covale both ? B ALA 60 C ? ? ? 1_555 B MSE 61 N ? ? B ALA 455 B MSE 456 1_555 ? ? ? ? ? ? ? 1.313 ? ? 
covale8 covale both ? B MSE 61 C ? ? ? 1_555 B LYS 62 N ? ? B MSE 456 B LYS 457 1_555 ? ? ? ? ? ? ? 1.316 ? ? 
# 
_struct_conn_type.id          covale 
_struct_conn_type.criteria    ? 
_struct_conn_type.reference   ? 
# 
loop_
_pdbx_modification_feature.ordinal 
_pdbx_modification_feature.label_comp_id 
_pdbx_modification_feature.label_asym_id 
_pdbx_modification_feature.label_seq_id 
_pdbx_modification_feature.label_alt_id 
_pdbx_modification_feature.modified_residue_label_comp_id 
_pdbx_modification_feature.modified_residue_label_asym_id 
_pdbx_modification_feature.modified_residue_label_seq_id 
_pdbx_modification_feature.modified_residue_label_alt_id 
_pdbx_modification_feature.auth_comp_id 
_pdbx_modification_feature.auth_asym_id 
_pdbx_modification_feature.auth_seq_id 
_pdbx_modification_feature.PDB_ins_code 
_pdbx_modification_feature.symmetry 
_pdbx_modification_feature.modified_residue_auth_comp_id 
_pdbx_modification_feature.modified_residue_auth_asym_id 
_pdbx_modification_feature.modified_residue_auth_seq_id 
_pdbx_modification_feature.modified_residue_PDB_ins_code 
_pdbx_modification_feature.modified_residue_symmetry 
_pdbx_modification_feature.comp_id_linking_atom 
_pdbx_modification_feature.modified_residue_id_linking_atom 
_pdbx_modification_feature.modified_residue_id 
_pdbx_modification_feature.ref_pcm_id 
_pdbx_modification_feature.ref_comp_id 
_pdbx_modification_feature.type 
_pdbx_modification_feature.category 
1 MSE A 5  ? . . . . MSE A 400 ? 1_555 . . . . . . . MET 1 MSE Selenomethionine 'Named protein modification' 
2 MSE A 61 ? . . . . MSE A 456 ? 1_555 . . . . . . . MET 1 MSE Selenomethionine 'Named protein modification' 
3 MSE B 5  ? . . . . MSE B 400 ? 1_555 . . . . . . . MET 1 MSE Selenomethionine 'Named protein modification' 
4 MSE B 61 ? . . . . MSE B 456 ? 1_555 . . . . . . . MET 1 MSE Selenomethionine 'Named protein modification' 
# 
loop_
_struct_mon_prot_cis.pdbx_id 
_struct_mon_prot_cis.label_comp_id 
_struct_mon_prot_cis.label_seq_id 
_struct_mon_prot_cis.label_asym_id 
_struct_mon_prot_cis.label_alt_id 
_struct_mon_prot_cis.pdbx_PDB_ins_code 
_struct_mon_prot_cis.auth_comp_id 
_struct_mon_prot_cis.auth_seq_id 
_struct_mon_prot_cis.auth_asym_id 
_struct_mon_prot_cis.pdbx_label_comp_id_2 
_struct_mon_prot_cis.pdbx_label_seq_id_2 
_struct_mon_prot_cis.pdbx_label_asym_id_2 
_struct_mon_prot_cis.pdbx_PDB_ins_code_2 
_struct_mon_prot_cis.pdbx_auth_comp_id_2 
_struct_mon_prot_cis.pdbx_auth_seq_id_2 
_struct_mon_prot_cis.pdbx_auth_asym_id_2 
_struct_mon_prot_cis.pdbx_PDB_model_num 
_struct_mon_prot_cis.pdbx_omega_angle 
1 GLU 31 A . ? GLU 426 A PRO 32 A ? PRO 427 A 1 -13.25 
2 GLU 31 B . ? GLU 426 B PRO 32 B ? PRO 427 B 1 -11.71 
# 
loop_
_struct_site.id 
_struct_site.pdbx_evidence_code 
_struct_site.pdbx_auth_asym_id 
_struct_site.pdbx_auth_comp_id 
_struct_site.pdbx_auth_seq_id 
_struct_site.pdbx_auth_ins_code 
_struct_site.pdbx_num_residues 
_struct_site.details 
AC1 Software A FLC 1   ? 4 'binding site for residue FLC A 1'   
AC2 Software A GOL 601 ? 3 'binding site for residue GOL A 601' 
AC3 Software A PO4 602 ? 3 'binding site for residue PO4 A 602' 
AC4 Software B FLC 1   ? 4 'binding site for residue FLC B 1'   
AC5 Software B GOL 601 ? 3 'binding site for residue GOL B 601' 
AC6 Software B PO4 602 ? 3 'binding site for residue PO4 B 602' 
# 
loop_
_struct_site_gen.id 
_struct_site_gen.site_id 
_struct_site_gen.pdbx_num_res 
_struct_site_gen.label_comp_id 
_struct_site_gen.label_asym_id 
_struct_site_gen.label_seq_id 
_struct_site_gen.pdbx_auth_ins_code 
_struct_site_gen.auth_comp_id 
_struct_site_gen.auth_asym_id 
_struct_site_gen.auth_seq_id 
_struct_site_gen.label_atom_id 
_struct_site_gen.label_alt_id 
_struct_site_gen.symmetry 
_struct_site_gen.details 
1  AC1 4 LYS A 27 ? LYS A 422 . ? 1_555  ? 
2  AC1 4 HIS A 51 ? HIS A 446 . ? 1_555  ? 
3  AC1 4 HOH I .  ? HOH A 703 . ? 1_555  ? 
4  AC1 4 LYS B 26 ? LYS B 421 . ? 5_555  ? 
5  AC2 3 ARG A 59 ? ARG A 454 . ? 11_566 ? 
6  AC2 3 LYS A 62 ? LYS A 457 . ? 1_555  ? 
7  AC2 3 ARG A 63 ? ARG A 458 . ? 1_555  ? 
8  AC3 3 ARG A 63 ? ARG A 458 . ? 8_656  ? 
9  AC3 3 ARG A 63 ? ARG A 458 . ? 1_555  ? 
10 AC3 3 ARG A 63 ? ARG A 458 . ? 11_566 ? 
11 AC4 4 LYS A 26 ? LYS A 421 . ? 9_555  ? 
12 AC4 4 LYS B 27 ? LYS B 422 . ? 1_555  ? 
13 AC4 4 HIS B 51 ? HIS B 446 . ? 1_555  ? 
14 AC4 4 HOH J .  ? HOH B 701 . ? 1_555  ? 
15 AC5 3 ARG B 59 ? ARG B 454 . ? 43_555 ? 
16 AC5 3 LYS B 62 ? LYS B 457 . ? 1_555  ? 
17 AC5 3 ARG B 63 ? ARG B 458 . ? 1_555  ? 
18 AC6 3 ARG B 63 ? ARG B 458 . ? 43_555 ? 
19 AC6 3 ARG B 63 ? ARG B 458 . ? 1_555  ? 
20 AC6 3 ARG B 63 ? ARG B 458 . ? 34_555 ? 
# 
_pdbx_entry_details.entry_id                   5JNP 
_pdbx_entry_details.compound_details           ? 
_pdbx_entry_details.source_details             ? 
_pdbx_entry_details.nonpolymer_details         ? 
_pdbx_entry_details.sequence_details           ? 
_pdbx_entry_details.has_ligand_of_interest     ? 
_pdbx_entry_details.has_protein_modification   Y 
# 
_pdbx_validate_close_contact.id               1 
_pdbx_validate_close_contact.PDB_model_num    1 
_pdbx_validate_close_contact.auth_atom_id_1   OE1 
_pdbx_validate_close_contact.auth_asym_id_1   A 
_pdbx_validate_close_contact.auth_comp_id_1   GLU 
_pdbx_validate_close_contact.auth_seq_id_1    431 
_pdbx_validate_close_contact.PDB_ins_code_1   ? 
_pdbx_validate_close_contact.label_alt_id_1   ? 
_pdbx_validate_close_contact.auth_atom_id_2   OH 
_pdbx_validate_close_contact.auth_asym_id_2   A 
_pdbx_validate_close_contact.auth_comp_id_2   TYR 
_pdbx_validate_close_contact.auth_seq_id_2    460 
_pdbx_validate_close_contact.PDB_ins_code_2   ? 
_pdbx_validate_close_contact.label_alt_id_2   ? 
_pdbx_validate_close_contact.dist             2.18 
# 
loop_
_pdbx_struct_mod_residue.id 
_pdbx_struct_mod_residue.label_asym_id 
_pdbx_struct_mod_residue.label_comp_id 
_pdbx_struct_mod_residue.label_seq_id 
_pdbx_struct_mod_residue.auth_asym_id 
_pdbx_struct_mod_residue.auth_comp_id 
_pdbx_struct_mod_residue.auth_seq_id 
_pdbx_struct_mod_residue.PDB_ins_code 
_pdbx_struct_mod_residue.parent_comp_id 
_pdbx_struct_mod_residue.details 
1 A MSE 5  A MSE 400 ? MET 'modified residue' 
2 A MSE 61 A MSE 456 ? MET 'modified residue' 
3 B MSE 5  B MSE 400 ? MET 'modified residue' 
4 B MSE 61 B MSE 456 ? MET 'modified residue' 
# 
loop_
_pdbx_struct_special_symmetry.id 
_pdbx_struct_special_symmetry.PDB_model_num 
_pdbx_struct_special_symmetry.auth_asym_id 
_pdbx_struct_special_symmetry.auth_comp_id 
_pdbx_struct_special_symmetry.auth_seq_id 
_pdbx_struct_special_symmetry.PDB_ins_code 
_pdbx_struct_special_symmetry.label_asym_id 
_pdbx_struct_special_symmetry.label_comp_id 
_pdbx_struct_special_symmetry.label_seq_id 
1 1 A PO4 602 ? E PO4 . 
2 1 A PO4 602 ? E PO4 . 
3 1 B PO4 602 ? H PO4 . 
4 1 B PO4 602 ? H PO4 . 
# 
loop_
_pdbx_unobs_or_zero_occ_residues.id 
_pdbx_unobs_or_zero_occ_residues.PDB_model_num 
_pdbx_unobs_or_zero_occ_residues.polymer_flag 
_pdbx_unobs_or_zero_occ_residues.occupancy_flag 
_pdbx_unobs_or_zero_occ_residues.auth_asym_id 
_pdbx_unobs_or_zero_occ_residues.auth_comp_id 
_pdbx_unobs_or_zero_occ_residues.auth_seq_id 
_pdbx_unobs_or_zero_occ_residues.PDB_ins_code 
_pdbx_unobs_or_zero_occ_residues.label_asym_id 
_pdbx_unobs_or_zero_occ_residues.label_comp_id 
_pdbx_unobs_or_zero_occ_residues.label_seq_id 
1   1 Y 1 A SER 396 ? A SER 1   
2   1 Y 1 A ASN 397 ? A ASN 2   
3   1 Y 1 A ALA 398 ? A ALA 3   
4   1 Y 1 A LYS 476 ? A LYS 81  
5   1 Y 1 A VAL 477 ? A VAL 82  
6   1 Y 1 A PRO 478 ? A PRO 83  
7   1 Y 1 A GLU 479 ? A GLU 84  
8   1 Y 1 A GLU 480 ? A GLU 85  
9   1 Y 1 A GLY 481 ? A GLY 86  
10  1 Y 1 A TRP 482 ? A TRP 87  
11  1 Y 1 A ILE 483 ? A ILE 88  
12  1 Y 1 A MSE 484 ? A MSE 89  
13  1 Y 1 A GLN 485 ? A GLN 90  
14  1 Y 1 A ASP 486 ? A ASP 91  
15  1 Y 1 A GLY 487 ? A GLY 92  
16  1 Y 1 A THR 488 ? A THR 93  
17  1 Y 1 A PRO 489 ? A PRO 94  
18  1 Y 1 A TRP 490 ? A TRP 95  
19  1 Y 1 A PRO 491 ? A PRO 96  
20  1 Y 1 A GLY 492 ? A GLY 97  
21  1 Y 1 A ASN 493 ? A ASN 98  
22  1 Y 1 A ASN 494 ? A ASN 99  
23  1 Y 1 A THR 495 ? A THR 100 
24  1 Y 1 A ARG 496 ? A ARG 101 
25  1 Y 1 A ASP 497 ? A ASP 102 
26  1 Y 1 A HIS 498 ? A HIS 103 
27  1 Y 1 A PRO 499 ? A PRO 104 
28  1 Y 1 A GLY 500 ? A GLY 105 
29  1 Y 1 A MSE 501 ? A MSE 106 
30  1 Y 1 A ILE 502 ? A ILE 107 
31  1 Y 1 A GLN 503 ? A GLN 108 
32  1 Y 1 A VAL 504 ? A VAL 109 
33  1 Y 1 A PHE 505 ? A PHE 110 
34  1 Y 1 A LEU 506 ? A LEU 111 
35  1 Y 1 A GLY 507 ? A GLY 112 
36  1 Y 1 A HIS 508 ? A HIS 113 
37  1 Y 1 A SER 509 ? A SER 114 
38  1 Y 1 A GLY 510 ? A GLY 115 
39  1 Y 1 A GLY 511 ? A GLY 116 
40  1 Y 1 A LEU 512 ? A LEU 117 
41  1 Y 1 A ASP 513 ? A ASP 118 
42  1 Y 1 A THR 514 ? A THR 119 
43  1 Y 1 A GLU 515 ? A GLU 120 
44  1 Y 1 A GLY 516 ? A GLY 121 
45  1 Y 1 A ASN 517 ? A ASN 122 
46  1 Y 1 A GLU 518 ? A GLU 123 
47  1 Y 1 A LEU 519 ? A LEU 124 
48  1 Y 1 A PRO 520 ? A PRO 125 
49  1 Y 1 A ARG 521 ? A ARG 126 
50  1 Y 1 A LEU 522 ? A LEU 127 
51  1 Y 1 A VAL 523 ? A VAL 128 
52  1 Y 1 B SER 396 ? B SER 1   
53  1 Y 1 B ASN 397 ? B ASN 2   
54  1 Y 1 B ALA 398 ? B ALA 3   
55  1 Y 1 B LYS 476 ? B LYS 81  
56  1 Y 1 B VAL 477 ? B VAL 82  
57  1 Y 1 B PRO 478 ? B PRO 83  
58  1 Y 1 B GLU 479 ? B GLU 84  
59  1 Y 1 B GLU 480 ? B GLU 85  
60  1 Y 1 B GLY 481 ? B GLY 86  
61  1 Y 1 B TRP 482 ? B TRP 87  
62  1 Y 1 B ILE 483 ? B ILE 88  
63  1 Y 1 B MSE 484 ? B MSE 89  
64  1 Y 1 B GLN 485 ? B GLN 90  
65  1 Y 1 B ASP 486 ? B ASP 91  
66  1 Y 1 B GLY 487 ? B GLY 92  
67  1 Y 1 B THR 488 ? B THR 93  
68  1 Y 1 B PRO 489 ? B PRO 94  
69  1 Y 1 B TRP 490 ? B TRP 95  
70  1 Y 1 B PRO 491 ? B PRO 96  
71  1 Y 1 B GLY 492 ? B GLY 97  
72  1 Y 1 B ASN 493 ? B ASN 98  
73  1 Y 1 B ASN 494 ? B ASN 99  
74  1 Y 1 B THR 495 ? B THR 100 
75  1 Y 1 B ARG 496 ? B ARG 101 
76  1 Y 1 B ASP 497 ? B ASP 102 
77  1 Y 1 B HIS 498 ? B HIS 103 
78  1 Y 1 B PRO 499 ? B PRO 104 
79  1 Y 1 B GLY 500 ? B GLY 105 
80  1 Y 1 B MSE 501 ? B MSE 106 
81  1 Y 1 B ILE 502 ? B ILE 107 
82  1 Y 1 B GLN 503 ? B GLN 108 
83  1 Y 1 B VAL 504 ? B VAL 109 
84  1 Y 1 B PHE 505 ? B PHE 110 
85  1 Y 1 B LEU 506 ? B LEU 111 
86  1 Y 1 B GLY 507 ? B GLY 112 
87  1 Y 1 B HIS 508 ? B HIS 113 
88  1 Y 1 B SER 509 ? B SER 114 
89  1 Y 1 B GLY 510 ? B GLY 115 
90  1 Y 1 B GLY 511 ? B GLY 116 
91  1 Y 1 B LEU 512 ? B LEU 117 
92  1 Y 1 B ASP 513 ? B ASP 118 
93  1 Y 1 B THR 514 ? B THR 119 
94  1 Y 1 B GLU 515 ? B GLU 120 
95  1 Y 1 B GLY 516 ? B GLY 121 
96  1 Y 1 B ASN 517 ? B ASN 122 
97  1 Y 1 B GLU 518 ? B GLU 123 
98  1 Y 1 B LEU 519 ? B LEU 124 
99  1 Y 1 B PRO 520 ? B PRO 125 
100 1 Y 1 B ARG 521 ? B ARG 126 
101 1 Y 1 B LEU 522 ? B LEU 127 
102 1 Y 1 B VAL 523 ? B VAL 128 
# 
loop_
_chem_comp_atom.comp_id 
_chem_comp_atom.atom_id 
_chem_comp_atom.type_symbol 
_chem_comp_atom.pdbx_aromatic_flag 
_chem_comp_atom.pdbx_stereo_config 
_chem_comp_atom.pdbx_ordinal 
ALA N    N  N N 1   
ALA CA   C  N S 2   
ALA C    C  N N 3   
ALA O    O  N N 4   
ALA CB   C  N N 5   
ALA OXT  O  N N 6   
ALA H    H  N N 7   
ALA H2   H  N N 8   
ALA HA   H  N N 9   
ALA HB1  H  N N 10  
ALA HB2  H  N N 11  
ALA HB3  H  N N 12  
ALA HXT  H  N N 13  
ARG N    N  N N 14  
ARG CA   C  N S 15  
ARG C    C  N N 16  
ARG O    O  N N 17  
ARG CB   C  N N 18  
ARG CG   C  N N 19  
ARG CD   C  N N 20  
ARG NE   N  N N 21  
ARG CZ   C  N N 22  
ARG NH1  N  N N 23  
ARG NH2  N  N N 24  
ARG OXT  O  N N 25  
ARG H    H  N N 26  
ARG H2   H  N N 27  
ARG HA   H  N N 28  
ARG HB2  H  N N 29  
ARG HB3  H  N N 30  
ARG HG2  H  N N 31  
ARG HG3  H  N N 32  
ARG HD2  H  N N 33  
ARG HD3  H  N N 34  
ARG HE   H  N N 35  
ARG HH11 H  N N 36  
ARG HH12 H  N N 37  
ARG HH21 H  N N 38  
ARG HH22 H  N N 39  
ARG HXT  H  N N 40  
ASN N    N  N N 41  
ASN CA   C  N S 42  
ASN C    C  N N 43  
ASN O    O  N N 44  
ASN CB   C  N N 45  
ASN CG   C  N N 46  
ASN OD1  O  N N 47  
ASN ND2  N  N N 48  
ASN OXT  O  N N 49  
ASN H    H  N N 50  
ASN H2   H  N N 51  
ASN HA   H  N N 52  
ASN HB2  H  N N 53  
ASN HB3  H  N N 54  
ASN HD21 H  N N 55  
ASN HD22 H  N N 56  
ASN HXT  H  N N 57  
ASP N    N  N N 58  
ASP CA   C  N S 59  
ASP C    C  N N 60  
ASP O    O  N N 61  
ASP CB   C  N N 62  
ASP CG   C  N N 63  
ASP OD1  O  N N 64  
ASP OD2  O  N N 65  
ASP OXT  O  N N 66  
ASP H    H  N N 67  
ASP H2   H  N N 68  
ASP HA   H  N N 69  
ASP HB2  H  N N 70  
ASP HB3  H  N N 71  
ASP HD2  H  N N 72  
ASP HXT  H  N N 73  
FLC CAC  C  N N 74  
FLC CA   C  N N 75  
FLC CB   C  N N 76  
FLC CBC  C  N N 77  
FLC CG   C  N N 78  
FLC CGC  C  N N 79  
FLC OA1  O  N N 80  
FLC OA2  O  N N 81  
FLC OB1  O  N N 82  
FLC OB2  O  N N 83  
FLC OG1  O  N N 84  
FLC OG2  O  N N 85  
FLC OHB  O  N N 86  
FLC HA1  H  N N 87  
FLC HA2  H  N N 88  
FLC HG1  H  N N 89  
FLC HG2  H  N N 90  
FLC HOB  H  N N 91  
GLN N    N  N N 92  
GLN CA   C  N S 93  
GLN C    C  N N 94  
GLN O    O  N N 95  
GLN CB   C  N N 96  
GLN CG   C  N N 97  
GLN CD   C  N N 98  
GLN OE1  O  N N 99  
GLN NE2  N  N N 100 
GLN OXT  O  N N 101 
GLN H    H  N N 102 
GLN H2   H  N N 103 
GLN HA   H  N N 104 
GLN HB2  H  N N 105 
GLN HB3  H  N N 106 
GLN HG2  H  N N 107 
GLN HG3  H  N N 108 
GLN HE21 H  N N 109 
GLN HE22 H  N N 110 
GLN HXT  H  N N 111 
GLU N    N  N N 112 
GLU CA   C  N S 113 
GLU C    C  N N 114 
GLU O    O  N N 115 
GLU CB   C  N N 116 
GLU CG   C  N N 117 
GLU CD   C  N N 118 
GLU OE1  O  N N 119 
GLU OE2  O  N N 120 
GLU OXT  O  N N 121 
GLU H    H  N N 122 
GLU H2   H  N N 123 
GLU HA   H  N N 124 
GLU HB2  H  N N 125 
GLU HB3  H  N N 126 
GLU HG2  H  N N 127 
GLU HG3  H  N N 128 
GLU HE2  H  N N 129 
GLU HXT  H  N N 130 
GLY N    N  N N 131 
GLY CA   C  N N 132 
GLY C    C  N N 133 
GLY O    O  N N 134 
GLY OXT  O  N N 135 
GLY H    H  N N 136 
GLY H2   H  N N 137 
GLY HA2  H  N N 138 
GLY HA3  H  N N 139 
GLY HXT  H  N N 140 
GOL C1   C  N N 141 
GOL O1   O  N N 142 
GOL C2   C  N N 143 
GOL O2   O  N N 144 
GOL C3   C  N N 145 
GOL O3   O  N N 146 
GOL H11  H  N N 147 
GOL H12  H  N N 148 
GOL HO1  H  N N 149 
GOL H2   H  N N 150 
GOL HO2  H  N N 151 
GOL H31  H  N N 152 
GOL H32  H  N N 153 
GOL HO3  H  N N 154 
HIS N    N  N N 155 
HIS CA   C  N S 156 
HIS C    C  N N 157 
HIS O    O  N N 158 
HIS CB   C  N N 159 
HIS CG   C  Y N 160 
HIS ND1  N  Y N 161 
HIS CD2  C  Y N 162 
HIS CE1  C  Y N 163 
HIS NE2  N  Y N 164 
HIS OXT  O  N N 165 
HIS H    H  N N 166 
HIS H2   H  N N 167 
HIS HA   H  N N 168 
HIS HB2  H  N N 169 
HIS HB3  H  N N 170 
HIS HD1  H  N N 171 
HIS HD2  H  N N 172 
HIS HE1  H  N N 173 
HIS HE2  H  N N 174 
HIS HXT  H  N N 175 
HOH O    O  N N 176 
HOH H1   H  N N 177 
HOH H2   H  N N 178 
ILE N    N  N N 179 
ILE CA   C  N S 180 
ILE C    C  N N 181 
ILE O    O  N N 182 
ILE CB   C  N S 183 
ILE CG1  C  N N 184 
ILE CG2  C  N N 185 
ILE CD1  C  N N 186 
ILE OXT  O  N N 187 
ILE H    H  N N 188 
ILE H2   H  N N 189 
ILE HA   H  N N 190 
ILE HB   H  N N 191 
ILE HG12 H  N N 192 
ILE HG13 H  N N 193 
ILE HG21 H  N N 194 
ILE HG22 H  N N 195 
ILE HG23 H  N N 196 
ILE HD11 H  N N 197 
ILE HD12 H  N N 198 
ILE HD13 H  N N 199 
ILE HXT  H  N N 200 
LEU N    N  N N 201 
LEU CA   C  N S 202 
LEU C    C  N N 203 
LEU O    O  N N 204 
LEU CB   C  N N 205 
LEU CG   C  N N 206 
LEU CD1  C  N N 207 
LEU CD2  C  N N 208 
LEU OXT  O  N N 209 
LEU H    H  N N 210 
LEU H2   H  N N 211 
LEU HA   H  N N 212 
LEU HB2  H  N N 213 
LEU HB3  H  N N 214 
LEU HG   H  N N 215 
LEU HD11 H  N N 216 
LEU HD12 H  N N 217 
LEU HD13 H  N N 218 
LEU HD21 H  N N 219 
LEU HD22 H  N N 220 
LEU HD23 H  N N 221 
LEU HXT  H  N N 222 
LYS N    N  N N 223 
LYS CA   C  N S 224 
LYS C    C  N N 225 
LYS O    O  N N 226 
LYS CB   C  N N 227 
LYS CG   C  N N 228 
LYS CD   C  N N 229 
LYS CE   C  N N 230 
LYS NZ   N  N N 231 
LYS OXT  O  N N 232 
LYS H    H  N N 233 
LYS H2   H  N N 234 
LYS HA   H  N N 235 
LYS HB2  H  N N 236 
LYS HB3  H  N N 237 
LYS HG2  H  N N 238 
LYS HG3  H  N N 239 
LYS HD2  H  N N 240 
LYS HD3  H  N N 241 
LYS HE2  H  N N 242 
LYS HE3  H  N N 243 
LYS HZ1  H  N N 244 
LYS HZ2  H  N N 245 
LYS HZ3  H  N N 246 
LYS HXT  H  N N 247 
MSE N    N  N N 248 
MSE CA   C  N S 249 
MSE C    C  N N 250 
MSE O    O  N N 251 
MSE OXT  O  N N 252 
MSE CB   C  N N 253 
MSE CG   C  N N 254 
MSE SE   SE N N 255 
MSE CE   C  N N 256 
MSE H    H  N N 257 
MSE H2   H  N N 258 
MSE HA   H  N N 259 
MSE HXT  H  N N 260 
MSE HB2  H  N N 261 
MSE HB3  H  N N 262 
MSE HG2  H  N N 263 
MSE HG3  H  N N 264 
MSE HE1  H  N N 265 
MSE HE2  H  N N 266 
MSE HE3  H  N N 267 
PHE N    N  N N 268 
PHE CA   C  N S 269 
PHE C    C  N N 270 
PHE O    O  N N 271 
PHE CB   C  N N 272 
PHE CG   C  Y N 273 
PHE CD1  C  Y N 274 
PHE CD2  C  Y N 275 
PHE CE1  C  Y N 276 
PHE CE2  C  Y N 277 
PHE CZ   C  Y N 278 
PHE OXT  O  N N 279 
PHE H    H  N N 280 
PHE H2   H  N N 281 
PHE HA   H  N N 282 
PHE HB2  H  N N 283 
PHE HB3  H  N N 284 
PHE HD1  H  N N 285 
PHE HD2  H  N N 286 
PHE HE1  H  N N 287 
PHE HE2  H  N N 288 
PHE HZ   H  N N 289 
PHE HXT  H  N N 290 
PO4 P    P  N N 291 
PO4 O1   O  N N 292 
PO4 O2   O  N N 293 
PO4 O3   O  N N 294 
PO4 O4   O  N N 295 
PRO N    N  N N 296 
PRO CA   C  N S 297 
PRO C    C  N N 298 
PRO O    O  N N 299 
PRO CB   C  N N 300 
PRO CG   C  N N 301 
PRO CD   C  N N 302 
PRO OXT  O  N N 303 
PRO H    H  N N 304 
PRO HA   H  N N 305 
PRO HB2  H  N N 306 
PRO HB3  H  N N 307 
PRO HG2  H  N N 308 
PRO HG3  H  N N 309 
PRO HD2  H  N N 310 
PRO HD3  H  N N 311 
PRO HXT  H  N N 312 
SER N    N  N N 313 
SER CA   C  N S 314 
SER C    C  N N 315 
SER O    O  N N 316 
SER CB   C  N N 317 
SER OG   O  N N 318 
SER OXT  O  N N 319 
SER H    H  N N 320 
SER H2   H  N N 321 
SER HA   H  N N 322 
SER HB2  H  N N 323 
SER HB3  H  N N 324 
SER HG   H  N N 325 
SER HXT  H  N N 326 
THR N    N  N N 327 
THR CA   C  N S 328 
THR C    C  N N 329 
THR O    O  N N 330 
THR CB   C  N R 331 
THR OG1  O  N N 332 
THR CG2  C  N N 333 
THR OXT  O  N N 334 
THR H    H  N N 335 
THR H2   H  N N 336 
THR HA   H  N N 337 
THR HB   H  N N 338 
THR HG1  H  N N 339 
THR HG21 H  N N 340 
THR HG22 H  N N 341 
THR HG23 H  N N 342 
THR HXT  H  N N 343 
TRP N    N  N N 344 
TRP CA   C  N S 345 
TRP C    C  N N 346 
TRP O    O  N N 347 
TRP CB   C  N N 348 
TRP CG   C  Y N 349 
TRP CD1  C  Y N 350 
TRP CD2  C  Y N 351 
TRP NE1  N  Y N 352 
TRP CE2  C  Y N 353 
TRP CE3  C  Y N 354 
TRP CZ2  C  Y N 355 
TRP CZ3  C  Y N 356 
TRP CH2  C  Y N 357 
TRP OXT  O  N N 358 
TRP H    H  N N 359 
TRP H2   H  N N 360 
TRP HA   H  N N 361 
TRP HB2  H  N N 362 
TRP HB3  H  N N 363 
TRP HD1  H  N N 364 
TRP HE1  H  N N 365 
TRP HE3  H  N N 366 
TRP HZ2  H  N N 367 
TRP HZ3  H  N N 368 
TRP HH2  H  N N 369 
TRP HXT  H  N N 370 
TYR N    N  N N 371 
TYR CA   C  N S 372 
TYR C    C  N N 373 
TYR O    O  N N 374 
TYR CB   C  N N 375 
TYR CG   C  Y N 376 
TYR CD1  C  Y N 377 
TYR CD2  C  Y N 378 
TYR CE1  C  Y N 379 
TYR CE2  C  Y N 380 
TYR CZ   C  Y N 381 
TYR OH   O  N N 382 
TYR OXT  O  N N 383 
TYR H    H  N N 384 
TYR H2   H  N N 385 
TYR HA   H  N N 386 
TYR HB2  H  N N 387 
TYR HB3  H  N N 388 
TYR HD1  H  N N 389 
TYR HD2  H  N N 390 
TYR HE1  H  N N 391 
TYR HE2  H  N N 392 
TYR HH   H  N N 393 
TYR HXT  H  N N 394 
VAL N    N  N N 395 
VAL CA   C  N S 396 
VAL C    C  N N 397 
VAL O    O  N N 398 
VAL CB   C  N N 399 
VAL CG1  C  N N 400 
VAL CG2  C  N N 401 
VAL OXT  O  N N 402 
VAL H    H  N N 403 
VAL H2   H  N N 404 
VAL HA   H  N N 405 
VAL HB   H  N N 406 
VAL HG11 H  N N 407 
VAL HG12 H  N N 408 
VAL HG13 H  N N 409 
VAL HG21 H  N N 410 
VAL HG22 H  N N 411 
VAL HG23 H  N N 412 
VAL HXT  H  N N 413 
# 
loop_
_chem_comp_bond.comp_id 
_chem_comp_bond.atom_id_1 
_chem_comp_bond.atom_id_2 
_chem_comp_bond.value_order 
_chem_comp_bond.pdbx_aromatic_flag 
_chem_comp_bond.pdbx_stereo_config 
_chem_comp_bond.pdbx_ordinal 
ALA N   CA   sing N N 1   
ALA N   H    sing N N 2   
ALA N   H2   sing N N 3   
ALA CA  C    sing N N 4   
ALA CA  CB   sing N N 5   
ALA CA  HA   sing N N 6   
ALA C   O    doub N N 7   
ALA C   OXT  sing N N 8   
ALA CB  HB1  sing N N 9   
ALA CB  HB2  sing N N 10  
ALA CB  HB3  sing N N 11  
ALA OXT HXT  sing N N 12  
ARG N   CA   sing N N 13  
ARG N   H    sing N N 14  
ARG N   H2   sing N N 15  
ARG CA  C    sing N N 16  
ARG CA  CB   sing N N 17  
ARG CA  HA   sing N N 18  
ARG C   O    doub N N 19  
ARG C   OXT  sing N N 20  
ARG CB  CG   sing N N 21  
ARG CB  HB2  sing N N 22  
ARG CB  HB3  sing N N 23  
ARG CG  CD   sing N N 24  
ARG CG  HG2  sing N N 25  
ARG CG  HG3  sing N N 26  
ARG CD  NE   sing N N 27  
ARG CD  HD2  sing N N 28  
ARG CD  HD3  sing N N 29  
ARG NE  CZ   sing N N 30  
ARG NE  HE   sing N N 31  
ARG CZ  NH1  sing N N 32  
ARG CZ  NH2  doub N N 33  
ARG NH1 HH11 sing N N 34  
ARG NH1 HH12 sing N N 35  
ARG NH2 HH21 sing N N 36  
ARG NH2 HH22 sing N N 37  
ARG OXT HXT  sing N N 38  
ASN N   CA   sing N N 39  
ASN N   H    sing N N 40  
ASN N   H2   sing N N 41  
ASN CA  C    sing N N 42  
ASN CA  CB   sing N N 43  
ASN CA  HA   sing N N 44  
ASN C   O    doub N N 45  
ASN C   OXT  sing N N 46  
ASN CB  CG   sing N N 47  
ASN CB  HB2  sing N N 48  
ASN CB  HB3  sing N N 49  
ASN CG  OD1  doub N N 50  
ASN CG  ND2  sing N N 51  
ASN ND2 HD21 sing N N 52  
ASN ND2 HD22 sing N N 53  
ASN OXT HXT  sing N N 54  
ASP N   CA   sing N N 55  
ASP N   H    sing N N 56  
ASP N   H2   sing N N 57  
ASP CA  C    sing N N 58  
ASP CA  CB   sing N N 59  
ASP CA  HA   sing N N 60  
ASP C   O    doub N N 61  
ASP C   OXT  sing N N 62  
ASP CB  CG   sing N N 63  
ASP CB  HB2  sing N N 64  
ASP CB  HB3  sing N N 65  
ASP CG  OD1  doub N N 66  
ASP CG  OD2  sing N N 67  
ASP OD2 HD2  sing N N 68  
ASP OXT HXT  sing N N 69  
FLC CAC CA   sing N N 70  
FLC CAC OA1  doub N N 71  
FLC CAC OA2  sing N N 72  
FLC CA  CB   sing N N 73  
FLC CA  HA1  sing N N 74  
FLC CA  HA2  sing N N 75  
FLC CB  CBC  sing N N 76  
FLC CB  CG   sing N N 77  
FLC CB  OHB  sing N N 78  
FLC CBC OB1  doub N N 79  
FLC CBC OB2  sing N N 80  
FLC CG  CGC  sing N N 81  
FLC CG  HG1  sing N N 82  
FLC CG  HG2  sing N N 83  
FLC CGC OG1  doub N N 84  
FLC CGC OG2  sing N N 85  
FLC OHB HOB  sing N N 86  
GLN N   CA   sing N N 87  
GLN N   H    sing N N 88  
GLN N   H2   sing N N 89  
GLN CA  C    sing N N 90  
GLN CA  CB   sing N N 91  
GLN CA  HA   sing N N 92  
GLN C   O    doub N N 93  
GLN C   OXT  sing N N 94  
GLN CB  CG   sing N N 95  
GLN CB  HB2  sing N N 96  
GLN CB  HB3  sing N N 97  
GLN CG  CD   sing N N 98  
GLN CG  HG2  sing N N 99  
GLN CG  HG3  sing N N 100 
GLN CD  OE1  doub N N 101 
GLN CD  NE2  sing N N 102 
GLN NE2 HE21 sing N N 103 
GLN NE2 HE22 sing N N 104 
GLN OXT HXT  sing N N 105 
GLU N   CA   sing N N 106 
GLU N   H    sing N N 107 
GLU N   H2   sing N N 108 
GLU CA  C    sing N N 109 
GLU CA  CB   sing N N 110 
GLU CA  HA   sing N N 111 
GLU C   O    doub N N 112 
GLU C   OXT  sing N N 113 
GLU CB  CG   sing N N 114 
GLU CB  HB2  sing N N 115 
GLU CB  HB3  sing N N 116 
GLU CG  CD   sing N N 117 
GLU CG  HG2  sing N N 118 
GLU CG  HG3  sing N N 119 
GLU CD  OE1  doub N N 120 
GLU CD  OE2  sing N N 121 
GLU OE2 HE2  sing N N 122 
GLU OXT HXT  sing N N 123 
GLY N   CA   sing N N 124 
GLY N   H    sing N N 125 
GLY N   H2   sing N N 126 
GLY CA  C    sing N N 127 
GLY CA  HA2  sing N N 128 
GLY CA  HA3  sing N N 129 
GLY C   O    doub N N 130 
GLY C   OXT  sing N N 131 
GLY OXT HXT  sing N N 132 
GOL C1  O1   sing N N 133 
GOL C1  C2   sing N N 134 
GOL C1  H11  sing N N 135 
GOL C1  H12  sing N N 136 
GOL O1  HO1  sing N N 137 
GOL C2  O2   sing N N 138 
GOL C2  C3   sing N N 139 
GOL C2  H2   sing N N 140 
GOL O2  HO2  sing N N 141 
GOL C3  O3   sing N N 142 
GOL C3  H31  sing N N 143 
GOL C3  H32  sing N N 144 
GOL O3  HO3  sing N N 145 
HIS N   CA   sing N N 146 
HIS N   H    sing N N 147 
HIS N   H2   sing N N 148 
HIS CA  C    sing N N 149 
HIS CA  CB   sing N N 150 
HIS CA  HA   sing N N 151 
HIS C   O    doub N N 152 
HIS C   OXT  sing N N 153 
HIS CB  CG   sing N N 154 
HIS CB  HB2  sing N N 155 
HIS CB  HB3  sing N N 156 
HIS CG  ND1  sing Y N 157 
HIS CG  CD2  doub Y N 158 
HIS ND1 CE1  doub Y N 159 
HIS ND1 HD1  sing N N 160 
HIS CD2 NE2  sing Y N 161 
HIS CD2 HD2  sing N N 162 
HIS CE1 NE2  sing Y N 163 
HIS CE1 HE1  sing N N 164 
HIS NE2 HE2  sing N N 165 
HIS OXT HXT  sing N N 166 
HOH O   H1   sing N N 167 
HOH O   H2   sing N N 168 
ILE N   CA   sing N N 169 
ILE N   H    sing N N 170 
ILE N   H2   sing N N 171 
ILE CA  C    sing N N 172 
ILE CA  CB   sing N N 173 
ILE CA  HA   sing N N 174 
ILE C   O    doub N N 175 
ILE C   OXT  sing N N 176 
ILE CB  CG1  sing N N 177 
ILE CB  CG2  sing N N 178 
ILE CB  HB   sing N N 179 
ILE CG1 CD1  sing N N 180 
ILE CG1 HG12 sing N N 181 
ILE CG1 HG13 sing N N 182 
ILE CG2 HG21 sing N N 183 
ILE CG2 HG22 sing N N 184 
ILE CG2 HG23 sing N N 185 
ILE CD1 HD11 sing N N 186 
ILE CD1 HD12 sing N N 187 
ILE CD1 HD13 sing N N 188 
ILE OXT HXT  sing N N 189 
LEU N   CA   sing N N 190 
LEU N   H    sing N N 191 
LEU N   H2   sing N N 192 
LEU CA  C    sing N N 193 
LEU CA  CB   sing N N 194 
LEU CA  HA   sing N N 195 
LEU C   O    doub N N 196 
LEU C   OXT  sing N N 197 
LEU CB  CG   sing N N 198 
LEU CB  HB2  sing N N 199 
LEU CB  HB3  sing N N 200 
LEU CG  CD1  sing N N 201 
LEU CG  CD2  sing N N 202 
LEU CG  HG   sing N N 203 
LEU CD1 HD11 sing N N 204 
LEU CD1 HD12 sing N N 205 
LEU CD1 HD13 sing N N 206 
LEU CD2 HD21 sing N N 207 
LEU CD2 HD22 sing N N 208 
LEU CD2 HD23 sing N N 209 
LEU OXT HXT  sing N N 210 
LYS N   CA   sing N N 211 
LYS N   H    sing N N 212 
LYS N   H2   sing N N 213 
LYS CA  C    sing N N 214 
LYS CA  CB   sing N N 215 
LYS CA  HA   sing N N 216 
LYS C   O    doub N N 217 
LYS C   OXT  sing N N 218 
LYS CB  CG   sing N N 219 
LYS CB  HB2  sing N N 220 
LYS CB  HB3  sing N N 221 
LYS CG  CD   sing N N 222 
LYS CG  HG2  sing N N 223 
LYS CG  HG3  sing N N 224 
LYS CD  CE   sing N N 225 
LYS CD  HD2  sing N N 226 
LYS CD  HD3  sing N N 227 
LYS CE  NZ   sing N N 228 
LYS CE  HE2  sing N N 229 
LYS CE  HE3  sing N N 230 
LYS NZ  HZ1  sing N N 231 
LYS NZ  HZ2  sing N N 232 
LYS NZ  HZ3  sing N N 233 
LYS OXT HXT  sing N N 234 
MSE N   CA   sing N N 235 
MSE N   H    sing N N 236 
MSE N   H2   sing N N 237 
MSE CA  C    sing N N 238 
MSE CA  CB   sing N N 239 
MSE CA  HA   sing N N 240 
MSE C   O    doub N N 241 
MSE C   OXT  sing N N 242 
MSE OXT HXT  sing N N 243 
MSE CB  CG   sing N N 244 
MSE CB  HB2  sing N N 245 
MSE CB  HB3  sing N N 246 
MSE CG  SE   sing N N 247 
MSE CG  HG2  sing N N 248 
MSE CG  HG3  sing N N 249 
MSE SE  CE   sing N N 250 
MSE CE  HE1  sing N N 251 
MSE CE  HE2  sing N N 252 
MSE CE  HE3  sing N N 253 
PHE N   CA   sing N N 254 
PHE N   H    sing N N 255 
PHE N   H2   sing N N 256 
PHE CA  C    sing N N 257 
PHE CA  CB   sing N N 258 
PHE CA  HA   sing N N 259 
PHE C   O    doub N N 260 
PHE C   OXT  sing N N 261 
PHE CB  CG   sing N N 262 
PHE CB  HB2  sing N N 263 
PHE CB  HB3  sing N N 264 
PHE CG  CD1  doub Y N 265 
PHE CG  CD2  sing Y N 266 
PHE CD1 CE1  sing Y N 267 
PHE CD1 HD1  sing N N 268 
PHE CD2 CE2  doub Y N 269 
PHE CD2 HD2  sing N N 270 
PHE CE1 CZ   doub Y N 271 
PHE CE1 HE1  sing N N 272 
PHE CE2 CZ   sing Y N 273 
PHE CE2 HE2  sing N N 274 
PHE CZ  HZ   sing N N 275 
PHE OXT HXT  sing N N 276 
PO4 P   O1   doub N N 277 
PO4 P   O2   sing N N 278 
PO4 P   O3   sing N N 279 
PO4 P   O4   sing N N 280 
PRO N   CA   sing N N 281 
PRO N   CD   sing N N 282 
PRO N   H    sing N N 283 
PRO CA  C    sing N N 284 
PRO CA  CB   sing N N 285 
PRO CA  HA   sing N N 286 
PRO C   O    doub N N 287 
PRO C   OXT  sing N N 288 
PRO CB  CG   sing N N 289 
PRO CB  HB2  sing N N 290 
PRO CB  HB3  sing N N 291 
PRO CG  CD   sing N N 292 
PRO CG  HG2  sing N N 293 
PRO CG  HG3  sing N N 294 
PRO CD  HD2  sing N N 295 
PRO CD  HD3  sing N N 296 
PRO OXT HXT  sing N N 297 
SER N   CA   sing N N 298 
SER N   H    sing N N 299 
SER N   H2   sing N N 300 
SER CA  C    sing N N 301 
SER CA  CB   sing N N 302 
SER CA  HA   sing N N 303 
SER C   O    doub N N 304 
SER C   OXT  sing N N 305 
SER CB  OG   sing N N 306 
SER CB  HB2  sing N N 307 
SER CB  HB3  sing N N 308 
SER OG  HG   sing N N 309 
SER OXT HXT  sing N N 310 
THR N   CA   sing N N 311 
THR N   H    sing N N 312 
THR N   H2   sing N N 313 
THR CA  C    sing N N 314 
THR CA  CB   sing N N 315 
THR CA  HA   sing N N 316 
THR C   O    doub N N 317 
THR C   OXT  sing N N 318 
THR CB  OG1  sing N N 319 
THR CB  CG2  sing N N 320 
THR CB  HB   sing N N 321 
THR OG1 HG1  sing N N 322 
THR CG2 HG21 sing N N 323 
THR CG2 HG22 sing N N 324 
THR CG2 HG23 sing N N 325 
THR OXT HXT  sing N N 326 
TRP N   CA   sing N N 327 
TRP N   H    sing N N 328 
TRP N   H2   sing N N 329 
TRP CA  C    sing N N 330 
TRP CA  CB   sing N N 331 
TRP CA  HA   sing N N 332 
TRP C   O    doub N N 333 
TRP C   OXT  sing N N 334 
TRP CB  CG   sing N N 335 
TRP CB  HB2  sing N N 336 
TRP CB  HB3  sing N N 337 
TRP CG  CD1  doub Y N 338 
TRP CG  CD2  sing Y N 339 
TRP CD1 NE1  sing Y N 340 
TRP CD1 HD1  sing N N 341 
TRP CD2 CE2  doub Y N 342 
TRP CD2 CE3  sing Y N 343 
TRP NE1 CE2  sing Y N 344 
TRP NE1 HE1  sing N N 345 
TRP CE2 CZ2  sing Y N 346 
TRP CE3 CZ3  doub Y N 347 
TRP CE3 HE3  sing N N 348 
TRP CZ2 CH2  doub Y N 349 
TRP CZ2 HZ2  sing N N 350 
TRP CZ3 CH2  sing Y N 351 
TRP CZ3 HZ3  sing N N 352 
TRP CH2 HH2  sing N N 353 
TRP OXT HXT  sing N N 354 
TYR N   CA   sing N N 355 
TYR N   H    sing N N 356 
TYR N   H2   sing N N 357 
TYR CA  C    sing N N 358 
TYR CA  CB   sing N N 359 
TYR CA  HA   sing N N 360 
TYR C   O    doub N N 361 
TYR C   OXT  sing N N 362 
TYR CB  CG   sing N N 363 
TYR CB  HB2  sing N N 364 
TYR CB  HB3  sing N N 365 
TYR CG  CD1  doub Y N 366 
TYR CG  CD2  sing Y N 367 
TYR CD1 CE1  sing Y N 368 
TYR CD1 HD1  sing N N 369 
TYR CD2 CE2  doub Y N 370 
TYR CD2 HD2  sing N N 371 
TYR CE1 CZ   doub Y N 372 
TYR CE1 HE1  sing N N 373 
TYR CE2 CZ   sing Y N 374 
TYR CE2 HE2  sing N N 375 
TYR CZ  OH   sing N N 376 
TYR OH  HH   sing N N 377 
TYR OXT HXT  sing N N 378 
VAL N   CA   sing N N 379 
VAL N   H    sing N N 380 
VAL N   H2   sing N N 381 
VAL CA  C    sing N N 382 
VAL CA  CB   sing N N 383 
VAL CA  HA   sing N N 384 
VAL C   O    doub N N 385 
VAL C   OXT  sing N N 386 
VAL CB  CG1  sing N N 387 
VAL CB  CG2  sing N N 388 
VAL CB  HB   sing N N 389 
VAL CG1 HG11 sing N N 390 
VAL CG1 HG12 sing N N 391 
VAL CG1 HG13 sing N N 392 
VAL CG2 HG21 sing N N 393 
VAL CG2 HG22 sing N N 394 
VAL CG2 HG23 sing N N 395 
VAL OXT HXT  sing N N 396 
# 
_pdbx_audit_support.funding_organization   'Department of Energy (DOE, United States)' 
_pdbx_audit_support.country                'United States' 
_pdbx_audit_support.grant_number           DE-SC0000997 
_pdbx_audit_support.ordinal                1 
# 
_atom_sites.entry_id                    5JNP 
_atom_sites.fract_transf_matrix[1][1]   0.00092937 
_atom_sites.fract_transf_matrix[1][2]   -0.00171142 
_atom_sites.fract_transf_matrix[1][3]   -0.00633857 
_atom_sites.fract_transf_matrix[2][1]   -0.00585133 
_atom_sites.fract_transf_matrix[2][2]   0.00268779 
_atom_sites.fract_transf_matrix[2][3]   -0.00158363 
_atom_sites.fract_transf_matrix[3][1]   0.00297798 
_atom_sites.fract_transf_matrix[3][2]   0.00581524 
_atom_sites.fract_transf_matrix[3][3]   -0.00113348 
_atom_sites.fract_transf_vector[1]      0.267288 
_atom_sites.fract_transf_vector[2]      0.375013 
_atom_sites.fract_transf_vector[3]      0.482746 
# 
loop_
_atom_type.symbol 
C  
N  
O  
P  
S  
SE 
# 
loop_
_atom_site.group_PDB 
_atom_site.id 
_atom_site.type_symbol 
_atom_site.label_atom_id 
_atom_site.label_alt_id 
_atom_site.label_comp_id 
_atom_site.label_asym_id 
_atom_site.label_entity_id 
_atom_site.label_seq_id 
_atom_site.pdbx_PDB_ins_code 
_atom_site.Cartn_x 
_atom_site.Cartn_y 
_atom_site.Cartn_z 
_atom_site.occupancy 
_atom_site.B_iso_or_equiv 
_atom_site.pdbx_formal_charge 
_atom_site.auth_seq_id 
_atom_site.auth_comp_id 
_atom_site.auth_asym_id 
_atom_site.auth_atom_id 
_atom_site.pdbx_PDB_model_num 
ATOM   1    N  N   . ALA A 1 4  ? -0.292  8.477   9.003   1.00 116.02 ? 399 ALA A N   1 
ATOM   2    C  CA  . ALA A 1 4  ? -1.607  7.987   9.417   1.00 113.30 ? 399 ALA A CA  1 
ATOM   3    C  C   . ALA A 1 4  ? -2.631  8.048   8.281   1.00 126.01 ? 399 ALA A C   1 
ATOM   4    O  O   . ALA A 1 4  ? -3.845  7.986   8.512   1.00 112.21 ? 399 ALA A O   1 
ATOM   5    C  CB  . ALA A 1 4  ? -2.108  8.775   10.607  1.00 101.96 ? 399 ALA A CB  1 
HETATM 6    N  N   . MSE A 1 5  ? -2.125  8.155   7.054   1.00 136.65 ? 400 MSE A N   1 
HETATM 7    C  CA  . MSE A 1 5  ? -2.959  8.289   5.851   1.00 126.07 ? 400 MSE A CA  1 
HETATM 8    C  C   . MSE A 1 5  ? -3.770  7.042   5.460   1.00 124.79 ? 400 MSE A C   1 
HETATM 9    O  O   . MSE A 1 5  ? -4.550  7.096   4.500   1.00 116.57 ? 400 MSE A O   1 
HETATM 10   C  CB  . MSE A 1 5  ? -2.072  8.618   4.645   1.00 134.80 ? 400 MSE A CB  1 
HETATM 11   C  CG  . MSE A 1 5  ? -1.090  7.500   4.263   1.00 131.77 ? 400 MSE A CG  1 
HETATM 12   SE SE  . MSE A 1 5  ? -0.040  7.922   2.647   1.00 170.30 ? 400 MSE A SE  1 
HETATM 13   C  CE  . MSE A 1 5  ? 0.872   9.565   3.258   1.00 129.77 ? 400 MSE A CE  1 
ATOM   14   N  N   . LEU A 1 6  ? -3.582  5.935   6.198   1.00 125.38 ? 401 LEU A N   1 
ATOM   15   C  CA  . LEU A 1 6  ? -4.182  4.645   5.862   1.00 101.31 ? 401 LEU A CA  1 
ATOM   16   C  C   . LEU A 1 6  ? -5.687  4.889   5.862   1.00 105.26 ? 401 LEU A C   1 
ATOM   17   O  O   . LEU A 1 6  ? -6.285  5.240   6.885   1.00 111.57 ? 401 LEU A O   1 
ATOM   18   C  CB  . LEU A 1 6  ? -3.708  3.539   6.814   1.00 96.67  ? 401 LEU A CB  1 
ATOM   19   C  CG  . LEU A 1 6  ? -3.967  3.626   8.328   1.00 107.81 ? 401 LEU A CG  1 
ATOM   20   C  CD1 . LEU A 1 6  ? -5.400  3.212   8.747   1.00 104.03 ? 401 LEU A CD1 1 
ATOM   21   C  CD2 . LEU A 1 6  ? -2.916  2.797   9.097   1.00 99.77  ? 401 LEU A CD2 1 
ATOM   22   N  N   . THR A 1 7  ? -6.292  4.750   4.692   1.00 97.35  ? 402 THR A N   1 
ATOM   23   C  CA  . THR A 1 7  ? -7.729  4.795   4.514   1.00 76.13  ? 402 THR A CA  1 
ATOM   24   C  C   . THR A 1 7  ? -7.995  3.793   3.417   1.00 79.86  ? 402 THR A C   1 
ATOM   25   O  O   . THR A 1 7  ? -7.065  3.304   2.769   1.00 87.17  ? 402 THR A O   1 
ATOM   26   C  CB  . THR A 1 7  ? -8.290  6.168   4.141   1.00 83.62  ? 402 THR A CB  1 
ATOM   27   O  OG1 . THR A 1 7  ? -7.691  6.595   2.915   1.00 93.17  ? 402 THR A OG1 1 
ATOM   28   C  CG2 . THR A 1 7  ? -7.994  7.179   5.230   1.00 93.47  ? 402 THR A CG2 1 
ATOM   29   N  N   . PHE A 1 8  ? -9.266  3.486   3.189   1.00 71.28  ? 403 PHE A N   1 
ATOM   30   C  CA  . PHE A 1 8  ? -9.570  2.479   2.184   1.00 80.11  ? 403 PHE A CA  1 
ATOM   31   C  C   . PHE A 1 8  ? -9.057  2.905   0.816   1.00 78.18  ? 403 PHE A C   1 
ATOM   32   O  O   . PHE A 1 8  ? -8.500  2.090   0.072   1.00 82.05  ? 403 PHE A O   1 
ATOM   33   C  CB  . PHE A 1 8  ? -11.067 2.223   2.132   1.00 83.53  ? 403 PHE A CB  1 
ATOM   34   C  CG  . PHE A 1 8  ? -11.441 1.011   1.338   1.00 80.10  ? 403 PHE A CG  1 
ATOM   35   C  CD1 . PHE A 1 8  ? -11.363 -0.253  1.903   1.00 72.30  ? 403 PHE A CD1 1 
ATOM   36   C  CD2 . PHE A 1 8  ? -11.877 1.134   0.032   1.00 71.01  ? 403 PHE A CD2 1 
ATOM   37   C  CE1 . PHE A 1 8  ? -11.728 -1.389  1.174   1.00 81.28  ? 403 PHE A CE1 1 
ATOM   38   C  CE2 . PHE A 1 8  ? -12.248 0.016   -0.700  1.00 83.87  ? 403 PHE A CE2 1 
ATOM   39   C  CZ  . PHE A 1 8  ? -12.164 -1.255  -0.131  1.00 78.24  ? 403 PHE A CZ  1 
ATOM   40   N  N   . ASP A 1 9  ? -9.202  4.183   0.474   1.00 91.11  ? 404 ASP A N   1 
ATOM   41   C  CA  . ASP A 1 9  ? -8.676  4.641   -0.808  1.00 86.15  ? 404 ASP A CA  1 
ATOM   42   C  C   . ASP A 1 9  ? -7.148  4.676   -0.800  1.00 82.18  ? 404 ASP A C   1 
ATOM   43   O  O   . ASP A 1 9  ? -6.519  4.187   -1.745  1.00 71.75  ? 404 ASP A O   1 
ATOM   44   C  CB  . ASP A 1 9  ? -9.287  5.996   -1.155  1.00 85.69  ? 404 ASP A CB  1 
ATOM   45   C  CG  . ASP A 1 9  ? -10.785 5.899   -1.408  1.00 98.21  ? 404 ASP A CG  1 
ATOM   46   O  OD1 . ASP A 1 9  ? -11.235 4.857   -1.936  1.00 94.49  ? 404 ASP A OD1 1 
ATOM   47   O  OD2 . ASP A 1 9  ? -11.518 6.851   -1.075  1.00 112.58 ? 404 ASP A OD2 1 
ATOM   48   N  N   . ALA A 1 10 ? -6.535  5.208   0.272   1.00 65.48  ? 405 ALA A N   1 
ATOM   49   C  CA  . ALA A 1 10 ? -5.076  5.213   0.383   1.00 65.31  ? 405 ALA A CA  1 
ATOM   50   C  C   . ALA A 1 10 ? -4.483  3.813   0.303   1.00 81.49  ? 405 ALA A C   1 
ATOM   51   O  O   . ALA A 1 10 ? -3.416  3.618   -0.292  1.00 78.88  ? 405 ALA A O   1 
ATOM   52   C  CB  . ALA A 1 10 ? -4.653  5.871   1.687   1.00 79.24  ? 405 ALA A CB  1 
ATOM   53   N  N   . LEU A 1 11 ? -5.143  2.829   0.914   1.00 81.21  ? 406 LEU A N   1 
ATOM   54   C  CA  . LEU A 1 11 ? -4.605  1.473   0.927   1.00 79.07  ? 406 LEU A CA  1 
ATOM   55   C  C   . LEU A 1 11 ? -4.693  0.837   -0.447  1.00 79.36  ? 406 LEU A C   1 
ATOM   56   O  O   . LEU A 1 11 ? -3.747  0.187   -0.913  1.00 69.71  ? 406 LEU A O   1 
ATOM   57   C  CB  . LEU A 1 11 ? -5.364  0.605   1.936   1.00 63.28  ? 406 LEU A CB  1 
ATOM   58   C  CG  . LEU A 1 11 ? -4.711  0.384   3.290   1.00 73.98  ? 406 LEU A CG  1 
ATOM   59   C  CD1 . LEU A 1 11 ? -4.352  1.732   3.881   1.00 85.35  ? 406 LEU A CD1 1 
ATOM   60   C  CD2 . LEU A 1 11 ? -5.715  -0.325  4.194   1.00 82.98  ? 406 LEU A CD2 1 
ATOM   61   N  N   . ALA A 1 12 ? -5.854  0.960   -1.082  1.00 76.53  ? 407 ALA A N   1 
ATOM   62   C  CA  . ALA A 1 12 ? -6.040  0.344   -2.385  1.00 77.55  ? 407 ALA A CA  1 
ATOM   63   C  C   . ALA A 1 12 ? -5.117  0.974   -3.419  1.00 80.53  ? 407 ALA A C   1 
ATOM   64   O  O   . ALA A 1 12 ? -4.616  0.276   -4.309  1.00 69.73  ? 407 ALA A O   1 
ATOM   65   C  CB  . ALA A 1 12 ? -7.498  0.472   -2.812  1.00 71.04  ? 407 ALA A CB  1 
ATOM   66   N  N   . GLU A 1 13 ? -4.880  2.294   -3.319  1.00 69.08  ? 408 GLU A N   1 
ATOM   67   C  CA  . GLU A 1 13 ? -4.040  2.962   -4.311  1.00 66.61  ? 408 GLU A CA  1 
ATOM   68   C  C   . GLU A 1 13 ? -2.588  2.574   -4.115  1.00 73.74  ? 408 GLU A C   1 
ATOM   69   O  O   . GLU A 1 13 ? -1.908  2.180   -5.079  1.00 74.66  ? 408 GLU A O   1 
ATOM   70   C  CB  . GLU A 1 13 ? -4.203  4.490   -4.258  1.00 65.22  ? 408 GLU A CB  1 
ATOM   71   C  CG  . GLU A 1 13 ? -5.503  5.058   -4.894  1.00 85.55  ? 408 GLU A CG  1 
ATOM   72   C  CD  . GLU A 1 13 ? -5.741  4.630   -6.360  1.00 98.33  ? 408 GLU A CD  1 
ATOM   73   O  OE1 . GLU A 1 13 ? -4.770  4.273   -7.071  1.00 107.29 ? 408 GLU A OE1 1 
ATOM   74   O  OE2 . GLU A 1 13 ? -6.914  4.646   -6.801  1.00 96.76  ? 408 GLU A OE2 1 
ATOM   75   N  N   . THR A 1 14 ? -2.104  2.660   -2.865  1.00 79.92  ? 409 THR A N   1 
ATOM   76   C  CA  . THR A 1 14 ? -0.764  2.186   -2.543  1.00 72.26  ? 409 THR A CA  1 
ATOM   77   C  C   . THR A 1 14 ? -0.555  0.750   -2.998  1.00 72.74  ? 409 THR A C   1 
ATOM   78   O  O   . THR A 1 14 ? 0.512   0.405   -3.501  1.00 76.55  ? 409 THR A O   1 
ATOM   79   C  CB  . THR A 1 14 ? -0.517  2.311   -1.058  1.00 59.56  ? 409 THR A CB  1 
ATOM   80   O  OG1 . THR A 1 14 ? -0.636  3.689   -0.683  1.00 71.48  ? 409 THR A OG1 1 
ATOM   81   C  CG2 . THR A 1 14 ? 0.878   1.836   -0.746  1.00 67.30  ? 409 THR A CG2 1 
ATOM   82   N  N   . SER A 1 15 ? -1.575  -0.092  -2.873  1.00 63.92  ? 410 SER A N   1 
ATOM   83   C  CA  . SER A 1 15 ? -1.418  -1.486  -3.272  1.00 70.55  ? 410 SER A CA  1 
ATOM   84   C  C   . SER A 1 15 ? -1.380  -1.626  -4.781  1.00 74.35  ? 410 SER A C   1 
ATOM   85   O  O   . SER A 1 15 ? -0.571  -2.393  -5.317  1.00 81.27  ? 410 SER A O   1 
ATOM   86   C  CB  . SER A 1 15 ? -2.549  -2.349  -2.690  1.00 68.14  ? 410 SER A CB  1 
ATOM   87   O  OG  . SER A 1 15 ? -2.635  -3.610  -3.348  1.00 70.31  ? 410 SER A OG  1 
ATOM   88   N  N   . GLU A 1 16 ? -2.278  -0.933  -5.486  1.00 72.87  ? 411 GLU A N   1 
ATOM   89   C  CA  . GLU A 1 16 ? -2.239  -0.979  -6.940  1.00 77.03  ? 411 GLU A CA  1 
ATOM   90   C  C   . GLU A 1 16 ? -0.906  -0.455  -7.461  1.00 69.22  ? 411 GLU A C   1 
ATOM   91   O  O   . GLU A 1 16 ? -0.353  -1.010  -8.414  1.00 69.78  ? 411 GLU A O   1 
ATOM   92   C  CB  . GLU A 1 16 ? -3.403  -0.196  -7.539  1.00 76.00  ? 411 GLU A CB  1 
ATOM   93   C  CG  . GLU A 1 16 ? -3.847  -0.729  -8.903  1.00 87.97  ? 411 GLU A CG  1 
ATOM   94   C  CD  . GLU A 1 16 ? -4.708  0.265   -9.668  0.50 86.58  ? 411 GLU A CD  1 
ATOM   95   O  OE1 . GLU A 1 16 ? -4.919  1.402   -9.175  0.50 81.84  ? 411 GLU A OE1 1 
ATOM   96   O  OE2 . GLU A 1 16 ? -5.169  -0.092  -10.768 0.50 81.18  ? 411 GLU A OE2 1 
ATOM   97   N  N   . PHE A 1 17 ? -0.347  0.571   -6.824  1.00 53.44  ? 412 PHE A N   1 
ATOM   98   C  CA  . PHE A 1 17 ? 0.952   1.052   -7.276  1.00 68.46  ? 412 PHE A CA  1 
ATOM   99   C  C   . PHE A 1 17 ? 2.050   0.060   -6.928  1.00 78.51  ? 412 PHE A C   1 
ATOM   100  O  O   . PHE A 1 17 ? 2.866   -0.300  -7.792  1.00 71.78  ? 412 PHE A O   1 
ATOM   101  C  CB  . PHE A 1 17 ? 1.291   2.427   -6.697  1.00 62.46  ? 412 PHE A CB  1 
ATOM   102  C  CG  . PHE A 1 17 ? 2.666   2.899   -7.107  1.00 79.64  ? 412 PHE A CG  1 
ATOM   103  C  CD1 . PHE A 1 17 ? 2.978   3.093   -8.461  1.00 73.84  ? 412 PHE A CD1 1 
ATOM   104  C  CD2 . PHE A 1 17 ? 3.662   3.097   -6.159  1.00 75.38  ? 412 PHE A CD2 1 
ATOM   105  C  CE1 . PHE A 1 17 ? 4.266   3.502   -8.849  1.00 77.16  ? 412 PHE A CE1 1 
ATOM   106  C  CE2 . PHE A 1 17 ? 4.953   3.505   -6.534  1.00 79.21  ? 412 PHE A CE2 1 
ATOM   107  C  CZ  . PHE A 1 17 ? 5.261   3.702   -7.881  1.00 71.87  ? 412 PHE A CZ  1 
ATOM   108  N  N   . ALA A 1 18 ? 2.093   -0.402  -5.666  1.00 62.19  ? 413 ALA A N   1 
ATOM   109  C  CA  . ALA A 1 18 ? 3.147   -1.340  -5.297  1.00 64.30  ? 413 ALA A CA  1 
ATOM   110  C  C   . ALA A 1 18 ? 3.124   -2.568  -6.193  1.00 65.04  ? 413 ALA A C   1 
ATOM   111  O  O   . ALA A 1 18 ? 4.187   -3.115  -6.500  1.00 80.72  ? 413 ALA A O   1 
ATOM   112  C  CB  . ALA A 1 18 ? 3.044   -1.735  -3.826  1.00 57.32  ? 413 ALA A CB  1 
ATOM   113  N  N   . ARG A 1 19 ? 1.948   -2.970  -6.688  1.00 58.98  ? 414 ARG A N   1 
ATOM   114  C  CA  . ARG A 1 19 ? 1.889   -4.134  -7.574  1.00 70.47  ? 414 ARG A CA  1 
ATOM   115  C  C   . ARG A 1 19 ? 2.490   -3.877  -8.960  1.00 79.73  ? 414 ARG A C   1 
ATOM   116  O  O   . ARG A 1 19 ? 2.702   -4.838  -9.711  1.00 71.37  ? 414 ARG A O   1 
ATOM   117  C  CB  . ARG A 1 19 ? 0.438   -4.620  -7.713  1.00 82.37  ? 414 ARG A CB  1 
ATOM   118  C  CG  . ARG A 1 19 ? -0.161  -5.205  -6.411  1.00 84.59  ? 414 ARG A CG  1 
ATOM   119  C  CD  . ARG A 1 19 ? -1.367  -6.125  -6.669  1.00 92.18  ? 414 ARG A CD  1 
ATOM   120  N  NE  . ARG A 1 19 ? -0.958  -7.516  -6.887  1.00 108.16 ? 414 ARG A NE  1 
ATOM   121  C  CZ  . ARG A 1 19 ? -1.704  -8.449  -7.477  1.00 111.97 ? 414 ARG A CZ  1 
ATOM   122  N  NH1 . ARG A 1 19 ? -2.921  -8.152  -7.922  1.00 106.86 ? 414 ARG A NH1 1 
ATOM   123  N  NH2 . ARG A 1 19 ? -1.226  -9.681  -7.628  1.00 109.54 ? 414 ARG A NH2 1 
ATOM   124  N  N   . LYS A 1 20 ? 2.740   -2.616  -9.331  1.00 75.41  ? 415 LYS A N   1 
ATOM   125  C  CA  . LYS A 1 20 ? 3.483   -2.272  -10.539 1.00 85.04  ? 415 LYS A CA  1 
ATOM   126  C  C   . LYS A 1 20 ? 4.959   -2.037  -10.248 1.00 73.49  ? 415 LYS A C   1 
ATOM   127  O  O   . LYS A 1 20 ? 5.829   -2.545  -10.967 1.00 66.55  ? 415 LYS A O   1 
ATOM   128  C  CB  . LYS A 1 20 ? 2.899   -1.008  -11.195 1.00 77.35  ? 415 LYS A CB  1 
ATOM   129  C  CG  . LYS A 1 20 ? 1.404   -1.068  -11.575 1.00 67.55  ? 415 LYS A CG  1 
ATOM   130  C  CD  . LYS A 1 20 ? 1.016   0.247   -12.265 1.00 78.77  ? 415 LYS A CD  1 
ATOM   131  C  CE  . LYS A 1 20 ? -0.351  0.730   -11.871 1.00 75.32  ? 415 LYS A CE  1 
ATOM   132  N  NZ  . LYS A 1 20 ? -1.360  -0.206  -12.378 1.00 85.75  ? 415 LYS A NZ  1 
ATOM   133  N  N   . TRP A 1 21 ? 5.236   -1.281  -9.180  1.00 68.03  ? 416 TRP A N   1 
ATOM   134  C  CA  . TRP A 1 21 ? 6.595   -0.922  -8.812  1.00 71.39  ? 416 TRP A CA  1 
ATOM   135  C  C   . TRP A 1 21 ? 7.414   -2.145  -8.419  1.00 84.47  ? 416 TRP A C   1 
ATOM   136  O  O   . TRP A 1 21 ? 8.562   -2.295  -8.861  1.00 72.03  ? 416 TRP A O   1 
ATOM   137  C  CB  . TRP A 1 21 ? 6.559   0.066   -7.658  1.00 63.37  ? 416 TRP A CB  1 
ATOM   138  C  CG  . TRP A 1 21 ? 7.916   0.443   -7.156  1.00 68.29  ? 416 TRP A CG  1 
ATOM   139  C  CD1 . TRP A 1 21 ? 8.498   0.049   -5.989  1.00 76.88  ? 416 TRP A CD1 1 
ATOM   140  C  CD2 . TRP A 1 21 ? 8.868   1.280   -7.817  1.00 75.24  ? 416 TRP A CD2 1 
ATOM   141  N  NE1 . TRP A 1 21 ? 9.747   0.615   -5.870  1.00 76.47  ? 416 TRP A NE1 1 
ATOM   142  C  CE2 . TRP A 1 21 ? 9.999   1.369   -6.984  1.00 78.38  ? 416 TRP A CE2 1 
ATOM   143  C  CE3 . TRP A 1 21 ? 8.878   1.954   -9.045  1.00 75.60  ? 416 TRP A CE3 1 
ATOM   144  C  CZ2 . TRP A 1 21 ? 11.130  2.104   -7.337  1.00 83.57  ? 416 TRP A CZ2 1 
ATOM   145  C  CZ3 . TRP A 1 21 ? 9.989   2.699   -9.385  1.00 69.18  ? 416 TRP A CZ3 1 
ATOM   146  C  CH2 . TRP A 1 21 ? 11.103  2.767   -8.533  1.00 86.21  ? 416 TRP A CH2 1 
ATOM   147  N  N   . VAL A 1 22 ? 6.847   -3.015  -7.571  1.00 77.95  ? 417 VAL A N   1 
ATOM   148  C  CA  . VAL A 1 22 ? 7.613   -4.155  -7.051  1.00 77.72  ? 417 VAL A CA  1 
ATOM   149  C  C   . VAL A 1 22 ? 8.109   -5.069  -8.162  1.00 70.29  ? 417 VAL A C   1 
ATOM   150  O  O   . VAL A 1 22 ? 9.325   -5.308  -8.236  1.00 70.12  ? 417 VAL A O   1 
ATOM   151  C  CB  . VAL A 1 22 ? 6.794   -4.901  -5.976  1.00 81.31  ? 417 VAL A CB  1 
ATOM   152  C  CG1 . VAL A 1 22 ? 7.423   -6.259  -5.703  1.00 68.06  ? 417 VAL A CG1 1 
ATOM   153  C  CG2 . VAL A 1 22 ? 6.721   -4.049  -4.701  1.00 74.58  ? 417 VAL A CG2 1 
ATOM   154  N  N   . PRO A 1 23 ? 7.262   -5.581  -9.066  1.00 68.64  ? 418 PRO A N   1 
ATOM   155  C  CA  . PRO A 1 23 ? 7.810   -6.317  -10.222 1.00 70.43  ? 418 PRO A CA  1 
ATOM   156  C  C   . PRO A 1 23 ? 8.871   -5.503  -10.958 1.00 82.47  ? 418 PRO A C   1 
ATOM   157  O  O   . PRO A 1 23 ? 9.962   -6.020  -11.240 1.00 78.34  ? 418 PRO A O   1 
ATOM   158  C  CB  . PRO A 1 23 ? 6.578   -6.602  -11.098 1.00 64.32  ? 418 PRO A CB  1 
ATOM   159  C  CG  . PRO A 1 23 ? 5.406   -6.329  -10.264 1.00 79.40  ? 418 PRO A CG  1 
ATOM   160  C  CD  . PRO A 1 23 ? 5.802   -5.428  -9.138  1.00 69.63  ? 418 PRO A CD  1 
ATOM   161  N  N   . PHE A 1 24 ? 8.584   -4.225  -11.244 1.00 80.03  ? 419 PHE A N   1 
ATOM   162  C  CA  . PHE A 1 24 ? 9.523   -3.385  -11.984 1.00 77.06  ? 419 PHE A CA  1 
ATOM   163  C  C   . PHE A 1 24 ? 10.915  -3.389  -11.360 1.00 75.83  ? 419 PHE A C   1 
ATOM   164  O  O   . PHE A 1 24 ? 11.920  -3.618  -12.052 1.00 69.38  ? 419 PHE A O   1 
ATOM   165  C  CB  . PHE A 1 24 ? 8.970   -1.965  -12.071 1.00 74.32  ? 419 PHE A CB  1 
ATOM   166  C  CG  . PHE A 1 24 ? 9.917   -0.969  -12.681 1.00 75.99  ? 419 PHE A CG  1 
ATOM   167  C  CD1 . PHE A 1 24 ? 10.091  -0.908  -14.061 1.00 71.65  ? 419 PHE A CD1 1 
ATOM   168  C  CD2 . PHE A 1 24 ? 10.621  -0.082  -11.885 1.00 61.41  ? 419 PHE A CD2 1 
ATOM   169  C  CE1 . PHE A 1 24 ? 10.942  0.015   -14.613 1.00 64.56  ? 419 PHE A CE1 1 
ATOM   170  C  CE2 . PHE A 1 24 ? 11.488  0.830   -12.444 1.00 73.77  ? 419 PHE A CE2 1 
ATOM   171  C  CZ  . PHE A 1 24 ? 11.646  0.876   -13.808 1.00 61.88  ? 419 PHE A CZ  1 
ATOM   172  N  N   . VAL A 1 25 ? 10.980  -3.158  -10.045 1.00 65.55  ? 420 VAL A N   1 
ATOM   173  C  CA  . VAL A 1 25 ? 12.244  -3.156  -9.315  1.00 73.97  ? 420 VAL A CA  1 
ATOM   174  C  C   . VAL A 1 25 ? 12.968  -4.492  -9.480  1.00 84.01  ? 420 VAL A C   1 
ATOM   175  O  O   . VAL A 1 25 ? 14.146  -4.532  -9.847  1.00 75.58  ? 420 VAL A O   1 
ATOM   176  C  CB  . VAL A 1 25 ? 11.984  -2.816  -7.838  1.00 73.72  ? 420 VAL A CB  1 
ATOM   177  C  CG1 . VAL A 1 25 ? 13.218  -3.060  -6.963  1.00 65.88  ? 420 VAL A CG1 1 
ATOM   178  C  CG2 . VAL A 1 25 ? 11.514  -1.403  -7.745  1.00 75.60  ? 420 VAL A CG2 1 
ATOM   179  N  N   . LYS A 1 26 ? 12.262  -5.610  -9.272  1.00 74.76  ? 421 LYS A N   1 
ATOM   180  C  CA  . LYS A 1 26 ? 12.904  -6.916  -9.417  1.00 77.62  ? 421 LYS A CA  1 
ATOM   181  C  C   . LYS A 1 26 ? 13.419  -7.141  -10.838 1.00 78.87  ? 421 LYS A C   1 
ATOM   182  O  O   . LYS A 1 26 ? 14.548  -7.604  -11.032 1.00 88.03  ? 421 LYS A O   1 
ATOM   183  C  CB  . LYS A 1 26 ? 11.939  -8.037  -9.032  1.00 79.12  ? 421 LYS A CB  1 
ATOM   184  C  CG  . LYS A 1 26 ? 11.971  -8.448  -7.565  1.00 89.57  ? 421 LYS A CG  1 
ATOM   185  C  CD  . LYS A 1 26 ? 11.220  -9.775  -7.375  1.00 98.99  ? 421 LYS A CD  1 
ATOM   186  C  CE  . LYS A 1 26 ? 11.527  -10.444 -6.028  1.00 117.28 ? 421 LYS A CE  1 
ATOM   187  N  NZ  . LYS A 1 26 ? 10.818  -11.767 -5.874  1.00 117.18 ? 421 LYS A NZ  1 
ATOM   188  N  N   . LYS A 1 27 ? 12.610  -6.819  -11.844 1.00 75.36  ? 422 LYS A N   1 
ATOM   189  C  CA  . LYS A 1 27 ? 12.976  -7.150  -13.217 1.00 71.48  ? 422 LYS A CA  1 
ATOM   190  C  C   . LYS A 1 27 ? 14.251  -6.432  -13.641 1.00 79.56  ? 422 LYS A C   1 
ATOM   191  O  O   . LYS A 1 27 ? 15.105  -7.026  -14.299 1.00 77.57  ? 422 LYS A O   1 
ATOM   192  C  CB  . LYS A 1 27 ? 11.840  -6.813  -14.181 1.00 81.97  ? 422 LYS A CB  1 
ATOM   193  C  CG  . LYS A 1 27 ? 12.173  -7.214  -15.611 1.00 79.17  ? 422 LYS A CG  1 
ATOM   194  C  CD  . LYS A 1 27 ? 11.036  -6.914  -16.546 1.00 72.47  ? 422 LYS A CD  1 
ATOM   195  C  CE  . LYS A 1 27 ? 11.413  -7.262  -17.990 1.00 83.87  ? 422 LYS A CE  1 
ATOM   196  N  NZ  . LYS A 1 27 ? 10.295  -6.955  -18.952 1.00 93.29  ? 422 LYS A NZ  1 
ATOM   197  N  N   . TYR A 1 28 ? 14.398  -5.160  -13.283 1.00 82.69  ? 423 TYR A N   1 
ATOM   198  C  CA  . TYR A 1 28 ? 15.542  -4.372  -13.722 1.00 74.07  ? 423 TYR A CA  1 
ATOM   199  C  C   . TYR A 1 28 ? 16.522  -4.075  -12.598 1.00 81.54  ? 423 TYR A C   1 
ATOM   200  O  O   . TYR A 1 28 ? 17.432  -3.251  -12.777 1.00 87.26  ? 423 TYR A O   1 
ATOM   201  C  CB  . TYR A 1 28 ? 15.061  -3.076  -14.380 1.00 68.45  ? 423 TYR A CB  1 
ATOM   202  C  CG  . TYR A 1 28 ? 14.099  -3.332  -15.523 1.00 76.94  ? 423 TYR A CG  1 
ATOM   203  C  CD1 . TYR A 1 28 ? 14.531  -3.944  -16.710 1.00 69.74  ? 423 TYR A CD1 1 
ATOM   204  C  CD2 . TYR A 1 28 ? 12.751  -2.972  -15.421 1.00 74.67  ? 423 TYR A CD2 1 
ATOM   205  C  CE1 . TYR A 1 28 ? 13.648  -4.166  -17.771 1.00 67.01  ? 423 TYR A CE1 1 
ATOM   206  C  CE2 . TYR A 1 28 ? 11.858  -3.219  -16.475 1.00 70.71  ? 423 TYR A CE2 1 
ATOM   207  C  CZ  . TYR A 1 28 ? 12.314  -3.811  -17.634 1.00 70.22  ? 423 TYR A CZ  1 
ATOM   208  O  OH  . TYR A 1 28 ? 11.432  -4.026  -18.654 1.00 67.16  ? 423 TYR A OH  1 
ATOM   209  N  N   . ASN A 1 29 ? 16.363  -4.735  -11.455 1.00 81.00  ? 424 ASN A N   1 
ATOM   210  C  CA  . ASN A 1 29 ? 17.298  -4.622  -10.343 1.00 81.60  ? 424 ASN A CA  1 
ATOM   211  C  C   . ASN A 1 29 ? 17.569  -3.147  -10.030 1.00 80.35  ? 424 ASN A C   1 
ATOM   212  O  O   . ASN A 1 29 ? 18.706  -2.674  -9.989  1.00 88.42  ? 424 ASN A O   1 
ATOM   213  C  CB  . ASN A 1 29 ? 18.579  -5.427  -10.622 1.00 90.62  ? 424 ASN A CB  1 
ATOM   214  C  CG  . ASN A 1 29 ? 18.305  -6.960  -10.769 1.00 102.40 ? 424 ASN A CG  1 
ATOM   215  O  OD1 . ASN A 1 29 ? 17.979  -7.657  -9.788  1.00 110.06 ? 424 ASN A OD1 1 
ATOM   216  N  ND2 . ASN A 1 29 ? 18.427  -7.474  -12.002 1.00 100.18 ? 424 ASN A ND2 1 
ATOM   217  N  N   . ILE A 1 30 ? 16.470  -2.424  -9.796  1.00 73.04  ? 425 ILE A N   1 
ATOM   218  C  CA  . ILE A 1 30 ? 16.506  -0.986  -9.566  1.00 84.14  ? 425 ILE A CA  1 
ATOM   219  C  C   . ILE A 1 30 ? 17.133  -0.680  -8.211  1.00 81.95  ? 425 ILE A C   1 
ATOM   220  O  O   . ILE A 1 30 ? 16.840  -1.332  -7.205  1.00 84.95  ? 425 ILE A O   1 
ATOM   221  C  CB  . ILE A 1 30 ? 15.079  -0.414  -9.681  1.00 69.21  ? 425 ILE A CB  1 
ATOM   222  C  CG1 . ILE A 1 30 ? 14.567  -0.610  -11.100 1.00 67.41  ? 425 ILE A CG1 1 
ATOM   223  C  CG2 . ILE A 1 30 ? 15.039  1.070   -9.346  1.00 71.76  ? 425 ILE A CG2 1 
ATOM   224  C  CD1 . ILE A 1 30 ? 15.254  0.297   -12.095 1.00 63.09  ? 425 ILE A CD1 1 
ATOM   225  N  N   . GLU A 1 31 ? 17.994  0.329   -8.189  1.00 85.64  ? 426 GLU A N   1 
ATOM   226  C  CA  . GLU A 1 31 ? 18.717  0.767   -7.005  1.00 77.64  ? 426 GLU A CA  1 
ATOM   227  C  C   . GLU A 1 31 ? 18.626  2.306   -6.952  1.00 81.80  ? 426 GLU A C   1 
ATOM   228  O  O   . GLU A 1 31 ? 18.836  2.974   -7.961  1.00 80.93  ? 426 GLU A O   1 
ATOM   229  C  CB  . GLU A 1 31 ? 20.192  0.285   -7.060  1.00 93.13  ? 426 GLU A CB  1 
ATOM   230  C  CG  . GLU A 1 31 ? 21.019  0.894   -8.276  1.00 98.05  ? 426 GLU A CG  1 
ATOM   231  C  CD  . GLU A 1 31 ? 22.448  0.356   -8.445  0.50 92.22  ? 426 GLU A CD  1 
ATOM   232  O  OE1 . GLU A 1 31 ? 22.975  -0.221  -7.477  0.50 93.68  ? 426 GLU A OE1 1 
ATOM   233  O  OE2 . GLU A 1 31 ? 23.053  0.524   -9.528  0.50 89.34  ? 426 GLU A OE2 1 
ATOM   234  N  N   . PRO A 1 32 ? 18.219  2.879   -5.806  1.00 83.81  ? 427 PRO A N   1 
ATOM   235  C  CA  . PRO A 1 32 ? 17.594  2.160   -4.692  1.00 92.26  ? 427 PRO A CA  1 
ATOM   236  C  C   . PRO A 1 32 ? 16.157  1.771   -4.999  1.00 87.12  ? 427 PRO A C   1 
ATOM   237  O  O   . PRO A 1 32 ? 15.607  2.195   -6.018  1.00 86.90  ? 427 PRO A O   1 
ATOM   238  C  CB  . PRO A 1 32 ? 17.632  3.172   -3.550  1.00 94.36  ? 427 PRO A CB  1 
ATOM   239  C  CG  . PRO A 1 32 ? 17.517  4.488   -4.230  1.00 90.94  ? 427 PRO A CG  1 
ATOM   240  C  CD  . PRO A 1 32 ? 18.342  4.321   -5.520  1.00 82.99  ? 427 PRO A CD  1 
ATOM   241  N  N   . ARG A 1 33 ? 15.553  0.983   -4.114  1.00 82.18  ? 428 ARG A N   1 
ATOM   242  C  CA  . ARG A 1 33 ? 14.214  0.477   -4.358  1.00 77.18  ? 428 ARG A CA  1 
ATOM   243  C  C   . ARG A 1 33 ? 13.103  1.490   -4.027  1.00 81.55  ? 428 ARG A C   1 
ATOM   244  O  O   . ARG A 1 33 ? 11.973  1.316   -4.499  1.00 83.02  ? 428 ARG A O   1 
ATOM   245  C  CB  . ARG A 1 33 ? 14.039  -0.834  -3.580  1.00 87.96  ? 428 ARG A CB  1 
ATOM   246  C  CG  . ARG A 1 33 ? 15.161  -1.871  -3.837  1.00 82.40  ? 428 ARG A CG  1 
ATOM   247  C  CD  . ARG A 1 33 ? 15.088  -3.058  -2.856  1.00 86.78  ? 428 ARG A CD  1 
ATOM   248  N  NE  . ARG A 1 33 ? 15.218  -2.616  -1.467  1.00 94.59  ? 428 ARG A NE  1 
ATOM   249  C  CZ  . ARG A 1 33 ? 14.873  -3.347  -0.413  1.00 100.26 ? 428 ARG A CZ  1 
ATOM   250  N  NH1 . ARG A 1 33 ? 14.383  -4.570  -0.603  1.00 88.85  ? 428 ARG A NH1 1 
ATOM   251  N  NH2 . ARG A 1 33 ? 15.026  -2.847  0.815   1.00 100.98 ? 428 ARG A NH2 1 
ATOM   252  N  N   . ALA A 1 34 ? 13.384  2.562   -3.278  1.00 68.30  ? 429 ALA A N   1 
ATOM   253  C  CA  . ALA A 1 34 ? 12.324  3.513   -2.936  1.00 69.51  ? 429 ALA A CA  1 
ATOM   254  C  C   . ALA A 1 34 ? 12.049  4.434   -4.122  1.00 88.56  ? 429 ALA A C   1 
ATOM   255  O  O   . ALA A 1 34 ? 12.978  5.073   -4.630  1.00 85.33  ? 429 ALA A O   1 
ATOM   256  C  CB  . ALA A 1 34 ? 12.697  4.335   -1.700  1.00 74.15  ? 429 ALA A CB  1 
ATOM   257  N  N   . PRO A 1 35 ? 10.793  4.553   -4.574  1.00 85.97  ? 430 PRO A N   1 
ATOM   258  C  CA  . PRO A 1 35 ? 10.554  5.225   -5.867  1.00 74.34  ? 430 PRO A CA  1 
ATOM   259  C  C   . PRO A 1 35 ? 10.823  6.712   -5.824  1.00 87.46  ? 430 PRO A C   1 
ATOM   260  O  O   . PRO A 1 35 ? 11.275  7.284   -6.824  1.00 90.43  ? 430 PRO A O   1 
ATOM   261  C  CB  . PRO A 1 35 ? 9.075   4.919   -6.155  1.00 79.68  ? 430 PRO A CB  1 
ATOM   262  C  CG  . PRO A 1 35 ? 8.458   4.746   -4.817  1.00 83.42  ? 430 PRO A CG  1 
ATOM   263  C  CD  . PRO A 1 35 ? 9.538   4.171   -3.904  1.00 86.41  ? 430 PRO A CD  1 
ATOM   264  N  N   . GLU A 1 36 ? 10.567  7.363   -4.690  1.00 87.97  ? 431 GLU A N   1 
ATOM   265  C  CA  . GLU A 1 36 ? 10.877  8.783   -4.593  1.00 85.41  ? 431 GLU A CA  1 
ATOM   266  C  C   . GLU A 1 36 ? 12.373  9.024   -4.740  1.00 93.74  ? 431 GLU A C   1 
ATOM   267  O  O   . GLU A 1 36 ? 12.794  9.852   -5.552  1.00 96.86  ? 431 GLU A O   1 
ATOM   268  C  CB  . GLU A 1 36 ? 10.374  9.360   -3.273  1.00 88.03  ? 431 GLU A CB  1 
ATOM   269  C  CG  . GLU A 1 36 ? 10.567  10.852  -3.194  1.00 87.06  ? 431 GLU A CG  1 
ATOM   270  C  CD  . GLU A 1 36 ? 9.610   11.611  -4.111  1.00 100.22 ? 431 GLU A CD  1 
ATOM   271  O  OE1 . GLU A 1 36 ? 8.618   11.004  -4.592  1.00 100.17 ? 431 GLU A OE1 1 
ATOM   272  O  OE2 . GLU A 1 36 ? 9.846   12.818  -4.350  1.00 103.50 ? 431 GLU A OE2 1 
ATOM   273  N  N   . TRP A 1 37 ? 13.197  8.306   -3.959  1.00 89.46  ? 432 TRP A N   1 
ATOM   274  C  CA  . TRP A 1 37 ? 14.647  8.497   -4.030  1.00 87.51  ? 432 TRP A CA  1 
ATOM   275  C  C   . TRP A 1 37 ? 15.194  8.129   -5.410  1.00 94.03  ? 432 TRP A C   1 
ATOM   276  O  O   . TRP A 1 37 ? 16.078  8.822   -5.923  1.00 94.87  ? 432 TRP A O   1 
ATOM   277  C  CB  . TRP A 1 37 ? 15.367  7.689   -2.933  1.00 88.89  ? 432 TRP A CB  1 
ATOM   278  C  CG  . TRP A 1 37 ? 14.851  7.939   -1.520  0.50 84.27  ? 432 TRP A CG  1 
ATOM   279  C  CD1 . TRP A 1 37 ? 14.118  9.012   -1.094  0.50 78.35  ? 432 TRP A CD1 1 
ATOM   280  C  CD2 . TRP A 1 37 ? 15.018  7.089   -0.368  0.50 84.47  ? 432 TRP A CD2 1 
ATOM   281  N  NE1 . TRP A 1 37 ? 13.826  8.888   0.243   0.50 78.34  ? 432 TRP A NE1 1 
ATOM   282  C  CE2 . TRP A 1 37 ? 14.361  7.717   0.711   0.50 76.81  ? 432 TRP A CE2 1 
ATOM   283  C  CE3 . TRP A 1 37 ? 15.656  5.861   -0.148  0.50 84.24  ? 432 TRP A CE3 1 
ATOM   284  C  CZ2 . TRP A 1 37 ? 14.327  7.163   1.994   0.50 82.19  ? 432 TRP A CZ2 1 
ATOM   285  C  CZ3 . TRP A 1 37 ? 15.622  5.311   1.134   0.50 84.31  ? 432 TRP A CZ3 1 
ATOM   286  C  CH2 . TRP A 1 37 ? 14.963  5.964   2.185   0.50 85.41  ? 432 TRP A CH2 1 
ATOM   287  N  N   . TYR A 1 38 ? 14.651  7.082   -6.039  1.00 82.58  ? 433 TYR A N   1 
ATOM   288  C  CA  . TYR A 1 38 ? 15.151  6.621   -7.335  1.00 84.08  ? 433 TYR A CA  1 
ATOM   289  C  C   . TYR A 1 38 ? 14.953  7.666   -8.437  1.00 94.20  ? 433 TYR A C   1 
ATOM   290  O  O   . TYR A 1 38 ? 15.911  8.059   -9.117  1.00 96.24  ? 433 TYR A O   1 
ATOM   291  C  CB  . TYR A 1 38 ? 14.474  5.302   -7.733  1.00 81.96  ? 433 TYR A CB  1 
ATOM   292  C  CG  . TYR A 1 38 ? 14.747  4.896   -9.170  1.00 81.46  ? 433 TYR A CG  1 
ATOM   293  C  CD1 . TYR A 1 38 ? 15.994  4.398   -9.548  1.00 77.52  ? 433 TYR A CD1 1 
ATOM   294  C  CD2 . TYR A 1 38 ? 13.766  5.020   -10.147 1.00 73.24  ? 433 TYR A CD2 1 
ATOM   295  C  CE1 . TYR A 1 38 ? 16.264  4.026   -10.853 1.00 70.67  ? 433 TYR A CE1 1 
ATOM   296  C  CE2 . TYR A 1 38 ? 14.025  4.649   -11.460 1.00 79.75  ? 433 TYR A CE2 1 
ATOM   297  C  CZ  . TYR A 1 38 ? 15.284  4.163   -11.804 1.00 77.21  ? 433 TYR A CZ  1 
ATOM   298  O  OH  . TYR A 1 38 ? 15.562  3.803   -13.107 1.00 76.58  ? 433 TYR A OH  1 
ATOM   299  N  N   . PHE A 1 39 ? 13.707  8.100   -8.665  1.00 81.29  ? 434 PHE A N   1 
ATOM   300  C  CA  . PHE A 1 39 ? 13.481  9.067   -9.738  1.00 87.15  ? 434 PHE A CA  1 
ATOM   301  C  C   . PHE A 1 39 ? 14.112  10.419  -9.419  1.00 95.44  ? 434 PHE A C   1 
ATOM   302  O  O   . PHE A 1 39 ? 14.522  11.139  -10.337 1.00 102.20 ? 434 PHE A O   1 
ATOM   303  C  CB  . PHE A 1 39 ? 11.975  9.219   -10.013 1.00 74.86  ? 434 PHE A CB  1 
ATOM   304  C  CG  . PHE A 1 39 ? 11.357  8.021   -10.694 1.00 73.61  ? 434 PHE A CG  1 
ATOM   305  C  CD1 . PHE A 1 39 ? 11.752  7.662   -11.980 1.00 64.17  ? 434 PHE A CD1 1 
ATOM   306  C  CD2 . PHE A 1 39 ? 10.396  7.236   -10.039 1.00 72.60  ? 434 PHE A CD2 1 
ATOM   307  C  CE1 . PHE A 1 39 ? 11.203  6.545   -12.617 1.00 65.30  ? 434 PHE A CE1 1 
ATOM   308  C  CE2 . PHE A 1 39 ? 9.824   6.103   -10.671 1.00 56.32  ? 434 PHE A CE2 1 
ATOM   309  C  CZ  . PHE A 1 39 ? 10.231  5.767   -11.964 1.00 69.57  ? 434 PHE A CZ  1 
ATOM   310  N  N   . SER A 1 40 ? 14.264  10.748  -8.132  1.00 97.79  ? 435 SER A N   1 
ATOM   311  C  CA  . SER A 1 40 ? 14.842  12.035  -7.755  1.00 104.58 ? 435 SER A CA  1 
ATOM   312  C  C   . SER A 1 40 ? 16.355  12.070  -7.897  1.00 108.80 ? 435 SER A C   1 
ATOM   313  O  O   . SER A 1 40 ? 16.933  13.129  -8.174  1.00 106.37 ? 435 SER A O   1 
ATOM   314  C  CB  . SER A 1 40 ? 14.511  12.359  -6.296  1.00 102.31 ? 435 SER A CB  1 
ATOM   315  O  OG  . SER A 1 40 ? 13.165  12.788  -6.176  1.00 114.80 ? 435 SER A OG  1 
ATOM   316  N  N   . GLN A 1 41 ? 17.017  10.928  -7.717  1.00 112.59 ? 436 GLN A N   1 
ATOM   317  C  CA  . GLN A 1 41 ? 18.438  10.866  -8.014  1.00 103.36 ? 436 GLN A CA  1 
ATOM   318  C  C   . GLN A 1 41 ? 18.525  10.887  -9.538  1.00 117.97 ? 436 GLN A C   1 
ATOM   319  O  O   . GLN A 1 41 ? 18.179  9.927   -10.237 1.00 115.93 ? 436 GLN A O   1 
ATOM   320  C  CB  . GLN A 1 41 ? 19.093  9.641   -7.359  1.00 102.75 ? 436 GLN A CB  1 
ATOM   321  C  CG  . GLN A 1 41 ? 19.155  8.339   -8.152  1.00 108.58 ? 436 GLN A CG  1 
ATOM   322  C  CD  . GLN A 1 41 ? 19.995  7.276   -7.471  1.00 110.95 ? 436 GLN A CD  1 
ATOM   323  O  OE1 . GLN A 1 41 ? 20.720  7.553   -6.508  1.00 108.77 ? 436 GLN A OE1 1 
ATOM   324  N  NE2 . GLN A 1 41 ? 19.919  6.050   -7.984  1.00 99.99  ? 436 GLN A NE2 1 
ATOM   325  N  N   . LYS A 1 42 ? 18.879  12.050  -10.070 1.00 123.80 ? 437 LYS A N   1 
ATOM   326  C  CA  . LYS A 1 42 ? 19.071  12.191  -11.498 1.00 123.54 ? 437 LYS A CA  1 
ATOM   327  C  C   . LYS A 1 42 ? 20.510  11.858  -11.895 1.00 135.60 ? 437 LYS A C   1 
ATOM   328  O  O   . LYS A 1 42 ? 20.953  12.265  -12.976 1.00 140.12 ? 437 LYS A O   1 
ATOM   329  C  CB  . LYS A 1 42 ? 18.680  13.605  -11.939 1.00 114.52 ? 437 LYS A CB  1 
ATOM   330  C  CG  . LYS A 1 42 ? 17.173  13.872  -11.864 1.00 115.14 ? 437 LYS A CG  1 
ATOM   331  C  CD  . LYS A 1 42 ? 16.652  14.483  -13.173 1.00 118.10 ? 437 LYS A CD  1 
ATOM   332  C  CE  . LYS A 1 42 ? 15.131  14.637  -13.179 1.00 109.03 ? 437 LYS A CE  1 
ATOM   333  N  NZ  . LYS A 1 42 ? 14.606  14.639  -11.784 1.00 120.13 ? 437 LYS A NZ  1 
ATOM   334  N  N   . ILE A 1 43 ? 21.231  11.116  -11.036 1.00 131.82 ? 438 ILE A N   1 
ATOM   335  C  CA  . ILE A 1 43 ? 22.482  10.447  -11.391 1.00 124.17 ? 438 ILE A CA  1 
ATOM   336  C  C   . ILE A 1 43 ? 22.087  9.597   -12.592 1.00 132.90 ? 438 ILE A C   1 
ATOM   337  O  O   . ILE A 1 43 ? 21.142  8.803   -12.508 1.00 134.90 ? 438 ILE A O   1 
ATOM   338  C  CB  . ILE A 1 43 ? 23.050  9.608   -10.226 0.00 124.02 ? 438 ILE A CB  1 
ATOM   339  C  CG1 . ILE A 1 43 ? 23.721  10.475  -9.148  0.00 123.87 ? 438 ILE A CG1 1 
ATOM   340  C  CG2 . ILE A 1 43 ? 24.010  8.546   -10.738 0.00 125.71 ? 438 ILE A CG2 1 
ATOM   341  C  CD1 . ILE A 1 43 ? 22.834  11.474  -8.440  0.00 120.96 ? 438 ILE A CD1 1 
ATOM   342  N  N   . ASP A 1 44 ? 22.798  9.737   -13.710 1.00 134.51 ? 439 ASP A N   1 
ATOM   343  C  CA  . ASP A 1 44 ? 22.320  9.196   -14.978 1.00 139.36 ? 439 ASP A CA  1 
ATOM   344  C  C   . ASP A 1 44 ? 22.333  7.669   -14.898 1.00 124.35 ? 439 ASP A C   1 
ATOM   345  O  O   . ASP A 1 44 ? 23.373  7.007   -14.829 1.00 113.71 ? 439 ASP A O   1 
ATOM   346  C  CB  . ASP A 1 44 ? 23.108  9.772   -16.162 1.00 204.06 ? 439 ASP A CB  1 
ATOM   347  C  CG  . ASP A 1 44 ? 22.495  11.076  -16.691 1.00 198.24 ? 439 ASP A CG  1 
ATOM   348  O  OD1 . ASP A 1 44 ? 21.355  11.392  -16.290 1.00 166.04 ? 439 ASP A OD1 1 
ATOM   349  O  OD2 . ASP A 1 44 ? 23.149  11.786  -17.482 1.00 204.95 ? 439 ASP A OD2 1 
ATOM   350  N  N   . TYR A 1 45 ? 21.103  7.152   -14.925 1.00 107.55 ? 440 TYR A N   1 
ATOM   351  C  CA  . TYR A 1 45 ? 20.535  5.858   -14.564 1.00 99.83  ? 440 TYR A CA  1 
ATOM   352  C  C   . TYR A 1 45 ? 20.586  4.805   -15.644 1.00 101.34 ? 440 TYR A C   1 
ATOM   353  O  O   . TYR A 1 45 ? 19.820  3.831   -15.559 1.00 85.16  ? 440 TYR A O   1 
ATOM   354  C  CB  . TYR A 1 45 ? 19.058  6.047   -14.211 1.00 86.77  ? 440 TYR A CB  1 
ATOM   355  C  CG  . TYR A 1 45 ? 18.342  6.697   -15.382 1.00 83.65  ? 440 TYR A CG  1 
ATOM   356  C  CD1 . TYR A 1 45 ? 18.347  8.079   -15.541 1.00 102.73 ? 440 TYR A CD1 1 
ATOM   357  C  CD2 . TYR A 1 45 ? 17.734  5.939   -16.364 1.00 87.81  ? 440 TYR A CD2 1 
ATOM   358  C  CE1 . TYR A 1 45 ? 17.728  8.680   -16.633 1.00 86.20  ? 440 TYR A CE1 1 
ATOM   359  C  CE2 . TYR A 1 45 ? 17.121  6.530   -17.474 1.00 84.09  ? 440 TYR A CE2 1 
ATOM   360  C  CZ  . TYR A 1 45 ? 17.122  7.903   -17.595 1.00 80.45  ? 440 TYR A CZ  1 
ATOM   361  O  OH  . TYR A 1 45 ? 16.504  8.521   -18.676 1.00 101.50 ? 440 TYR A OH  1 
ATOM   362  N  N   . LEU A 1 46 ? 21.347  4.975   -16.708 1.00 100.73 ? 441 LEU A N   1 
ATOM   363  C  CA  . LEU A 1 46 ? 21.360  3.915   -17.715 1.00 83.23  ? 441 LEU A CA  1 
ATOM   364  C  C   . LEU A 1 46 ? 22.486  2.918   -17.507 1.00 83.14  ? 441 LEU A C   1 
ATOM   365  O  O   . LEU A 1 46 ? 22.452  1.847   -18.113 1.00 86.81  ? 441 LEU A O   1 
ATOM   366  C  CB  . LEU A 1 46 ? 21.438  4.521   -19.110 1.00 83.44  ? 441 LEU A CB  1 
ATOM   367  C  CG  . LEU A 1 46 ? 20.113  5.154   -19.522 1.00 79.99  ? 441 LEU A CG  1 
ATOM   368  C  CD1 . LEU A 1 46 ? 20.272  6.001   -20.766 1.00 86.31  ? 441 LEU A CD1 1 
ATOM   369  C  CD2 . LEU A 1 46 ? 19.085  4.076   -19.749 1.00 78.33  ? 441 LEU A CD2 1 
ATOM   370  N  N   . LYS A 1 47 ? 23.456  3.235   -16.647 1.00 89.05  ? 442 LYS A N   1 
ATOM   371  C  CA  . LYS A 1 47 ? 24.595  2.352   -16.439 1.00 97.04  ? 442 LYS A CA  1 
ATOM   372  C  C   . LYS A 1 47 ? 24.116  0.966   -16.034 1.00 96.69  ? 442 LYS A C   1 
ATOM   373  O  O   . LYS A 1 47 ? 23.213  0.824   -15.203 1.00 95.52  ? 442 LYS A O   1 
ATOM   374  C  CB  . LYS A 1 47 ? 25.528  2.938   -15.384 1.00 103.56 ? 442 LYS A CB  1 
ATOM   375  C  CG  . LYS A 1 47 ? 26.243  4.211   -15.831 1.00 115.56 ? 442 LYS A CG  1 
ATOM   376  C  CD  . LYS A 1 47 ? 27.237  4.718   -14.794 1.00 122.19 ? 442 LYS A CD  1 
ATOM   377  C  CE  . LYS A 1 47 ? 28.036  5.904   -15.335 1.00 127.46 ? 442 LYS A CE  1 
ATOM   378  N  NZ  . LYS A 1 47 ? 28.941  6.490   -14.302 1.00 133.63 ? 442 LYS A NZ  1 
ATOM   379  N  N   . ASP A 1 48 ? 24.693  -0.048  -16.666 1.00 103.88 ? 443 ASP A N   1 
ATOM   380  C  CA  . ASP A 1 48 ? 24.510  -1.445  -16.313 1.00 94.34  ? 443 ASP A CA  1 
ATOM   381  C  C   . ASP A 1 48 ? 23.098  -1.948  -16.586 1.00 95.13  ? 443 ASP A C   1 
ATOM   382  O  O   . ASP A 1 48 ? 22.748  -3.039  -16.119 1.00 102.97 ? 443 ASP A O   1 
ATOM   383  C  CB  . ASP A 1 48 ? 24.824  -1.688  -14.830 1.00 107.94 ? 443 ASP A CB  1 
ATOM   384  C  CG  . ASP A 1 48 ? 26.256  -1.299  -14.452 1.00 116.23 ? 443 ASP A CG  1 
ATOM   385  O  OD1 . ASP A 1 48 ? 26.953  -0.659  -15.279 1.00 112.33 ? 443 ASP A OD1 1 
ATOM   386  O  OD2 . ASP A 1 48 ? 26.682  -1.637  -13.322 1.00 115.68 ? 443 ASP A OD2 1 
ATOM   387  N  N   . LYS A 1 49 ? 22.268  -1.209  -17.325 1.00 87.94  ? 444 LYS A N   1 
ATOM   388  C  CA  . LYS A 1 49 ? 20.960  -1.723  -17.724 1.00 86.31  ? 444 LYS A CA  1 
ATOM   389  C  C   . LYS A 1 49 ? 21.032  -2.197  -19.172 1.00 80.20  ? 444 LYS A C   1 
ATOM   390  O  O   . LYS A 1 49 ? 21.524  -1.474  -20.045 1.00 85.52  ? 444 LYS A O   1 
ATOM   391  C  CB  . LYS A 1 49 ? 19.843  -0.678  -17.626 1.00 68.19  ? 444 LYS A CB  1 
ATOM   392  C  CG  . LYS A 1 49 ? 19.818  0.112   -16.305 1.00 82.22  ? 444 LYS A CG  1 
ATOM   393  C  CD  . LYS A 1 49 ? 19.529  -0.755  -15.075 1.00 81.00  ? 444 LYS A CD  1 
ATOM   394  C  CE  . LYS A 1 49 ? 19.484  0.102   -13.816 1.00 82.27  ? 444 LYS A CE  1 
ATOM   395  N  NZ  . LYS A 1 49 ? 19.543  -0.684  -12.535 1.00 89.41  ? 444 LYS A NZ  1 
ATOM   396  N  N   . VAL A 1 50 ? 20.546  -3.414  -19.418 1.00 65.38  ? 445 VAL A N   1 
ATOM   397  C  CA  . VAL A 1 50 ? 20.785  -4.091  -20.687 1.00 68.46  ? 445 VAL A CA  1 
ATOM   398  C  C   . VAL A 1 50 ? 19.486  -4.579  -21.308 1.00 78.99  ? 445 VAL A C   1 
ATOM   399  O  O   . VAL A 1 50 ? 19.451  -4.996  -22.473 1.00 72.22  ? 445 VAL A O   1 
ATOM   400  C  CB  . VAL A 1 50 ? 21.735  -5.277  -20.425 1.00 82.18  ? 445 VAL A CB  1 
ATOM   401  C  CG1 . VAL A 1 50 ? 23.069  -4.797  -19.844 1.00 76.33  ? 445 VAL A CG1 1 
ATOM   402  C  CG2 . VAL A 1 50 ? 21.084  -6.278  -19.472 1.00 72.75  ? 445 VAL A CG2 1 
ATOM   403  N  N   . HIS A 1 51 ? 18.421  -4.556  -20.535 1.00 70.76  ? 446 HIS A N   1 
ATOM   404  C  CA  . HIS A 1 51 ? 17.223  -5.160  -21.099 1.00 71.90  ? 446 HIS A CA  1 
ATOM   405  C  C   . HIS A 1 51 ? 16.581  -4.200  -22.105 1.00 74.81  ? 446 HIS A C   1 
ATOM   406  O  O   . HIS A 1 51 ? 16.544  -2.987  -21.875 1.00 73.27  ? 446 HIS A O   1 
ATOM   407  C  CB  . HIS A 1 51 ? 16.245  -5.519  -19.975 1.00 68.55  ? 446 HIS A CB  1 
ATOM   408  C  CG  . HIS A 1 51 ? 15.130  -6.421  -20.394 1.00 75.65  ? 446 HIS A CG  1 
ATOM   409  N  ND1 . HIS A 1 51 ? 14.074  -5.995  -21.170 1.00 84.83  ? 446 HIS A ND1 1 
ATOM   410  C  CD2 . HIS A 1 51 ? 14.883  -7.721  -20.106 1.00 88.80  ? 446 HIS A CD2 1 
ATOM   411  C  CE1 . HIS A 1 51 ? 13.237  -6.998  -21.366 1.00 89.01  ? 446 HIS A CE1 1 
ATOM   412  N  NE2 . HIS A 1 51 ? 13.704  -8.059  -20.730 1.00 96.12  ? 446 HIS A NE2 1 
ATOM   413  N  N   . PRO A 1 52 ? 16.104  -4.717  -23.243 1.00 74.23  ? 447 PRO A N   1 
ATOM   414  C  CA  . PRO A 1 52 ? 15.542  -3.848  -24.293 1.00 79.37  ? 447 PRO A CA  1 
ATOM   415  C  C   . PRO A 1 52 ? 14.194  -3.219  -23.963 1.00 85.04  ? 447 PRO A C   1 
ATOM   416  O  O   . PRO A 1 52 ? 13.785  -2.281  -24.663 1.00 84.63  ? 447 PRO A O   1 
ATOM   417  C  CB  . PRO A 1 52 ? 15.406  -4.792  -25.496 1.00 75.83  ? 447 PRO A CB  1 
ATOM   418  C  CG  . PRO A 1 52 ? 15.362  -6.165  -24.914 1.00 70.55  ? 447 PRO A CG  1 
ATOM   419  C  CD  . PRO A 1 52 ? 16.270  -6.104  -23.708 1.00 76.96  ? 447 PRO A CD  1 
ATOM   420  N  N   . SER A 1 53 ? 13.463  -3.707  -22.967 1.00 81.36  ? 448 SER A N   1 
ATOM   421  C  CA  . SER A 1 53 ? 12.206  -3.075  -22.613 1.00 75.46  ? 448 SER A CA  1 
ATOM   422  C  C   . SER A 1 53 ? 12.379  -2.010  -21.545 1.00 74.81  ? 448 SER A C   1 
ATOM   423  O  O   . SER A 1 53 ? 11.395  -1.383  -21.150 1.00 82.32  ? 448 SER A O   1 
ATOM   424  C  CB  . SER A 1 53 ? 11.197  -4.128  -22.163 1.00 82.38  ? 448 SER A CB  1 
ATOM   425  O  OG  . SER A 1 53 ? 10.601  -4.732  -23.299 1.00 88.75  ? 448 SER A OG  1 
ATOM   426  N  N   . PHE A 1 54 ? 13.615  -1.748  -21.115 1.00 63.90  ? 449 PHE A N   1 
ATOM   427  C  CA  . PHE A 1 54 ? 13.819  -0.928  -19.930 1.00 72.36  ? 449 PHE A CA  1 
ATOM   428  C  C   . PHE A 1 54 ? 13.439  0.524   -20.162 1.00 76.09  ? 449 PHE A C   1 
ATOM   429  O  O   . PHE A 1 54 ? 12.774  1.139   -19.317 1.00 80.19  ? 449 PHE A O   1 
ATOM   430  C  CB  . PHE A 1 54 ? 15.261  -1.005  -19.473 1.00 59.93  ? 449 PHE A CB  1 
ATOM   431  C  CG  . PHE A 1 54 ? 15.544  -0.150  -18.288 1.00 62.16  ? 449 PHE A CG  1 
ATOM   432  C  CD1 . PHE A 1 54 ? 14.902  -0.387  -17.081 1.00 75.89  ? 449 PHE A CD1 1 
ATOM   433  C  CD2 . PHE A 1 54 ? 16.454  0.888   -18.367 1.00 64.60  ? 449 PHE A CD2 1 
ATOM   434  C  CE1 . PHE A 1 54 ? 15.172  0.400   -15.966 1.00 69.97  ? 449 PHE A CE1 1 
ATOM   435  C  CE2 . PHE A 1 54 ? 16.728  1.674   -17.258 1.00 65.27  ? 449 PHE A CE2 1 
ATOM   436  C  CZ  . PHE A 1 54 ? 16.091  1.432   -16.058 1.00 58.95  ? 449 PHE A CZ  1 
ATOM   437  N  N   . VAL A 1 55 ? 13.880  1.110   -21.278 1.00 72.03  ? 450 VAL A N   1 
ATOM   438  C  CA  . VAL A 1 55 ? 13.681  2.548   -21.447 1.00 76.63  ? 450 VAL A CA  1 
ATOM   439  C  C   . VAL A 1 55 ? 12.199  2.858   -21.526 1.00 59.71  ? 450 VAL A C   1 
ATOM   440  O  O   . VAL A 1 55 ? 11.699  3.761   -20.851 1.00 68.92  ? 450 VAL A O   1 
ATOM   441  C  CB  . VAL A 1 55 ? 14.436  3.069   -22.682 1.00 73.17  ? 450 VAL A CB  1 
ATOM   442  C  CG1 . VAL A 1 55 ? 13.969  4.475   -23.024 1.00 57.22  ? 450 VAL A CG1 1 
ATOM   443  C  CG2 . VAL A 1 55 ? 15.939  3.049   -22.422 1.00 71.93  ? 450 VAL A CG2 1 
ATOM   444  N  N   . LYS A 1 56 ? 11.477  2.096   -22.326 1.00 66.49  ? 451 LYS A N   1 
ATOM   445  C  CA  . LYS A 1 56 ? 10.038  2.272   -22.425 1.00 71.02  ? 451 LYS A CA  1 
ATOM   446  C  C   . LYS A 1 56 ? 9.355   2.015   -21.082 1.00 86.19  ? 451 LYS A C   1 
ATOM   447  O  O   . LYS A 1 56 ? 8.477   2.789   -20.669 1.00 73.21  ? 451 LYS A O   1 
ATOM   448  C  CB  . LYS A 1 56 ? 9.509   1.342   -23.519 1.00 56.14  ? 451 LYS A CB  1 
ATOM   449  C  CG  . LYS A 1 56 ? 8.021   1.264   -23.683 1.00 87.35  ? 451 LYS A CG  1 
ATOM   450  C  CD  . LYS A 1 56 ? 7.695   0.209   -24.738 1.00 87.98  ? 451 LYS A CD  1 
ATOM   451  C  CE  . LYS A 1 56 ? 8.174   -1.181  -24.287 1.00 95.93  ? 451 LYS A CE  1 
ATOM   452  N  NZ  . LYS A 1 56 ? 8.419   -2.131  -25.430 1.00 108.52 ? 451 LYS A NZ  1 
ATOM   453  N  N   . ASP A 1 57 ? 9.749   0.941   -20.375 1.00 78.32  ? 452 ASP A N   1 
ATOM   454  C  CA  . ASP A 1 57 ? 9.085   0.630   -19.114 1.00 67.60  ? 452 ASP A CA  1 
ATOM   455  C  C   . ASP A 1 57 ? 9.408   1.662   -18.052 1.00 68.16  ? 452 ASP A C   1 
ATOM   456  O  O   . ASP A 1 57 ? 8.528   2.027   -17.263 1.00 69.85  ? 452 ASP A O   1 
ATOM   457  C  CB  . ASP A 1 57 ? 9.446   -0.778  -18.635 1.00 62.35  ? 452 ASP A CB  1 
ATOM   458  C  CG  . ASP A 1 57 ? 8.726   -1.851  -19.436 1.00 73.09  ? 452 ASP A CG  1 
ATOM   459  O  OD1 . ASP A 1 57 ? 7.816   -1.471  -20.220 1.00 64.77  ? 452 ASP A OD1 1 
ATOM   460  O  OD2 . ASP A 1 57 ? 9.066   -3.058  -19.300 1.00 85.92  ? 452 ASP A OD2 1 
ATOM   461  N  N   . ARG A 1 58 ? 10.638  2.166   -18.023 1.00 69.72  ? 453 ARG A N   1 
ATOM   462  C  CA  . ARG A 1 58 ? 10.943  3.184   -17.033 1.00 68.33  ? 453 ARG A CA  1 
ATOM   463  C  C   . ARG A 1 58 ? 10.144  4.454   -17.283 1.00 72.49  ? 453 ARG A C   1 
ATOM   464  O  O   . ARG A 1 58 ? 9.773   5.149   -16.335 1.00 71.02  ? 453 ARG A O   1 
ATOM   465  C  CB  . ARG A 1 58 ? 12.435  3.493   -17.012 1.00 56.87  ? 453 ARG A CB  1 
ATOM   466  C  CG  . ARG A 1 58 ? 12.806  4.440   -15.880 1.00 59.75  ? 453 ARG A CG  1 
ATOM   467  C  CD  . ARG A 1 58 ? 14.120  5.112   -16.132 1.00 69.65  ? 453 ARG A CD  1 
ATOM   468  N  NE  . ARG A 1 58 ? 14.663  5.712   -14.909 1.00 75.45  ? 453 ARG A NE  1 
ATOM   469  C  CZ  . ARG A 1 58 ? 14.610  7.006   -14.600 1.00 77.92  ? 453 ARG A CZ  1 
ATOM   470  N  NH1 . ARG A 1 58 ? 14.016  7.854   -15.440 1.00 58.58  ? 453 ARG A NH1 1 
ATOM   471  N  NH2 . ARG A 1 58 ? 15.152  7.441   -13.450 1.00 74.43  ? 453 ARG A NH2 1 
ATOM   472  N  N   . ARG A 1 59 ? 9.868   4.784   -18.542 1.00 71.29  ? 454 ARG A N   1 
ATOM   473  C  CA  . ARG A 1 59 ? 9.151   6.027   -18.806 1.00 73.47  ? 454 ARG A CA  1 
ATOM   474  C  C   . ARG A 1 59 ? 7.685   5.899   -18.417 1.00 69.23  ? 454 ARG A C   1 
ATOM   475  O  O   . ARG A 1 59 ? 7.136   6.800   -17.770 1.00 71.04  ? 454 ARG A O   1 
ATOM   476  C  CB  . ARG A 1 59 ? 9.299   6.417   -20.281 1.00 65.96  ? 454 ARG A CB  1 
ATOM   477  C  CG  . ARG A 1 59 ? 8.515   7.652   -20.693 1.00 72.77  ? 454 ARG A CG  1 
ATOM   478  C  CD  . ARG A 1 59 ? 8.902   8.112   -22.089 1.00 76.76  ? 454 ARG A CD  1 
ATOM   479  N  NE  . ARG A 1 59 ? 8.519   7.126   -23.089 1.00 71.74  ? 454 ARG A NE  1 
ATOM   480  C  CZ  . ARG A 1 59 ? 9.367   6.409   -23.825 1.00 73.51  ? 454 ARG A CZ  1 
ATOM   481  N  NH1 . ARG A 1 59 ? 10.688  6.560   -23.709 1.00 74.39  ? 454 ARG A NH1 1 
ATOM   482  N  NH2 . ARG A 1 59 ? 8.867   5.531   -24.687 1.00 57.61  ? 454 ARG A NH2 1 
ATOM   483  N  N   . ALA A 1 60 ? 7.038   4.793   -18.811 1.00 55.76  ? 455 ALA A N   1 
ATOM   484  C  CA  . ALA A 1 60 ? 5.713   4.466   -18.287 1.00 71.12  ? 455 ALA A CA  1 
ATOM   485  C  C   . ALA A 1 60 ? 5.686   4.496   -16.756 1.00 67.75  ? 455 ALA A C   1 
ATOM   486  O  O   . ALA A 1 60 ? 4.784   5.094   -16.157 1.00 75.91  ? 455 ALA A O   1 
ATOM   487  C  CB  . ALA A 1 60 ? 5.274   3.095   -18.800 1.00 50.65  ? 455 ALA A CB  1 
HETATM 488  N  N   . MSE A 1 61 ? 6.632   3.856   -16.107 1.00 71.09  ? 456 MSE A N   1 
HETATM 489  C  CA  . MSE A 1 61 ? 6.604   3.780   -14.672 1.00 64.63  ? 456 MSE A CA  1 
HETATM 490  C  C   . MSE A 1 61 ? 6.744   5.115   -14.031 1.00 71.96  ? 456 MSE A C   1 
HETATM 491  O  O   . MSE A 1 61 ? 6.071   5.355   -13.048 1.00 70.58  ? 456 MSE A O   1 
HETATM 492  C  CB  . MSE A 1 61 ? 7.676   2.816   -14.213 1.00 67.11  ? 456 MSE A CB  1 
HETATM 493  C  CG  . MSE A 1 61 ? 7.645   2.535   -12.725 1.00 89.03  ? 456 MSE A CG  1 
HETATM 494  SE SE  . MSE A 1 61 ? 6.176   1.396   -12.160 1.00 102.21 ? 456 MSE A SE  1 
HETATM 495  C  CE  . MSE A 1 61 ? 5.663   0.387   -13.733 1.00 78.46  ? 456 MSE A CE  1 
ATOM   496  N  N   . LYS A 1 62 ? 7.572   5.997   -14.546 1.00 72.19  ? 457 LYS A N   1 
ATOM   497  C  CA  . LYS A 1 62 ? 7.668   7.343   -13.983 1.00 64.76  ? 457 LYS A CA  1 
ATOM   498  C  C   . LYS A 1 62 ? 6.317   8.055   -14.049 1.00 67.69  ? 457 LYS A C   1 
ATOM   499  O  O   . LYS A 1 62 ? 5.915   8.748   -13.108 1.00 69.07  ? 457 LYS A O   1 
ATOM   500  C  CB  . LYS A 1 62 ? 8.735   8.166   -14.715 1.00 69.50  ? 457 LYS A CB  1 
ATOM   501  C  CG  . LYS A 1 62 ? 8.920   9.590   -14.126 1.00 79.54  ? 457 LYS A CG  1 
ATOM   502  C  CD  . LYS A 1 62 ? 10.049  10.382  -14.788 1.00 83.79  ? 457 LYS A CD  1 
ATOM   503  C  CE  . LYS A 1 62 ? 10.580  11.469  -13.850 1.00 83.76  ? 457 LYS A CE  1 
ATOM   504  N  NZ  . LYS A 1 62 ? 11.342  12.564  -14.536 1.00 102.44 ? 457 LYS A NZ  1 
ATOM   505  N  N   . ARG A 1 63 ? 5.595   7.883   -15.152 1.00 77.30  ? 458 ARG A N   1 
ATOM   506  C  CA  . ARG A 1 63 ? 4.271   8.479   -15.256 1.00 74.69  ? 458 ARG A CA  1 
ATOM   507  C  C   . ARG A 1 63 ? 3.310   7.862   -14.244 1.00 72.82  ? 458 ARG A C   1 
ATOM   508  O  O   . ARG A 1 63 ? 2.575   8.593   -13.573 1.00 72.67  ? 458 ARG A O   1 
ATOM   509  C  CB  . ARG A 1 63 ? 3.774   8.349   -16.694 1.00 67.02  ? 458 ARG A CB  1 
ATOM   510  C  CG  . ARG A 1 63 ? 4.650   9.158   -17.666 1.00 76.96  ? 458 ARG A CG  1 
ATOM   511  C  CD  . ARG A 1 63 ? 4.244   9.011   -19.120 1.00 77.94  ? 458 ARG A CD  1 
ATOM   512  N  NE  . ARG A 1 63 ? 5.151   9.715   -20.027 1.00 76.15  ? 458 ARG A NE  1 
ATOM   513  C  CZ  . ARG A 1 63 ? 4.923   9.868   -21.332 1.00 73.70  ? 458 ARG A CZ  1 
ATOM   514  N  NH1 . ARG A 1 63 ? 3.822   9.367   -21.876 1.00 64.78  ? 458 ARG A NH1 1 
ATOM   515  N  NH2 . ARG A 1 63 ? 5.789   10.527  -22.089 1.00 68.41  ? 458 ARG A NH2 1 
ATOM   516  N  N   . GLU A 1 64 ? 3.349   6.529   -14.064 1.00 78.37  ? 459 GLU A N   1 
ATOM   517  C  CA  . GLU A 1 64 ? 2.487   5.901   -13.055 1.00 69.08  ? 459 GLU A CA  1 
ATOM   518  C  C   . GLU A 1 64 ? 2.827   6.375   -11.646 1.00 62.54  ? 459 GLU A C   1 
ATOM   519  O  O   . GLU A 1 64 ? 1.932   6.619   -10.830 1.00 81.30  ? 459 GLU A O   1 
ATOM   520  C  CB  . GLU A 1 64 ? 2.593   4.382   -13.139 1.00 70.78  ? 459 GLU A CB  1 
ATOM   521  C  CG  . GLU A 1 64 ? 2.084   3.781   -14.431 1.00 79.68  ? 459 GLU A CG  1 
ATOM   522  C  CD  . GLU A 1 64 ? 0.573   3.653   -14.480 1.00 84.80  ? 459 GLU A CD  1 
ATOM   523  O  OE1 . GLU A 1 64 ? -0.116  4.247   -13.615 1.00 97.86  ? 459 GLU A OE1 1 
ATOM   524  O  OE2 . GLU A 1 64 ? 0.072   2.933   -15.372 1.00 94.01  ? 459 GLU A OE2 1 
ATOM   525  N  N   . TYR A 1 65 ? 4.109   6.512   -11.334 1.00 58.82  ? 460 TYR A N   1 
ATOM   526  C  CA  . TYR A 1 65 ? 4.471   7.000   -10.015 1.00 59.73  ? 460 TYR A CA  1 
ATOM   527  C  C   . TYR A 1 65 ? 3.978   8.417   -9.801  1.00 78.47  ? 460 TYR A C   1 
ATOM   528  O  O   . TYR A 1 65 ? 3.417   8.742   -8.744  1.00 72.32  ? 460 TYR A O   1 
ATOM   529  C  CB  . TYR A 1 65 ? 5.979   6.958   -9.832  1.00 59.36  ? 460 TYR A CB  1 
ATOM   530  C  CG  . TYR A 1 65 ? 6.399   7.545   -8.513  1.00 71.85  ? 460 TYR A CG  1 
ATOM   531  C  CD1 . TYR A 1 65 ? 6.067   6.913   -7.322  1.00 74.85  ? 460 TYR A CD1 1 
ATOM   532  C  CD2 . TYR A 1 65 ? 7.122   8.730   -8.452  1.00 75.27  ? 460 TYR A CD2 1 
ATOM   533  C  CE1 . TYR A 1 65 ? 6.454   7.434   -6.103  1.00 79.47  ? 460 TYR A CE1 1 
ATOM   534  C  CE2 . TYR A 1 65 ? 7.509   9.267   -7.229  1.00 85.51  ? 460 TYR A CE2 1 
ATOM   535  C  CZ  . TYR A 1 65 ? 7.188   8.601   -6.065  1.00 81.95  ? 460 TYR A CZ  1 
ATOM   536  O  OH  . TYR A 1 65 ? 7.555   9.124   -4.850  1.00 95.81  ? 460 TYR A OH  1 
ATOM   537  N  N   . GLU A 1 66 ? 4.220   9.287   -10.791 1.00 78.35  ? 461 GLU A N   1 
ATOM   538  C  CA  . GLU A 1 66 ? 3.871   10.693  -10.637 1.00 75.79  ? 461 GLU A CA  1 
ATOM   539  C  C   . GLU A 1 66 ? 2.373   10.857  -10.442 1.00 66.30  ? 461 GLU A C   1 
ATOM   540  O  O   . GLU A 1 66 ? 1.927   11.665  -9.618  1.00 67.07  ? 461 GLU A O   1 
ATOM   541  C  CB  . GLU A 1 66 ? 4.364   11.499  -11.838 1.00 71.45  ? 461 GLU A CB  1 
ATOM   542  C  CG  . GLU A 1 66 ? 5.892   11.681  -11.850 1.00 71.95  ? 461 GLU A CG  1 
ATOM   543  C  CD  . GLU A 1 66 ? 6.371   12.716  -12.844 0.50 72.00  ? 461 GLU A CD  1 
ATOM   544  O  OE1 . GLU A 1 66 ? 5.856   12.745  -13.978 0.50 74.79  ? 461 GLU A OE1 1 
ATOM   545  O  OE2 . GLU A 1 66 ? 7.256   13.513  -12.477 0.50 69.48  ? 461 GLU A OE2 1 
ATOM   546  N  N   . GLU A 1 67 ? 1.581   10.076  -11.176 1.00 69.13  ? 462 GLU A N   1 
ATOM   547  C  CA  . GLU A 1 67 ? 0.137   10.151  -11.034 1.00 66.60  ? 462 GLU A CA  1 
ATOM   548  C  C   . GLU A 1 67 ? -0.311  9.573   -9.708  1.00 75.49  ? 462 GLU A C   1 
ATOM   549  O  O   . GLU A 1 67 ? -1.243  10.096  -9.085  1.00 84.58  ? 462 GLU A O   1 
ATOM   550  C  CB  . GLU A 1 67 ? -0.528  9.431   -12.195 1.00 62.66  ? 462 GLU A CB  1 
ATOM   551  C  CG  . GLU A 1 67 ? -0.375  10.233  -13.482 1.00 74.49  ? 462 GLU A CG  1 
ATOM   552  C  CD  . GLU A 1 67 ? -1.412  9.850   -14.494 1.00 78.05  ? 462 GLU A CD  1 
ATOM   553  O  OE1 . GLU A 1 67 ? -1.751  8.653   -14.537 1.00 90.39  ? 462 GLU A OE1 1 
ATOM   554  O  OE2 . GLU A 1 67 ? -1.920  10.745  -15.210 1.00 88.32  ? 462 GLU A OE2 1 
ATOM   555  N  N   . PHE A 1 68 ? 0.348   8.505   -9.258  1.00 75.50  ? 463 PHE A N   1 
ATOM   556  C  CA  . PHE A 1 68 ? 0.057   7.947   -7.947  1.00 78.44  ? 463 PHE A CA  1 
ATOM   557  C  C   . PHE A 1 68 ? 0.299   8.977   -6.854  1.00 76.04  ? 463 PHE A C   1 
ATOM   558  O  O   . PHE A 1 68 ? -0.560  9.208   -5.996  1.00 75.93  ? 463 PHE A O   1 
ATOM   559  C  CB  . PHE A 1 68 ? 0.903   6.698   -7.736  1.00 68.86  ? 463 PHE A CB  1 
ATOM   560  C  CG  . PHE A 1 68 ? 0.989   6.276   -6.324  1.00 76.31  ? 463 PHE A CG  1 
ATOM   561  C  CD1 . PHE A 1 68 ? -0.024  5.522   -5.759  1.00 74.72  ? 463 PHE A CD1 1 
ATOM   562  C  CD2 . PHE A 1 68 ? 2.077   6.653   -5.543  1.00 74.16  ? 463 PHE A CD2 1 
ATOM   563  C  CE1 . PHE A 1 68 ? 0.029   5.149   -4.437  1.00 70.98  ? 463 PHE A CE1 1 
ATOM   564  C  CE2 . PHE A 1 68 ? 2.156   6.265   -4.220  1.00 77.97  ? 463 PHE A CE2 1 
ATOM   565  C  CZ  . PHE A 1 68 ? 1.127   5.510   -3.663  1.00 69.95  ? 463 PHE A CZ  1 
ATOM   566  N  N   . LYS A 1 69 ? 1.447   9.643   -6.907  1.00 76.33  ? 464 LYS A N   1 
ATOM   567  C  CA  . LYS A 1 69 ? 1.790   10.662  -5.928  1.00 71.90  ? 464 LYS A CA  1 
ATOM   568  C  C   . LYS A 1 69 ? 0.742   11.778  -5.875  1.00 84.37  ? 464 LYS A C   1 
ATOM   569  O  O   . LYS A 1 69 ? 0.487   12.343  -4.805  1.00 80.22  ? 464 LYS A O   1 
ATOM   570  C  CB  . LYS A 1 69 ? 3.167   11.230  -6.277  1.00 61.92  ? 464 LYS A CB  1 
ATOM   571  C  CG  . LYS A 1 69 ? 3.906   11.845  -5.137  1.00 83.92  ? 464 LYS A CG  1 
ATOM   572  C  CD  . LYS A 1 69 ? 5.379   11.805  -5.423  1.00 85.40  ? 464 LYS A CD  1 
ATOM   573  C  CE  . LYS A 1 69 ? 5.826   13.108  -6.038  1.00 84.76  ? 464 LYS A CE  1 
ATOM   574  N  NZ  . LYS A 1 69 ? 7.220   13.040  -6.531  1.00 88.58  ? 464 LYS A NZ  1 
ATOM   575  N  N   . VAL A 1 70 ? 0.129   12.109  -7.016  1.00 75.61  ? 465 VAL A N   1 
ATOM   576  C  CA  . VAL A 1 70 ? -0.922  13.121  -7.037  1.00 78.55  ? 465 VAL A CA  1 
ATOM   577  C  C   . VAL A 1 70 ? -2.207  12.588  -6.413  1.00 81.70  ? 465 VAL A C   1 
ATOM   578  O  O   . VAL A 1 70 ? -2.864  13.297  -5.636  1.00 74.78  ? 465 VAL A O   1 
ATOM   579  C  CB  . VAL A 1 70 ? -1.162  13.620  -8.479  1.00 80.27  ? 465 VAL A CB  1 
ATOM   580  C  CG1 . VAL A 1 70 ? -2.454  14.437  -8.573  1.00 72.94  ? 465 VAL A CG1 1 
ATOM   581  C  CG2 . VAL A 1 70 ? 0.006   14.454  -8.943  1.00 73.03  ? 465 VAL A CG2 1 
ATOM   582  N  N   . ARG A 1 71 ? -2.606  11.355  -6.761  1.00 79.29  ? 466 ARG A N   1 
ATOM   583  C  CA  . ARG A 1 71 ? -3.812  10.780  -6.171  1.00 77.23  ? 466 ARG A CA  1 
ATOM   584  C  C   . ARG A 1 71 ? -3.691  10.698  -4.661  1.00 71.86  ? 466 ARG A C   1 
ATOM   585  O  O   . ARG A 1 71 ? -4.663  10.925  -3.937  1.00 91.37  ? 466 ARG A O   1 
ATOM   586  C  CB  . ARG A 1 71 ? -4.084  9.397   -6.742  1.00 71.62  ? 466 ARG A CB  1 
ATOM   587  C  CG  . ARG A 1 71 ? -4.700  9.411   -8.113  1.00 83.99  ? 466 ARG A CG  1 
ATOM   588  C  CD  . ARG A 1 71 ? -5.070  8.000   -8.512  1.00 85.24  ? 466 ARG A CD  1 
ATOM   589  N  NE  . ARG A 1 71 ? -3.893  7.139   -8.568  1.00 94.71  ? 466 ARG A NE  1 
ATOM   590  C  CZ  . ARG A 1 71 ? -3.399  6.630   -9.689  1.00 91.73  ? 466 ARG A CZ  1 
ATOM   591  N  NH1 . ARG A 1 71 ? -3.990  6.897   -10.844 1.00 95.93  ? 466 ARG A NH1 1 
ATOM   592  N  NH2 . ARG A 1 71 ? -2.318  5.854   -9.656  1.00 93.32  ? 466 ARG A NH2 1 
ATOM   593  N  N   . ILE A 1 72 ? -2.497  10.405  -4.169  1.00 73.29  ? 467 ILE A N   1 
ATOM   594  C  CA  . ILE A 1 72 ? -2.278  10.390  -2.735  1.00 78.09  ? 467 ILE A CA  1 
ATOM   595  C  C   . ILE A 1 72 ? -2.406  11.794  -2.170  1.00 86.21  ? 467 ILE A C   1 
ATOM   596  O  O   . ILE A 1 72 ? -3.075  12.002  -1.152  1.00 90.91  ? 467 ILE A O   1 
ATOM   597  C  CB  . ILE A 1 72 ? -0.911  9.754   -2.421  1.00 74.25  ? 467 ILE A CB  1 
ATOM   598  C  CG1 . ILE A 1 72 ? -0.993  8.251   -2.660  1.00 77.30  ? 467 ILE A CG1 1 
ATOM   599  C  CG2 . ILE A 1 72 ? -0.455  10.076  -1.012  1.00 74.16  ? 467 ILE A CG2 1 
ATOM   600  C  CD1 . ILE A 1 72 ? -2.135  7.585   -1.886  1.00 81.58  ? 467 ILE A CD1 1 
ATOM   601  N  N   . ASN A 1 73 ? -1.791  12.786  -2.828  1.00 83.40  ? 468 ASN A N   1 
ATOM   602  C  CA  . ASN A 1 73 ? -1.925  14.162  -2.354  1.00 81.40  ? 468 ASN A CA  1 
ATOM   603  C  C   . ASN A 1 73 ? -3.394  14.548  -2.197  1.00 86.62  ? 468 ASN A C   1 
ATOM   604  O  O   . ASN A 1 73 ? -3.779  15.166  -1.197  1.00 89.73  ? 468 ASN A O   1 
ATOM   605  C  CB  . ASN A 1 73 ? -1.205  15.121  -3.301  1.00 78.21  ? 468 ASN A CB  1 
ATOM   606  C  CG  . ASN A 1 73 ? 0.303   15.069  -3.135  1.00 93.06  ? 468 ASN A CG  1 
ATOM   607  O  OD1 . ASN A 1 73 ? 0.840   14.101  -2.574  1.00 85.22  ? 468 ASN A OD1 1 
ATOM   608  N  ND2 . ASN A 1 73 ? 1.003   16.113  -3.623  1.00 80.80  ? 468 ASN A ND2 1 
ATOM   609  N  N   . GLY A 1 74 ? -4.234  14.149  -3.151  1.00 77.67  ? 469 GLY A N   1 
ATOM   610  C  CA  . GLY A 1 74 ? -5.654  14.428  -3.096  1.00 84.09  ? 469 GLY A CA  1 
ATOM   611  C  C   . GLY A 1 74 ? -6.420  13.610  -2.078  1.00 96.76  ? 469 GLY A C   1 
ATOM   612  O  O   . GLY A 1 74 ? -7.570  13.950  -1.782  1.00 98.95  ? 469 GLY A O   1 
ATOM   613  N  N   . LEU A 1 75 ? -5.825  12.538  -1.553  1.00 97.13  ? 470 LEU A N   1 
ATOM   614  C  CA  . LEU A 1 75 ? -6.419  11.829  -0.421  1.00 97.28  ? 470 LEU A CA  1 
ATOM   615  C  C   . LEU A 1 75 ? -5.995  12.421  0.915   1.00 92.50  ? 470 LEU A C   1 
ATOM   616  O  O   . LEU A 1 75 ? -6.780  12.380  1.870   1.00 98.82  ? 470 LEU A O   1 
ATOM   617  C  CB  . LEU A 1 75 ? -6.068  10.336  -0.471  1.00 71.85  ? 470 LEU A CB  1 
ATOM   618  C  CG  . LEU A 1 75 ? -6.594  9.648   -1.725  1.00 75.27  ? 470 LEU A CG  1 
ATOM   619  C  CD1 . LEU A 1 75 ? -6.332  8.155   -1.685  1.00 81.98  ? 470 LEU A CD1 1 
ATOM   620  C  CD2 . LEU A 1 75 ? -8.062  9.953   -1.923  1.00 83.75  ? 470 LEU A CD2 1 
ATOM   621  N  N   . VAL A 1 76 ? -4.781  12.974  1.007   1.00 90.74  ? 471 VAL A N   1 
ATOM   622  C  CA  . VAL A 1 76 ? -4.379  13.682  2.220   1.00 99.48  ? 471 VAL A CA  1 
ATOM   623  C  C   . VAL A 1 76 ? -5.226  14.933  2.415   1.00 103.68 ? 471 VAL A C   1 
ATOM   624  O  O   . VAL A 1 76 ? -5.722  15.205  3.514   1.00 114.07 ? 471 VAL A O   1 
ATOM   625  C  CB  . VAL A 1 76 ? -2.883  14.033  2.181   1.00 93.00  ? 471 VAL A CB  1 
ATOM   626  C  CG1 . VAL A 1 76 ? -2.551  14.975  3.334   1.00 93.27  ? 471 VAL A CG1 1 
ATOM   627  C  CG2 . VAL A 1 76 ? -2.043  12.771  2.241   1.00 90.05  ? 471 VAL A CG2 1 
ATOM   628  N  N   . ALA A 1 77 ? -5.390  15.724  1.355   1.00 104.69 ? 472 ALA A N   1 
ATOM   629  C  CA  . ALA A 1 77 ? -6.206  16.924  1.466   1.00 108.20 ? 472 ALA A CA  1 
ATOM   630  C  C   . ALA A 1 77 ? -7.694  16.637  1.643   1.00 110.56 ? 472 ALA A C   1 
ATOM   631  O  O   . ALA A 1 77 ? -8.434  17.533  2.062   1.00 118.90 ? 472 ALA A O   1 
ATOM   632  C  CB  . ALA A 1 77 ? -6.072  17.774  0.200   1.00 110.50 ? 472 ALA A CB  1 
ATOM   633  N  N   . LYS A 1 78 ? -8.152  15.414  1.338   1.00 110.34 ? 473 LYS A N   1 
ATOM   634  C  CA  . LYS A 1 78 ? -9.535  15.003  1.577   1.00 104.18 ? 473 LYS A CA  1 
ATOM   635  C  C   . LYS A 1 78 ? -9.662  14.315  2.931   1.00 116.65 ? 473 LYS A C   1 
ATOM   636  O  O   . LYS A 1 78 ? -10.528 13.445  3.112   1.00 116.40 ? 473 LYS A O   1 
ATOM   637  C  CB  . LYS A 1 78 ? -10.061 14.095  0.465   1.00 100.89 ? 473 LYS A CB  1 
ATOM   638  C  CG  . LYS A 1 78 ? -10.520 14.826  -0.786  1.00 110.81 ? 473 LYS A CG  1 
ATOM   639  C  CD  . LYS A 1 78 ? -10.904 13.843  -1.895  1.00 114.02 ? 473 LYS A CD  1 
ATOM   640  C  CE  . LYS A 1 78 ? -12.075 12.952  -1.485  1.00 116.27 ? 473 LYS A CE  1 
ATOM   641  N  NZ  . LYS A 1 78 ? -12.530 12.062  -2.584  1.00 105.04 ? 473 LYS A NZ  1 
ATOM   642  N  N   . ALA A 1 79 ? -8.802  14.670  3.883   1.00 117.12 ? 474 ALA A N   1 
ATOM   643  C  CA  . ALA A 1 79 ? -8.878  14.184  5.259   1.00 111.95 ? 474 ALA A CA  1 
ATOM   644  C  C   . ALA A 1 79 ? -8.511  15.439  6.050   1.00 113.79 ? 474 ALA A C   1 
ATOM   645  O  O   . ALA A 1 79 ? -7.346  15.852  6.074   1.00 112.87 ? 474 ALA A O   1 
ATOM   646  C  CB  . ALA A 1 79 ? -7.953  12.987  5.458   1.00 103.17 ? 474 ALA A CB  1 
ATOM   647  N  N   . GLN A 1 80 ? -9.518  16.060  6.662   1.00 123.66 ? 475 GLN A N   1 
ATOM   648  C  CA  . GLN A 1 80 ? -9.334  17.252  7.491   1.00 129.02 ? 475 GLN A CA  1 
ATOM   649  C  C   . GLN A 1 80 ? -10.413 17.286  8.583   1.00 131.51 ? 475 GLN A C   1 
ATOM   650  O  O   . GLN A 1 80 ? -11.546 17.723  8.356   1.00 121.42 ? 475 GLN A O   1 
ATOM   651  C  CB  . GLN A 1 80 ? -9.345  18.557  6.696   1.00 129.43 ? 475 GLN A CB  1 
ATOM   652  C  CG  . GLN A 1 80 ? -8.298  18.626  5.602   1.00 129.29 ? 475 GLN A CG  1 
ATOM   653  C  CD  . GLN A 1 80 ? -8.560  19.753  4.617   1.00 132.16 ? 475 GLN A CD  1 
ATOM   654  O  OE1 . GLN A 1 80 ? -9.376  20.637  4.874   1.00 130.34 ? 475 GLN A OE1 1 
ATOM   655  N  NE2 . GLN A 1 80 ? -7.870  19.721  3.479   1.00 128.94 ? 475 GLN A NE2 1 
ATOM   656  N  N   . ALA B 1 4  ? 5.146   10.158  3.295   1.00 111.72 ? 399 ALA B N   1 
ATOM   657  C  CA  . ALA B 1 4  ? 6.601   10.214  3.131   1.00 110.44 ? 399 ALA B CA  1 
ATOM   658  C  C   . ALA B 1 4  ? 7.257   8.854   3.386   1.00 123.51 ? 399 ALA B C   1 
ATOM   659  O  O   . ALA B 1 4  ? 8.393   8.609   2.950   1.00 111.46 ? 399 ALA B O   1 
ATOM   660  C  CB  . ALA B 1 4  ? 7.186   11.266  4.057   1.00 102.46 ? 399 ALA B CB  1 
HETATM 661  N  N   . MSE B 1 5  ? 6.529   7.970   4.067   1.00 132.31 ? 400 MSE B N   1 
HETATM 662  C  CA  . MSE B 1 5  ? 7.006   6.633   4.463   1.00 124.91 ? 400 MSE B CA  1 
HETATM 663  C  C   . MSE B 1 5  ? 7.220   5.618   3.326   1.00 123.57 ? 400 MSE B C   1 
HETATM 664  O  O   . MSE B 1 5  ? 7.685   4.497   3.580   1.00 115.13 ? 400 MSE B O   1 
HETATM 665  C  CB  . MSE B 1 5  ? 5.992   5.979   5.411   1.00 135.10 ? 400 MSE B CB  1 
HETATM 666  C  CG  . MSE B 1 5  ? 4.636   5.636   4.767   1.00 130.88 ? 400 MSE B CG  1 
HETATM 667  SE SE  . MSE B 1 5  ? 3.441   4.659   6.003   1.00 173.57 ? 400 MSE B SE  1 
HETATM 668  C  CE  . MSE B 1 5  ? 3.195   6.052   7.372   1.00 135.71 ? 400 MSE B CE  1 
ATOM   669  N  N   . LEU B 1 6  ? 6.873   6.013   2.092   1.00 124.52 ? 401 LEU B N   1 
ATOM   670  C  CA  . LEU B 1 6  ? 6.884   5.118   0.936   1.00 101.13 ? 401 LEU B CA  1 
ATOM   671  C  C   . LEU B 1 6  ? 8.328   4.657   0.781   1.00 105.33 ? 401 LEU B C   1 
ATOM   672  O  O   . LEU B 1 6  ? 9.232   5.453   0.512   1.00 112.23 ? 401 LEU B O   1 
ATOM   673  C  CB  . LEU B 1 6  ? 6.306   5.801   -0.310  1.00 98.83  ? 401 LEU B CB  1 
ATOM   674  C  CG  . LEU B 1 6  ? 6.934   7.078   -0.894  1.00 107.77 ? 401 LEU B CG  1 
ATOM   675  C  CD1 . LEU B 1 6  ? 8.185   6.817   -1.762  1.00 105.73 ? 401 LEU B CD1 1 
ATOM   676  C  CD2 . LEU B 1 6  ? 5.881   7.881   -1.689  1.00 99.58  ? 401 LEU B CD2 1 
ATOM   677  N  N   . THR B 1 7  ? 8.551   3.369   0.994   1.00 93.13  ? 402 THR B N   1 
ATOM   678  C  CA  . THR B 1 7  ? 9.820   2.720   0.728   1.00 77.27  ? 402 THR B CA  1 
ATOM   679  C  C   . THR B 1 7  ? 9.432   1.376   0.155   1.00 78.12  ? 402 THR B C   1 
ATOM   680  O  O   . THR B 1 7  ? 8.258   1.003   0.172   1.00 85.57  ? 402 THR B O   1 
ATOM   681  C  CB  . THR B 1 7  ? 10.714  2.549   1.958   1.00 82.94  ? 402 THR B CB  1 
ATOM   682  O  OG1 . THR B 1 7  ? 10.009  1.785   2.934   1.00 91.79  ? 402 THR B OG1 1 
ATOM   683  C  CG2 . THR B 1 7  ? 11.086  3.898   2.537   1.00 91.42  ? 402 THR B CG2 1 
ATOM   684  N  N   . PHE B 1 8  ? 10.413  0.632   -0.349  1.00 69.01  ? 403 PHE B N   1 
ATOM   685  C  CA  . PHE B 1 8  ? 10.073  -0.655  -0.938  1.00 79.00  ? 403 PHE B CA  1 
ATOM   686  C  C   . PHE B 1 8  ? 9.409   -1.572  0.085   1.00 78.09  ? 403 PHE B C   1 
ATOM   687  O  O   . PHE B 1 8  ? 8.419   -2.239  -0.224  1.00 83.14  ? 403 PHE B O   1 
ATOM   688  C  CB  . PHE B 1 8  ? 11.310  -1.317  -1.514  1.00 81.34  ? 403 PHE B CB  1 
ATOM   689  C  CG  . PHE B 1 8  ? 11.015  -2.515  -2.368  1.00 81.31  ? 403 PHE B CG  1 
ATOM   690  C  CD1 . PHE B 1 8  ? 10.642  -2.360  -3.698  1.00 70.90  ? 403 PHE B CD1 1 
ATOM   691  C  CD2 . PHE B 1 8  ? 11.117  -3.794  -1.847  1.00 72.06  ? 403 PHE B CD2 1 
ATOM   692  C  CE1 . PHE B 1 8  ? 10.391  -3.468  -4.507  1.00 82.52  ? 403 PHE B CE1 1 
ATOM   693  C  CE2 . PHE B 1 8  ? 10.870  -4.904  -2.643  1.00 83.36  ? 403 PHE B CE2 1 
ATOM   694  C  CZ  . PHE B 1 8  ? 10.502  -4.746  -3.980  1.00 78.12  ? 403 PHE B CZ  1 
ATOM   695  N  N   . ASP B 1 9  ? 9.924   -1.603  1.317   1.00 86.37  ? 404 ASP B N   1 
ATOM   696  C  CA  . ASP B 1 9  ? 9.288   -2.427  2.342   1.00 84.53  ? 404 ASP B CA  1 
ATOM   697  C  C   . ASP B 1 9  ? 7.914   -1.873  2.729   1.00 82.74  ? 404 ASP B C   1 
ATOM   698  O  O   . ASP B 1 9  ? 6.941   -2.631  2.790   1.00 73.56  ? 404 ASP B O   1 
ATOM   699  C  CB  . ASP B 1 9  ? 10.214  -2.552  3.552   1.00 85.45  ? 404 ASP B CB  1 
ATOM   700  C  CG  . ASP B 1 9  ? 11.518  -3.278  3.213   1.00 100.06 ? 404 ASP B CG  1 
ATOM   701  O  OD1 . ASP B 1 9  ? 11.489  -4.213  2.374   1.00 99.15  ? 404 ASP B OD1 1 
ATOM   702  O  OD2 . ASP B 1 9  ? 12.572  -2.909  3.772   1.00 109.18 ? 404 ASP B OD2 1 
ATOM   703  N  N   . ALA B 1 10 ? 7.815   -0.548  2.956   1.00 60.43  ? 405 ALA B N   1 
ATOM   704  C  CA  . ALA B 1 10 ? 6.532   0.083   3.262   1.00 65.47  ? 405 ALA B CA  1 
ATOM   705  C  C   . ALA B 1 10 ? 5.486   -0.187  2.190   1.00 82.88  ? 405 ALA B C   1 
ATOM   706  O  O   . ALA B 1 10 ? 4.309   -0.411  2.504   1.00 76.98  ? 405 ALA B O   1 
ATOM   707  C  CB  . ALA B 1 10 ? 6.720   1.583   3.427   1.00 75.81  ? 405 ALA B CB  1 
ATOM   708  N  N   . LEU B 1 11 ? 5.886   -0.142  0.916   1.00 78.08  ? 406 LEU B N   1 
ATOM   709  C  CA  . LEU B 1 11 ? 4.927   -0.339  -0.165  1.00 76.57  ? 406 LEU B CA  1 
ATOM   710  C  C   . LEU B 1 11 ? 4.455   -1.777  -0.221  1.00 78.98  ? 406 LEU B C   1 
ATOM   711  O  O   . LEU B 1 11 ? 3.257   -2.050  -0.379  1.00 68.86  ? 406 LEU B O   1 
ATOM   712  C  CB  . LEU B 1 11 ? 5.540   0.045   -1.514  1.00 59.50  ? 406 LEU B CB  1 
ATOM   713  C  CG  . LEU B 1 11 ? 5.238   1.437   -2.049  1.00 72.61  ? 406 LEU B CG  1 
ATOM   714  C  CD1 . LEU B 1 11 ? 5.540   2.468   -0.975  1.00 84.87  ? 406 LEU B CD1 1 
ATOM   715  C  CD2 . LEU B 1 11 ? 6.123   1.695   -3.260  1.00 84.44  ? 406 LEU B CD2 1 
ATOM   716  N  N   . ALA B 1 12 ? 5.392   -2.719  -0.148  1.00 78.37  ? 407 ALA B N   1 
ATOM   717  C  CA  . ALA B 1 12 ? 5.003   -4.113  -0.282  1.00 76.19  ? 407 ALA B CA  1 
ATOM   718  C  C   . ALA B 1 12 ? 4.167   -4.559  0.911   1.00 77.46  ? 407 ALA B C   1 
ATOM   719  O  O   . ALA B 1 12 ? 3.258   -5.382  0.755   1.00 68.64  ? 407 ALA B O   1 
ATOM   720  C  CB  . ALA B 1 12 ? 6.243   -4.993  -0.429  1.00 70.50  ? 407 ALA B CB  1 
ATOM   721  N  N   . GLU B 1 13 ? 4.455   -4.019  2.106   1.00 71.03  ? 408 GLU B N   1 
ATOM   722  C  CA  . GLU B 1 13 ? 3.693   -4.414  3.287   1.00 66.80  ? 408 GLU B CA  1 
ATOM   723  C  C   . GLU B 1 13 ? 2.285   -3.851  3.216   1.00 70.99  ? 408 GLU B C   1 
ATOM   724  O  O   . GLU B 1 13 ? 1.303   -4.597  3.373   1.00 74.24  ? 408 GLU B O   1 
ATOM   725  C  CB  . GLU B 1 13 ? 4.388   -3.968  4.581   1.00 67.03  ? 408 GLU B CB  1 
ATOM   726  C  CG  . GLU B 1 13 ? 5.593   -4.833  5.026   1.00 87.35  ? 408 GLU B CG  1 
ATOM   727  C  CD  . GLU B 1 13 ? 5.271   -6.328  5.235   1.00 101.10 ? 408 GLU B CD  1 
ATOM   728  O  OE1 . GLU B 1 13 ? 4.080   -6.699  5.403   1.00 107.86 ? 408 GLU B OE1 1 
ATOM   729  O  OE2 . GLU B 1 13 ? 6.222   -7.143  5.224   1.00 96.66  ? 408 GLU B OE2 1 
ATOM   730  N  N   . THR B 1 14 ? 2.170   -2.535  2.966   1.00 80.35  ? 409 THR B N   1 
ATOM   731  C  CA  . THR B 1 14 ? 0.867   -1.931  2.709   1.00 69.40  ? 409 THR B CA  1 
ATOM   732  C  C   . THR B 1 14 ? 0.098   -2.687  1.641   1.00 72.07  ? 409 THR B C   1 
ATOM   733  O  O   . THR B 1 14 ? -1.094  -2.953  1.803   1.00 69.78  ? 409 THR B O   1 
ATOM   734  C  CB  . THR B 1 14 ? 1.023   -0.487  2.295   1.00 56.49  ? 409 THR B CB  1 
ATOM   735  O  OG1 . THR B 1 14 ? 1.744   0.226   3.315   1.00 72.72  ? 409 THR B OG1 1 
ATOM   736  C  CG2 . THR B 1 14 ? -0.351  0.122   2.146   1.00 68.14  ? 409 THR B CG2 1 
ATOM   737  N  N   . SER B 1 15 ? 0.757   -3.066  0.553   1.00 65.19  ? 410 SER B N   1 
ATOM   738  C  CA  . SER B 1 15 ? 0.037   -3.810  -0.476  1.00 70.67  ? 410 SER B CA  1 
ATOM   739  C  C   . SER B 1 15 ? -0.440  -5.147  0.057   1.00 67.78  ? 410 SER B C   1 
ATOM   740  O  O   . SER B 1 15 ? -1.583  -5.548  -0.197  1.00 82.42  ? 410 SER B O   1 
ATOM   741  C  CB  . SER B 1 15 ? 0.901   -4.031  -1.726  1.00 69.89  ? 410 SER B CB  1 
ATOM   742  O  OG  . SER B 1 15 ? 0.339   -5.050  -2.550  1.00 71.96  ? 410 SER B OG  1 
ATOM   743  N  N   . GLU B 1 16 ? 0.427   -5.869  0.777   1.00 69.09  ? 411 GLU B N   1 
ATOM   744  C  CA  . GLU B 1 16 ? 0.029   -7.174  1.291   1.00 72.67  ? 411 GLU B CA  1 
ATOM   745  C  C   . GLU B 1 16 ? -1.128  -7.045  2.278   1.00 66.02  ? 411 GLU B C   1 
ATOM   746  O  O   . GLU B 1 16 ? -2.019  -7.894  2.295   1.00 66.95  ? 411 GLU B O   1 
ATOM   747  C  CB  . GLU B 1 16 ? 1.208   -7.900  1.935   1.00 78.45  ? 411 GLU B CB  1 
ATOM   748  C  CG  . GLU B 1 16 ? 1.144   -9.433  1.782   1.00 90.60  ? 411 GLU B CG  1 
ATOM   749  C  CD  . GLU B 1 16 ? 2.045   -10.174 2.768   0.50 89.06  ? 411 GLU B CD  1 
ATOM   750  O  OE1 . GLU B 1 16 ? 2.732   -9.517  3.587   0.50 86.98  ? 411 GLU B OE1 1 
ATOM   751  O  OE2 . GLU B 1 16 ? 2.063   -11.422 2.727   0.50 88.22  ? 411 GLU B OE2 1 
ATOM   752  N  N   . PHE B 1 17 ? -1.165  -5.979  3.071   1.00 56.99  ? 412 PHE B N   1 
ATOM   753  C  CA  . PHE B 1 17 ? -2.303  -5.829  3.969   1.00 67.43  ? 412 PHE B CA  1 
ATOM   754  C  C   . PHE B 1 17 ? -3.554  -5.426  3.198   1.00 74.99  ? 412 PHE B C   1 
ATOM   755  O  O   . PHE B 1 17 ? -4.615  -6.050  3.361   1.00 73.05  ? 412 PHE B O   1 
ATOM   756  C  CB  . PHE B 1 17 ? -2.023  -4.814  5.081   1.00 61.29  ? 412 PHE B CB  1 
ATOM   757  C  CG  . PHE B 1 17 ? -3.215  -4.595  5.977   1.00 80.54  ? 412 PHE B CG  1 
ATOM   758  C  CD1 . PHE B 1 17 ? -3.741  -5.649  6.745   1.00 76.07  ? 412 PHE B CD1 1 
ATOM   759  C  CD2 . PHE B 1 17 ? -3.838  -3.356  6.033   1.00 79.34  ? 412 PHE B CD2 1 
ATOM   760  C  CE1 . PHE B 1 17 ? -4.872  -5.442  7.558   1.00 75.63  ? 412 PHE B CE1 1 
ATOM   761  C  CE2 . PHE B 1 17 ? -4.962  -3.143  6.842   1.00 80.81  ? 412 PHE B CE2 1 
ATOM   762  C  CZ  . PHE B 1 17 ? -5.481  -4.186  7.603   1.00 72.03  ? 412 PHE B CZ  1 
ATOM   763  N  N   . ALA B 1 18 ? -3.454  -4.399  2.338   1.00 57.11  ? 413 ALA B N   1 
ATOM   764  C  CA  . ALA B 1 18 ? -4.622  -3.984  1.566   1.00 61.14  ? 413 ALA B CA  1 
ATOM   765  C  C   . ALA B 1 18 ? -5.239  -5.156  0.823   1.00 63.42  ? 413 ALA B C   1 
ATOM   766  O  O   . ALA B 1 18 ? -6.466  -5.231  0.719   1.00 75.17  ? 413 ALA B O   1 
ATOM   767  C  CB  . ALA B 1 18 ? -4.270  -2.855  0.599   1.00 57.16  ? 413 ALA B CB  1 
ATOM   768  N  N   . ARG B 1 19 ? -4.428  -6.124  0.371   1.00 55.51  ? 414 ARG B N   1 
ATOM   769  C  CA  . ARG B 1 19 ? -4.994  -7.282  -0.326  1.00 65.98  ? 414 ARG B CA  1 
ATOM   770  C  C   . ARG B 1 19 ? -5.778  -8.229  0.593   1.00 79.05  ? 414 ARG B C   1 
ATOM   771  O  O   . ARG B 1 19 ? -6.485  -9.103  0.079   1.00 71.39  ? 414 ARG B O   1 
ATOM   772  C  CB  . ARG B 1 19 ? -3.887  -8.069  -1.051  1.00 84.07  ? 414 ARG B CB  1 
ATOM   773  C  CG  . ARG B 1 19 ? -3.189  -7.289  -2.199  1.00 85.16  ? 414 ARG B CG  1 
ATOM   774  C  CD  . ARG B 1 19 ? -2.527  -8.212  -3.244  1.00 91.78  ? 414 ARG B CD  1 
ATOM   775  N  NE  . ARG B 1 19 ? -3.468  -8.649  -4.282  1.00 113.82 ? 414 ARG B NE  1 
ATOM   776  C  CZ  . ARG B 1 19 ? -3.293  -9.701  -5.080  1.00 113.55 ? 414 ARG B CZ  1 
ATOM   777  N  NH1 . ARG B 1 19 ? -2.202  -10.455 -4.969  1.00 109.49 ? 414 ARG B NH1 1 
ATOM   778  N  NH2 . ARG B 1 19 ? -4.217  -10.007 -5.985  1.00 110.47 ? 414 ARG B NH2 1 
ATOM   779  N  N   . LYS B 1 20 ? -5.646  -8.113  1.924   1.00 74.48  ? 415 LYS B N   1 
ATOM   780  C  CA  . LYS B 1 20 ? -6.498  -8.847  2.862   1.00 82.05  ? 415 LYS B CA  1 
ATOM   781  C  C   . LYS B 1 20 ? -7.692  -8.004  3.296   1.00 73.04  ? 415 LYS B C   1 
ATOM   782  O  O   . LYS B 1 20 ? -8.836  -8.483  3.296   1.00 68.92  ? 415 LYS B O   1 
ATOM   783  C  CB  . LYS B 1 20 ? -5.704  -9.263  4.113   1.00 76.17  ? 415 LYS B CB  1 
ATOM   784  C  CG  . LYS B 1 20 ? -4.415  -10.073 3.875   1.00 71.91  ? 415 LYS B CG  1 
ATOM   785  C  CD  . LYS B 1 20 ? -3.784  -10.445 5.226   1.00 79.12  ? 415 LYS B CD  1 
ATOM   786  C  CE  . LYS B 1 20 ? -2.271  -10.381 5.211   1.00 74.01  ? 415 LYS B CE  1 
ATOM   787  N  NZ  . LYS B 1 20 ? -1.731  -11.428 4.332   1.00 88.45  ? 415 LYS B NZ  1 
ATOM   788  N  N   . TRP B 1 21 ? -7.417  -6.742  3.644   1.00 69.59  ? 416 TRP B N   1 
ATOM   789  C  CA  . TRP B 1 21 ? -8.432  -5.824  4.139   1.00 66.49  ? 416 TRP B CA  1 
ATOM   790  C  C   . TRP B 1 21 ? -9.493  -5.525  3.089   1.00 83.42  ? 416 TRP B C   1 
ATOM   791  O  O   . TRP B 1 21 ? -10.694 -5.545  3.394   1.00 74.23  ? 416 TRP B O   1 
ATOM   792  C  CB  . TRP B 1 21 ? -7.765  -4.531  4.568   1.00 65.86  ? 416 TRP B CB  1 
ATOM   793  C  CG  . TRP B 1 21 ? -8.737  -3.492  5.036   1.00 67.19  ? 416 TRP B CG  1 
ATOM   794  C  CD1 . TRP B 1 21 ? -9.107  -2.358  4.378   1.00 75.58  ? 416 TRP B CD1 1 
ATOM   795  C  CD2 . TRP B 1 21 ? -9.475  -3.507  6.260   1.00 75.89  ? 416 TRP B CD2 1 
ATOM   796  N  NE1 . TRP B 1 21 ? -10.014 -1.647  5.134   1.00 74.56  ? 416 TRP B NE1 1 
ATOM   797  C  CE2 . TRP B 1 21 ? -10.258 -2.336  6.293   1.00 77.41  ? 416 TRP B CE2 1 
ATOM   798  C  CE3 . TRP B 1 21 ? -9.559  -4.408  7.330   1.00 74.93  ? 416 TRP B CE3 1 
ATOM   799  C  CZ2 . TRP B 1 21 ? -11.118 -2.039  7.352   1.00 81.45  ? 416 TRP B CZ2 1 
ATOM   800  C  CZ3 . TRP B 1 21 ? -10.393 -4.102  8.390   1.00 71.99  ? 416 TRP B CZ3 1 
ATOM   801  C  CH2 . TRP B 1 21 ? -11.163 -2.927  8.394   1.00 85.22  ? 416 TRP B CH2 1 
ATOM   802  N  N   . VAL B 1 22 ? -9.070  -5.190  1.862   1.00 74.40  ? 417 VAL B N   1 
ATOM   803  C  CA  . VAL B 1 22 ? -10.033 -4.783  0.832   1.00 77.40  ? 417 VAL B CA  1 
ATOM   804  C  C   . VAL B 1 22 ? -11.074 -5.862  0.572   1.00 71.12  ? 417 VAL B C   1 
ATOM   805  O  O   . VAL B 1 22 ? -12.279 -5.563  0.657   1.00 70.39  ? 417 VAL B O   1 
ATOM   806  C  CB  . VAL B 1 22 ? -9.294  -4.338  -0.445  1.00 78.14  ? 417 VAL B CB  1 
ATOM   807  C  CG1 . VAL B 1 22 ? -10.287 -4.198  -1.587  1.00 65.48  ? 417 VAL B CG1 1 
ATOM   808  C  CG2 . VAL B 1 22 ? -8.548  -3.026  -0.180  1.00 68.86  ? 417 VAL B CG2 1 
ATOM   809  N  N   . PRO B 1 23 ? -10.708 -7.120  0.290   1.00 69.20  ? 418 PRO B N   1 
ATOM   810  C  CA  . PRO B 1 23 ? -11.743 -8.170  0.231   1.00 71.62  ? 418 PRO B CA  1 
ATOM   811  C  C   . PRO B 1 23 ? -12.602 -8.222  1.490   1.00 82.58  ? 418 PRO B C   1 
ATOM   812  O  O   . PRO B 1 23 ? -13.836 -8.230  1.393   1.00 74.69  ? 418 PRO B O   1 
ATOM   813  C  CB  . PRO B 1 23 ? -10.938 -9.471  0.054   1.00 61.15  ? 418 PRO B CB  1 
ATOM   814  C  CG  . PRO B 1 23 ? -9.594  -9.059  -0.362  1.00 81.02  ? 418 PRO B CG  1 
ATOM   815  C  CD  . PRO B 1 23 ? -9.355  -7.649  0.075   1.00 68.65  ? 418 PRO B CD  1 
ATOM   816  N  N   . PHE B 1 24 ? -11.970 -8.217  2.677   1.00 77.50  ? 419 PHE B N   1 
ATOM   817  C  CA  . PHE B 1 24 ? -12.713 -8.323  3.931   1.00 76.44  ? 419 PHE B CA  1 
ATOM   818  C  C   . PHE B 1 24 ? -13.829 -7.282  4.003   1.00 74.37  ? 419 PHE B C   1 
ATOM   819  O  O   . PHE B 1 24 ? -14.989 -7.620  4.283   1.00 66.77  ? 419 PHE B O   1 
ATOM   820  C  CB  . PHE B 1 24 ? -11.743 -8.175  5.103   1.00 71.47  ? 419 PHE B CB  1 
ATOM   821  C  CG  . PHE B 1 24 ? -12.406 -8.119  6.450   1.00 73.40  ? 419 PHE B CG  1 
ATOM   822  C  CD1 . PHE B 1 24 ? -12.872 -9.279  7.062   1.00 71.06  ? 419 PHE B CD1 1 
ATOM   823  C  CD2 . PHE B 1 24 ? -12.562 -6.913  7.112   1.00 62.95  ? 419 PHE B CD2 1 
ATOM   824  C  CE1 . PHE B 1 24 ? -13.466 -9.224  8.296   1.00 64.32  ? 419 PHE B CE1 1 
ATOM   825  C  CE2 . PHE B 1 24 ? -13.164 -6.861  8.348   1.00 72.12  ? 419 PHE B CE2 1 
ATOM   826  C  CZ  . PHE B 1 24 ? -13.613 -8.017  8.937   1.00 61.60  ? 419 PHE B CZ  1 
ATOM   827  N  N   . VAL B 1 25 ? -13.494 -6.020  3.725   1.00 59.66  ? 420 VAL B N   1 
ATOM   828  C  CA  . VAL B 1 25 ? -14.477 -4.944  3.709   1.00 70.38  ? 420 VAL B CA  1 
ATOM   829  C  C   . VAL B 1 25 ? -15.633 -5.276  2.762   1.00 84.86  ? 420 VAL B C   1 
ATOM   830  O  O   . VAL B 1 25 ? -16.797 -5.298  3.176   1.00 71.52  ? 420 VAL B O   1 
ATOM   831  C  CB  . VAL B 1 25 ? -13.787 -3.616  3.342   1.00 73.49  ? 420 VAL B CB  1 
ATOM   832  C  CG1 . VAL B 1 25 ? -14.798 -2.505  3.077   1.00 66.81  ? 420 VAL B CG1 1 
ATOM   833  C  CG2 . VAL B 1 25 ? -12.833 -3.238  4.449   1.00 70.52  ? 420 VAL B CG2 1 
ATOM   834  N  N   . LYS B 1 26 ? -15.329 -5.603  1.499   1.00 76.52  ? 421 LYS B N   1 
ATOM   835  C  CA  . LYS B 1 26 ? -16.405 -5.876  0.544   1.00 81.84  ? 421 LYS B CA  1 
ATOM   836  C  C   . LYS B 1 26 ? -17.300 -7.025  1.007   1.00 79.46  ? 421 LYS B C   1 
ATOM   837  O  O   . LYS B 1 26 ? -18.530 -6.943  0.908   1.00 85.23  ? 421 LYS B O   1 
ATOM   838  C  CB  . LYS B 1 26 ? -15.826 -6.187  -0.836  1.00 80.30  ? 421 LYS B CB  1 
ATOM   839  C  CG  . LYS B 1 26 ? -15.610 -4.969  -1.726  1.00 91.08  ? 421 LYS B CG  1 
ATOM   840  C  CD  . LYS B 1 26 ? -15.296 -5.417  -3.159  1.00 100.80 ? 421 LYS B CD  1 
ATOM   841  C  CE  . LYS B 1 26 ? -15.450 -4.287  -4.178  1.00 116.71 ? 421 LYS B CE  1 
ATOM   842  N  NZ  . LYS B 1 26 ? -15.240 -4.763  -5.593  1.00 116.97 ? 421 LYS B NZ  1 
ATOM   843  N  N   . LYS B 1 27 ? -16.707 -8.099  1.524   1.00 74.88  ? 422 LYS B N   1 
ATOM   844  C  CA  . LYS B 1 27 ? -17.497 -9.282  1.849   1.00 74.04  ? 422 LYS B CA  1 
ATOM   845  C  C   . LYS B 1 27 ? -18.496 -9.002  2.967   1.00 78.19  ? 422 LYS B C   1 
ATOM   846  O  O   . LYS B 1 27 ? -19.633 -9.467  2.902   1.00 77.28  ? 422 LYS B O   1 
ATOM   847  C  CB  . LYS B 1 27 ? -16.595 -10.450 2.230   1.00 80.92  ? 422 LYS B CB  1 
ATOM   848  C  CG  . LYS B 1 27 ? -17.392 -11.707 2.518   1.00 77.80  ? 422 LYS B CG  1 
ATOM   849  C  CD  . LYS B 1 27 ? -16.508 -12.901 2.791   1.00 73.82  ? 422 LYS B CD  1 
ATOM   850  C  CE  . LYS B 1 27 ? -17.376 -14.110 3.146   1.00 81.30  ? 422 LYS B CE  1 
ATOM   851  N  NZ  . LYS B 1 27 ? -16.551 -15.319 3.470   1.00 96.82  ? 422 LYS B NZ  1 
ATOM   852  N  N   . TYR B 1 28 ? -18.096 -8.255  3.996   1.00 77.34  ? 423 TYR B N   1 
ATOM   853  C  CA  . TYR B 1 28 ? -18.949 -8.015  5.157   1.00 74.54  ? 423 TYR B CA  1 
ATOM   854  C  C   . TYR B 1 28 ? -19.443 -6.571  5.246   1.00 85.47  ? 423 TYR B C   1 
ATOM   855  O  O   . TYR B 1 28 ? -19.978 -6.167  6.294   1.00 85.69  ? 423 TYR B O   1 
ATOM   856  C  CB  . TYR B 1 28 ? -18.218 -8.419  6.441   1.00 71.20  ? 423 TYR B CB  1 
ATOM   857  C  CG  . TYR B 1 28 ? -17.708 -9.853  6.411   1.00 74.63  ? 423 TYR B CG  1 
ATOM   858  C  CD1 . TYR B 1 28 ? -18.602 -10.940 6.413   1.00 70.98  ? 423 TYR B CD1 1 
ATOM   859  C  CD2 . TYR B 1 28 ? -16.338 -10.131 6.381   1.00 70.15  ? 423 TYR B CD2 1 
ATOM   860  C  CE1 . TYR B 1 28 ? -18.133 -12.265 6.400   1.00 67.24  ? 423 TYR B CE1 1 
ATOM   861  C  CE2 . TYR B 1 28 ? -15.866 -11.462 6.348   1.00 68.63  ? 423 TYR B CE2 1 
ATOM   862  C  CZ  . TYR B 1 28 ? -16.769 -12.510 6.358   1.00 69.13  ? 423 TYR B CZ  1 
ATOM   863  O  OH  . TYR B 1 28 ? -16.304 -13.796 6.328   1.00 68.82  ? 423 TYR B OH  1 
ATOM   864  N  N   . ASN B 1 29 ? -19.280 -5.793  4.179   1.00 79.87  ? 424 ASN B N   1 
ATOM   865  C  CA  . ASN B 1 29 ? -19.802 -4.432  4.091   1.00 79.12  ? 424 ASN B CA  1 
ATOM   866  C  C   . ASN B 1 29 ? -19.423 -3.626  5.338   1.00 82.06  ? 424 ASN B C   1 
ATOM   867  O  O   . ASN B 1 29 ? -20.249 -3.027  6.030   1.00 86.77  ? 424 ASN B O   1 
ATOM   868  C  CB  . ASN B 1 29 ? -21.313 -4.446  3.823   1.00 89.00  ? 424 ASN B CB  1 
ATOM   869  C  CG  . ASN B 1 29 ? -21.686 -5.199  2.510   1.00 101.42 ? 424 ASN B CG  1 
ATOM   870  O  OD1 . ASN B 1 29 ? -21.395 -4.731  1.391   1.00 108.22 ? 424 ASN B OD1 1 
ATOM   871  N  ND2 . ASN B 1 29 ? -22.305 -6.375  2.653   1.00 97.58  ? 424 ASN B ND2 1 
ATOM   872  N  N   . ILE B 1 30 ? -18.113 -3.617  5.591   1.00 71.47  ? 425 ILE B N   1 
ATOM   873  C  CA  . ILE B 1 30 ? -17.546 -3.005  6.789   1.00 83.87  ? 425 ILE B CA  1 
ATOM   874  C  C   . ILE B 1 30 ? -17.678 -1.488  6.711   1.00 77.32  ? 425 ILE B C   1 
ATOM   875  O  O   . ILE B 1 30 ? -17.351 -0.867  5.695   1.00 83.49  ? 425 ILE B O   1 
ATOM   876  C  CB  . ILE B 1 30 ? -16.080 -3.450  6.950   1.00 67.29  ? 425 ILE B CB  1 
ATOM   877  C  CG1 . ILE B 1 30 ? -16.033 -4.943  7.263   1.00 68.92  ? 425 ILE B CG1 1 
ATOM   878  C  CG2 . ILE B 1 30 ? -15.382 -2.686  8.053   1.00 69.33  ? 425 ILE B CG2 1 
ATOM   879  C  CD1 . ILE B 1 30 ? -16.624 -5.291  8.608   1.00 61.58  ? 425 ILE B CD1 1 
ATOM   880  N  N   . GLU B 1 31 ? -18.150 -0.887  7.792   1.00 82.33  ? 426 GLU B N   1 
ATOM   881  C  CA  . GLU B 1 31 ? -18.344 0.549   7.900   1.00 75.42  ? 426 GLU B CA  1 
ATOM   882  C  C   . GLU B 1 31 ? -17.760 1.017   9.255   1.00 81.74  ? 426 GLU B C   1 
ATOM   883  O  O   . GLU B 1 31 ? -18.003 0.397   10.286  1.00 81.55  ? 426 GLU B O   1 
ATOM   884  C  CB  . GLU B 1 31 ? -19.847 0.909   7.773   1.00 90.75  ? 426 GLU B CB  1 
ATOM   885  C  CG  . GLU B 1 31 ? -20.752 0.309   8.926   1.00 102.52 ? 426 GLU B CG  1 
ATOM   886  C  CD  . GLU B 1 31 ? -22.266 0.533   8.788   0.50 93.07  ? 426 GLU B CD  1 
ATOM   887  O  OE1 . GLU B 1 31 ? -22.717 1.417   8.024   0.50 92.74  ? 426 GLU B OE1 1 
ATOM   888  O  OE2 . GLU B 1 31 ? -23.010 -0.210  9.454   0.50 92.24  ? 426 GLU B OE2 1 
ATOM   889  N  N   . PRO B 1 32 ? -16.912 2.058   9.255   1.00 82.09  ? 427 PRO B N   1 
ATOM   890  C  CA  . PRO B 1 32 ? -16.312 2.624   8.050   1.00 91.17  ? 427 PRO B CA  1 
ATOM   891  C  C   . PRO B 1 32 ? -15.218 1.729   7.495   1.00 86.07  ? 427 PRO B C   1 
ATOM   892  O  O   . PRO B 1 32 ? -14.895 0.694   8.084   1.00 88.50  ? 427 PRO B O   1 
ATOM   893  C  CB  . PRO B 1 32 ? -15.717 3.946   8.535   1.00 91.85  ? 427 PRO B CB  1 
ATOM   894  C  CG  . PRO B 1 32 ? -15.316 3.663   9.935   1.00 87.68  ? 427 PRO B CG  1 
ATOM   895  C  CD  . PRO B 1 32 ? -16.412 2.723   10.476  1.00 83.77  ? 427 PRO B CD  1 
ATOM   896  N  N   . ARG B 1 33 ? -14.641 2.142   6.374   1.00 82.36  ? 428 ARG B N   1 
ATOM   897  C  CA  . ARG B 1 33 ? -13.683 1.309   5.667   1.00 80.13  ? 428 ARG B CA  1 
ATOM   898  C  C   . ARG B 1 33 ? -12.230 1.499   6.123   1.00 79.20  ? 428 ARG B C   1 
ATOM   899  O  O   . ARG B 1 33 ? -11.403 0.620   5.866   1.00 79.23  ? 428 ARG B O   1 
ATOM   900  C  CB  . ARG B 1 33 ? -13.827 1.555   4.163   1.00 83.67  ? 428 ARG B CB  1 
ATOM   901  C  CG  . ARG B 1 33 ? -15.287 1.432   3.687   1.00 86.22  ? 428 ARG B CG  1 
ATOM   902  C  CD  . ARG B 1 33 ? -15.421 1.337   2.158   1.00 84.30  ? 428 ARG B CD  1 
ATOM   903  N  NE  . ARG B 1 33 ? -15.112 2.606   1.494   1.00 87.67  ? 428 ARG B NE  1 
ATOM   904  C  CZ  . ARG B 1 33 ? -14.927 2.758   0.187   1.00 87.06  ? 428 ARG B CZ  1 
ATOM   905  N  NH1 . ARG B 1 33 ? -15.015 1.712   -0.635  1.00 81.64  ? 428 ARG B NH1 1 
ATOM   906  N  NH2 . ARG B 1 33 ? -14.653 3.962   -0.292  1.00 108.66 ? 428 ARG B NH2 1 
ATOM   907  N  N   . ALA B 1 34 ? -11.894 2.587   6.813   1.00 66.96  ? 429 ALA B N   1 
ATOM   908  C  CA  . ALA B 1 34 ? -10.524 2.753   7.286   1.00 69.84  ? 429 ALA B CA  1 
ATOM   909  C  C   . ALA B 1 34 ? -10.288 1.830   8.479   1.00 88.99  ? 429 ALA B C   1 
ATOM   910  O  O   . ALA B 1 34 ? -11.058 1.869   9.447   1.00 81.81  ? 429 ALA B O   1 
ATOM   911  C  CB  . ALA B 1 34 ? -10.241 4.205   7.662   1.00 71.28  ? 429 ALA B CB  1 
ATOM   912  N  N   . PRO B 1 35 ? -9.248  0.989   8.449   1.00 83.10  ? 430 PRO B N   1 
ATOM   913  C  CA  . PRO B 1 35 ? -9.128  -0.052  9.484   1.00 72.76  ? 430 PRO B CA  1 
ATOM   914  C  C   . PRO B 1 35 ? -8.836  0.508   10.855  1.00 85.22  ? 430 PRO B C   1 
ATOM   915  O  O   . PRO B 1 35 ? -9.248  -0.092  11.856  1.00 88.45  ? 430 PRO B O   1 
ATOM   916  C  CB  . PRO B 1 35 ? -7.975  -0.928  8.974   1.00 79.73  ? 430 PRO B CB  1 
ATOM   917  C  CG  . PRO B 1 35 ? -7.145  -0.018  8.153   1.00 83.33  ? 430 PRO B CG  1 
ATOM   918  C  CD  . PRO B 1 35 ? -8.098  0.995   7.531   1.00 86.18  ? 430 PRO B CD  1 
ATOM   919  N  N   . GLU B 1 36 ? -8.146  1.644   10.936  1.00 86.06  ? 431 GLU B N   1 
ATOM   920  C  CA  . GLU B 1 36 ? -7.931  2.264   12.234  1.00 82.15  ? 431 GLU B CA  1 
ATOM   921  C  C   . GLU B 1 36 ? -9.251  2.708   12.851  1.00 94.61  ? 431 GLU B C   1 
ATOM   922  O  O   . GLU B 1 36 ? -9.529  2.396   14.011  1.00 97.70  ? 431 GLU B O   1 
ATOM   923  C  CB  . GLU B 1 36 ? -6.977  3.448   12.113  1.00 90.24  ? 431 GLU B CB  1 
ATOM   924  C  CG  . GLU B 1 36 ? -6.635  4.044   13.449  1.00 86.23  ? 431 GLU B CG  1 
ATOM   925  C  CD  . GLU B 1 36 ? -5.737  3.130   14.280  1.00 100.63 ? 431 GLU B CD  1 
ATOM   926  O  OE1 . GLU B 1 36 ? -5.168  2.164   13.717  1.00 99.07  ? 431 GLU B OE1 1 
ATOM   927  O  OE2 . GLU B 1 36 ? -5.600  3.380   15.501  1.00 106.85 ? 431 GLU B OE2 1 
ATOM   928  N  N   . TRP B 1 37 ? -10.079 3.441   12.089  1.00 85.75  ? 432 TRP B N   1 
ATOM   929  C  CA  . TRP B 1 37 ? -11.351 3.922   12.636  1.00 83.60  ? 432 TRP B CA  1 
ATOM   930  C  C   . TRP B 1 37 ? -12.275 2.758   12.990  1.00 89.98  ? 432 TRP B C   1 
ATOM   931  O  O   . TRP B 1 37 ? -12.931 2.784   14.036  1.00 97.72  ? 432 TRP B O   1 
ATOM   932  C  CB  . TRP B 1 37 ? -12.039 4.887   11.655  1.00 86.97  ? 432 TRP B CB  1 
ATOM   933  C  CG  . TRP B 1 37 ? -11.187 6.066   11.229  0.50 84.48  ? 432 TRP B CG  1 
ATOM   934  C  CD1 . TRP B 1 37 ? -10.044 6.517   11.834  0.50 76.78  ? 432 TRP B CD1 1 
ATOM   935  C  CD2 . TRP B 1 37 ? -11.402 6.925   10.096  0.50 84.78  ? 432 TRP B CD2 1 
ATOM   936  N  NE1 . TRP B 1 37 ? -9.543  7.601   11.156  0.50 78.48  ? 432 TRP B NE1 1 
ATOM   937  C  CE2 . TRP B 1 37 ? -10.352 7.870   10.083  0.50 78.49  ? 432 TRP B CE2 1 
ATOM   938  C  CE3 . TRP B 1 37 ? -12.378 6.986   9.089   0.50 82.76  ? 432 TRP B CE3 1 
ATOM   939  C  CZ2 . TRP B 1 37 ? -10.252 8.865   9.109   0.50 81.02  ? 432 TRP B CZ2 1 
ATOM   940  C  CZ3 . TRP B 1 37 ? -12.278 7.981   8.119   0.50 80.58  ? 432 TRP B CZ3 1 
ATOM   941  C  CH2 . TRP B 1 37 ? -11.223 8.906   8.138   0.50 84.68  ? 432 TRP B CH2 1 
ATOM   942  N  N   . TYR B 1 38 ? -12.306 1.716   12.157  1.00 78.67  ? 433 TYR B N   1 
ATOM   943  C  CA  . TYR B 1 38 ? -13.212 0.588   12.370  1.00 86.30  ? 433 TYR B CA  1 
ATOM   944  C  C   . TYR B 1 38 ? -12.925 -0.143  13.684  1.00 93.97  ? 433 TYR B C   1 
ATOM   945  O  O   . TYR B 1 38 ? -13.822 -0.318  14.520  1.00 94.30  ? 433 TYR B O   1 
ATOM   946  C  CB  . TYR B 1 38 ? -13.133 -0.388  11.188  1.00 83.04  ? 433 TYR B CB  1 
ATOM   947  C  CG  . TYR B 1 38 ? -13.893 -1.677  11.421  1.00 79.89  ? 433 TYR B CG  1 
ATOM   948  C  CD1 . TYR B 1 38 ? -15.289 -1.705  11.372  1.00 77.41  ? 433 TYR B CD1 1 
ATOM   949  C  CD2 . TYR B 1 38 ? -13.223 -2.856  11.705  1.00 71.33  ? 433 TYR B CD2 1 
ATOM   950  C  CE1 . TYR B 1 38 ? -15.999 -2.876  11.588  1.00 69.56  ? 433 TYR B CE1 1 
ATOM   951  C  CE2 . TYR B 1 38 ? -13.918 -4.031  11.921  1.00 76.91  ? 433 TYR B CE2 1 
ATOM   952  C  CZ  . TYR B 1 38 ? -15.307 -4.032  11.874  1.00 72.82  ? 433 TYR B CZ  1 
ATOM   953  O  OH  . TYR B 1 38 ? -15.993 -5.216  12.096  1.00 71.42  ? 433 TYR B OH  1 
ATOM   954  N  N   . PHE B 1 39 ? -11.688 -0.611  13.875  1.00 84.53  ? 434 PHE B N   1 
ATOM   955  C  CA  . PHE B 1 39 ? -11.409 -1.367  15.094  1.00 87.40  ? 434 PHE B CA  1 
ATOM   956  C  C   . PHE B 1 39 ? -11.429 -0.467  16.323  1.00 96.79  ? 434 PHE B C   1 
ATOM   957  O  O   . PHE B 1 39 ? -11.731 -0.936  17.427  1.00 103.84 ? 434 PHE B O   1 
ATOM   958  C  CB  . PHE B 1 39 ? -10.066 -2.100  14.976  1.00 70.54  ? 434 PHE B CB  1 
ATOM   959  C  CG  . PHE B 1 39 ? -10.093 -3.262  14.013  1.00 77.08  ? 434 PHE B CG  1 
ATOM   960  C  CD1 . PHE B 1 39 ? -10.900 -4.369  14.263  1.00 58.16  ? 434 PHE B CD1 1 
ATOM   961  C  CD2 . PHE B 1 39 ? -9.314  -3.242  12.850  1.00 72.80  ? 434 PHE B CD2 1 
ATOM   962  C  CE1 . PHE B 1 39 ? -10.933 -5.438  13.377  1.00 66.91  ? 434 PHE B CE1 1 
ATOM   963  C  CE2 . PHE B 1 39 ? -9.333  -4.317  11.941  1.00 59.51  ? 434 PHE B CE2 1 
ATOM   964  C  CZ  . PHE B 1 39 ? -10.149 -5.416  12.207  1.00 71.04  ? 434 PHE B CZ  1 
ATOM   965  N  N   . SER B 1 40 ? -11.146 0.830   16.155  1.00 96.90  ? 435 SER B N   1 
ATOM   966  C  CA  . SER B 1 40 ? -11.119 1.729   17.304  1.00 104.57 ? 435 SER B CA  1 
ATOM   967  C  C   . SER B 1 40 ? -12.508 2.139   17.765  1.00 108.68 ? 435 SER B C   1 
ATOM   968  O  O   . SER B 1 40 ? -12.723 2.403   18.953  1.00 109.16 ? 435 SER B O   1 
ATOM   969  C  CB  . SER B 1 40 ? -10.340 2.995   16.967  1.00 104.76 ? 435 SER B CB  1 
ATOM   970  O  OG  . SER B 1 40 ? -8.950  2.724   16.970  1.00 112.79 ? 435 SER B OG  1 
ATOM   971  N  N   . GLN B 1 41 ? -13.464 2.207   16.841  1.00 112.94 ? 436 GLN B N   1 
ATOM   972  C  CA  . GLN B 1 41 ? -14.841 2.422   17.247  1.00 103.45 ? 436 GLN B CA  1 
ATOM   973  C  C   . GLN B 1 41 ? -15.276 1.099   17.872  1.00 115.09 ? 436 GLN B C   1 
ATOM   974  O  O   . GLN B 1 41 ? -15.477 0.083   17.199  1.00 115.73 ? 436 GLN B O   1 
ATOM   975  C  CB  . GLN B 1 41 ? -15.711 2.879   16.072  1.00 102.86 ? 436 GLN B CB  1 
ATOM   976  C  CG  . GLN B 1 41 ? -16.435 1.820   15.240  1.00 110.45 ? 436 GLN B CG  1 
ATOM   977  C  CD  . GLN B 1 41 ? -17.402 2.424   14.241  1.00 113.00 ? 436 GLN B CD  1 
ATOM   978  O  OE1 . GLN B 1 41 ? -17.706 3.620   14.296  1.00 112.33 ? 436 GLN B OE1 1 
ATOM   979  N  NE2 . GLN B 1 41 ? -17.909 1.594   13.331  1.00 104.54 ? 436 GLN B NE2 1 
ATOM   980  N  N   . LYS B 1 42 ? -15.308 1.082   19.200  1.00 120.71 ? 437 LYS B N   1 
ATOM   981  C  CA  . LYS B 1 42 ? -15.780 -0.087  19.916  1.00 120.23 ? 437 LYS B CA  1 
ATOM   982  C  C   . LYS B 1 42 ? -17.294 -0.020  20.111  1.00 128.15 ? 437 LYS B C   1 
ATOM   983  O  O   . LYS B 1 42 ? -17.827 -0.692  21.002  1.00 127.23 ? 437 LYS B O   1 
ATOM   984  C  CB  . LYS B 1 42 ? -15.045 -0.213  21.251  1.00 114.83 ? 437 LYS B CB  1 
ATOM   985  C  CG  . LYS B 1 42 ? -13.561 -0.591  21.106  1.00 113.48 ? 437 LYS B CG  1 
ATOM   986  C  CD  . LYS B 1 42 ? -13.191 -1.763  22.024  1.00 116.84 ? 437 LYS B CD  1 
ATOM   987  C  CE  . LYS B 1 42 ? -11.753 -2.253  21.806  1.00 104.37 ? 437 LYS B CE  1 
ATOM   988  N  NZ  . LYS B 1 42 ? -10.917 -1.208  21.151  1.00 118.94 ? 437 LYS B NZ  1 
ATOM   989  N  N   . ILE B 1 43 ? -17.990 0.784   19.291  1.00 125.77 ? 438 ILE B N   1 
ATOM   990  C  CA  . ILE B 1 43 ? -19.440 0.711   19.138  1.00 113.87 ? 438 ILE B CA  1 
ATOM   991  C  C   . ILE B 1 43 ? -19.690 -0.740  18.749  1.00 120.03 ? 438 ILE B C   1 
ATOM   992  O  O   . ILE B 1 43 ? -19.104 -1.232  17.782  1.00 124.65 ? 438 ILE B O   1 
ATOM   993  C  CB  . ILE B 1 43 ? -19.959 1.707   18.081  0.00 115.81 ? 438 ILE B CB  1 
ATOM   994  C  CG1 . ILE B 1 43 ? -19.997 3.160   18.598  0.00 115.23 ? 438 ILE B CG1 1 
ATOM   995  C  CG2 . ILE B 1 43 ? -21.323 1.281   17.569  0.00 115.28 ? 438 ILE B CG2 1 
ATOM   996  C  CD1 . ILE B 1 43 ? -18.668 3.779   19.011  0.00 114.77 ? 438 ILE B CD1 1 
ATOM   997  N  N   . ASP B 1 44 ? -20.572 -1.435  19.472  1.00 116.85 ? 439 ASP B N   1 
ATOM   998  C  CA  . ASP B 1 44 ? -20.633 -2.890  19.342  1.00 116.86 ? 439 ASP B CA  1 
ATOM   999  C  C   . ASP B 1 44 ? -21.141 -3.250  17.941  1.00 110.84 ? 439 ASP B C   1 
ATOM   1000 O  O   . ASP B 1 44 ? -22.294 -3.006  17.565  1.00 105.92 ? 439 ASP B O   1 
ATOM   1001 C  CB  . ASP B 1 44 ? -21.446 -3.516  20.483  1.00 128.98 ? 439 ASP B CB  1 
ATOM   1002 C  CG  . ASP B 1 44 ? -20.568 -3.858  21.708  1.00 132.69 ? 439 ASP B CG  1 
ATOM   1003 O  OD1 . ASP B 1 44 ? -19.322 -3.838  21.573  1.00 123.49 ? 439 ASP B OD1 1 
ATOM   1004 O  OD2 . ASP B 1 44 ? -21.116 -4.136  22.802  1.00 140.53 ? 439 ASP B OD2 1 
ATOM   1005 N  N   . TYR B 1 45 ? -20.215 -3.856  17.191  1.00 100.87 ? 440 TYR B N   1 
ATOM   1006 C  CA  . TYR B 1 45 ? -20.068 -4.105  15.760  1.00 93.35  ? 440 TYR B CA  1 
ATOM   1007 C  C   . TYR B 1 45 ? -20.740 -5.364  15.250  1.00 100.67 ? 440 TYR B C   1 
ATOM   1008 O  O   . TYR B 1 45 ? -20.363 -5.844  14.168  1.00 76.81  ? 440 TYR B O   1 
ATOM   1009 C  CB  . TYR B 1 45 ? -18.577 -4.240  15.426  1.00 85.70  ? 440 TYR B CB  1 
ATOM   1010 C  CG  . TYR B 1 45 ? -17.975 -5.329  16.293  1.00 85.95  ? 440 TYR B CG  1 
ATOM   1011 C  CD1 . TYR B 1 45 ? -17.537 -5.051  17.585  1.00 103.55 ? 440 TYR B CD1 1 
ATOM   1012 C  CD2 . TYR B 1 45 ? -17.921 -6.643  15.866  1.00 84.46  ? 440 TYR B CD2 1 
ATOM   1013 C  CE1 . TYR B 1 45 ? -17.029 -6.052  18.407  1.00 83.37  ? 440 TYR B CE1 1 
ATOM   1014 C  CE2 . TYR B 1 45 ? -17.424 -7.653  16.685  1.00 82.53  ? 440 TYR B CE2 1 
ATOM   1015 C  CZ  . TYR B 1 45 ? -16.976 -7.348  17.955  1.00 83.01  ? 440 TYR B CZ  1 
ATOM   1016 O  OH  . TYR B 1 45 ? -16.461 -8.345  18.774  1.00 99.30  ? 440 TYR B OH  1 
ATOM   1017 N  N   . LEU B 1 46 ? -21.633 -5.994  15.990  1.00 98.92  ? 441 LEU B N   1 
ATOM   1018 C  CA  . LEU B 1 46 ? -22.269 -7.193  15.451  1.00 85.15  ? 441 LEU B CA  1 
ATOM   1019 C  C   . LEU B 1 46 ? -23.593 -6.895  14.765  1.00 84.84  ? 441 LEU B C   1 
ATOM   1020 O  O   . LEU B 1 46 ? -24.107 -7.763  14.057  1.00 89.65  ? 441 LEU B O   1 
ATOM   1021 C  CB  . LEU B 1 46 ? -22.453 -8.241  16.546  1.00 83.54  ? 441 LEU B CB  1 
ATOM   1022 C  CG  . LEU B 1 46 ? -21.119 -8.878  16.936  1.00 79.85  ? 441 LEU B CG  1 
ATOM   1023 C  CD1 . LEU B 1 46 ? -21.204 -9.648  18.244  1.00 88.84  ? 441 LEU B CD1 1 
ATOM   1024 C  CD2 . LEU B 1 46 ? -20.645 -9.784  15.826  1.00 80.70  ? 441 LEU B CD2 1 
ATOM   1025 N  N   . LYS B 1 47 ? -24.129 -5.682  14.924  1.00 89.99  ? 442 LYS B N   1 
ATOM   1026 C  CA  . LYS B 1 47 ? -25.430 -5.354  14.363  1.00 97.28  ? 442 LYS B CA  1 
ATOM   1027 C  C   . LYS B 1 47 ? -25.395 -5.559  12.860  1.00 98.52  ? 442 LYS B C   1 
ATOM   1028 O  O   . LYS B 1 47 ? -24.457 -5.133  12.180  1.00 98.65  ? 442 LYS B O   1 
ATOM   1029 C  CB  . LYS B 1 47 ? -25.819 -3.920  14.729  1.00 101.73 ? 442 LYS B CB  1 
ATOM   1030 C  CG  . LYS B 1 47 ? -26.150 -3.733  16.211  1.00 114.01 ? 442 LYS B CG  1 
ATOM   1031 C  CD  . LYS B 1 47 ? -26.604 -2.308  16.540  1.00 121.81 ? 442 LYS B CD  1 
ATOM   1032 C  CE  . LYS B 1 47 ? -27.007 -2.174  18.012  1.00 123.65 ? 442 LYS B CE  1 
ATOM   1033 N  NZ  . LYS B 1 47 ? -27.338 -0.765  18.369  1.00 129.66 ? 442 LYS B NZ  1 
ATOM   1034 N  N   . ASP B 1 48 ? -26.402 -6.260  12.355  1.00 102.80 ? 443 ASP B N   1 
ATOM   1035 C  CA  . ASP B 1 48 ? -26.636 -6.430  10.928  1.00 92.26  ? 443 ASP B CA  1 
ATOM   1036 C  C   . ASP B 1 48 ? -25.579 -7.286  10.239  1.00 95.88  ? 443 ASP B C   1 
ATOM   1037 O  O   . ASP B 1 48 ? -25.551 -7.326  9.006   1.00 100.67 ? 443 ASP B O   1 
ATOM   1038 C  CB  . ASP B 1 48 ? -26.695 -5.069  10.217  1.00 107.79 ? 443 ASP B CB  1 
ATOM   1039 C  CG  . ASP B 1 48 ? -27.718 -4.119  10.836  1.00 115.17 ? 443 ASP B CG  1 
ATOM   1040 O  OD1 . ASP B 1 48 ? -28.440 -4.530  11.771  1.00 112.83 ? 443 ASP B OD1 1 
ATOM   1041 O  OD2 . ASP B 1 48 ? -27.809 -2.960  10.364  1.00 112.73 ? 443 ASP B OD2 1 
ATOM   1042 N  N   . LYS B 1 49 ? -24.709 -7.980  10.973  1.00 89.89  ? 444 LYS B N   1 
ATOM   1043 C  CA  . LYS B 1 49 ? -23.819 -8.942  10.328  1.00 85.48  ? 444 LYS B CA  1 
ATOM   1044 C  C   . LYS B 1 49 ? -24.420 -10.334 10.474  1.00 81.80  ? 444 LYS B C   1 
ATOM   1045 O  O   . LYS B 1 49 ? -24.842 -10.724 11.569  1.00 85.14  ? 444 LYS B O   1 
ATOM   1046 C  CB  . LYS B 1 49 ? -22.408 -8.958  10.923  1.00 68.52  ? 444 LYS B CB  1 
ATOM   1047 C  CG  . LYS B 1 49 ? -21.784 -7.577  11.109  1.00 81.35  ? 444 LYS B CG  1 
ATOM   1048 C  CD  . LYS B 1 49 ? -21.585 -6.808  9.801   1.00 77.75  ? 444 LYS B CD  1 
ATOM   1049 C  CE  . LYS B 1 49 ? -20.909 -5.474  10.080  1.00 82.24  ? 444 LYS B CE  1 
ATOM   1050 N  NZ  . LYS B 1 49 ? -21.027 -4.469  8.975   1.00 87.80  ? 444 LYS B NZ  1 
ATOM   1051 N  N   . VAL B 1 50 ? -24.480 -11.068 9.366   1.00 68.36  ? 445 VAL B N   1 
ATOM   1052 C  CA  . VAL B 1 50 ? -25.254 -12.301 9.322   1.00 73.16  ? 445 VAL B CA  1 
ATOM   1053 C  C   . VAL B 1 50 ? -24.400 -13.449 8.817   1.00 80.55  ? 445 VAL B C   1 
ATOM   1054 O  O   . VAL B 1 50 ? -24.789 -14.620 8.922   1.00 72.40  ? 445 VAL B O   1 
ATOM   1055 C  CB  . VAL B 1 50 ? -26.481 -12.083 8.414   1.00 81.37  ? 445 VAL B CB  1 
ATOM   1056 C  CG1 . VAL B 1 50 ? -27.344 -10.920 8.938   1.00 80.87  ? 445 VAL B CG1 1 
ATOM   1057 C  CG2 . VAL B 1 50 ? -26.052 -11.804 6.981   1.00 72.62  ? 445 VAL B CG2 1 
ATOM   1058 N  N   . HIS B 1 51 ? -23.246 -13.128 8.265   1.00 69.74  ? 446 HIS B N   1 
ATOM   1059 C  CA  . HIS B 1 51 ? -22.494 -14.214 7.648   1.00 72.39  ? 446 HIS B CA  1 
ATOM   1060 C  C   . HIS B 1 51 ? -21.811 -15.058 8.729   1.00 73.84  ? 446 HIS B C   1 
ATOM   1061 O  O   . HIS B 1 51 ? -21.260 -14.518 9.696   1.00 72.77  ? 446 HIS B O   1 
ATOM   1062 C  CB  . HIS B 1 51 ? -21.460 -13.653 6.662   1.00 70.31  ? 446 HIS B CB  1 
ATOM   1063 C  CG  . HIS B 1 51 ? -20.876 -14.676 5.738   1.00 76.22  ? 446 HIS B CG  1 
ATOM   1064 N  ND1 . HIS B 1 51 ? -20.006 -15.657 6.160   1.00 78.42  ? 446 HIS B ND1 1 
ATOM   1065 C  CD2 . HIS B 1 51 ? -21.028 -14.859 4.404   1.00 89.97  ? 446 HIS B CD2 1 
ATOM   1066 C  CE1 . HIS B 1 51 ? -19.659 -16.412 5.135   1.00 89.82  ? 446 HIS B CE1 1 
ATOM   1067 N  NE2 . HIS B 1 51 ? -20.264 -15.948 4.056   1.00 96.89  ? 446 HIS B NE2 1 
ATOM   1068 N  N   . PRO B 1 52 ? -21.857 -16.386 8.600   1.00 71.95  ? 447 PRO B N   1 
ATOM   1069 C  CA  . PRO B 1 52 ? -21.310 -17.264 9.646   1.00 74.77  ? 447 PRO B CA  1 
ATOM   1070 C  C   . PRO B 1 52 ? -19.791 -17.289 9.741   1.00 83.79  ? 447 PRO B C   1 
ATOM   1071 O  O   . PRO B 1 52 ? -19.266 -17.852 10.712  1.00 84.25  ? 447 PRO B O   1 
ATOM   1072 C  CB  . PRO B 1 52 ? -21.839 -18.647 9.252   1.00 75.77  ? 447 PRO B CB  1 
ATOM   1073 C  CG  . PRO B 1 52 ? -22.108 -18.552 7.787   1.00 68.98  ? 447 PRO B CG  1 
ATOM   1074 C  CD  . PRO B 1 52 ? -22.605 -17.142 7.583   1.00 77.21  ? 447 PRO B CD  1 
ATOM   1075 N  N   . SER B 1 53 ? -19.058 -16.757 8.768   1.00 79.10  ? 448 SER B N   1 
ATOM   1076 C  CA  . SER B 1 53 ? -17.611 -16.726 8.885   1.00 74.71  ? 448 SER B CA  1 
ATOM   1077 C  C   . SER B 1 53 ? -17.119 -15.431 9.498   1.00 73.63  ? 448 SER B C   1 
ATOM   1078 O  O   . SER B 1 53 ? -15.914 -15.274 9.707   1.00 83.10  ? 448 SER B O   1 
ATOM   1079 C  CB  . SER B 1 53 ? -16.969 -16.955 7.520   1.00 82.17  ? 448 SER B CB  1 
ATOM   1080 O  OG  . SER B 1 53 ? -16.927 -18.340 7.228   1.00 88.70  ? 448 SER B OG  1 
ATOM   1081 N  N   . PHE B 1 54 ? -18.035 -14.529 9.856   1.00 62.16  ? 449 PHE B N   1 
ATOM   1082 C  CA  . PHE B 1 54 ? -17.644 -13.164 10.179  1.00 70.15  ? 449 PHE B CA  1 
ATOM   1083 C  C   . PHE B 1 54 ? -16.861 -13.082 11.478  1.00 75.39  ? 449 PHE B C   1 
ATOM   1084 O  O   . PHE B 1 54 ? -15.865 -12.355 11.563  1.00 80.89  ? 449 PHE B O   1 
ATOM   1085 C  CB  . PHE B 1 54 ? -18.864 -12.270 10.273  1.00 59.28  ? 449 PHE B CB  1 
ATOM   1086 C  CG  . PHE B 1 54 ? -18.532 -10.866 10.661  1.00 63.15  ? 449 PHE B CG  1 
ATOM   1087 C  CD1 . PHE B 1 54 ? -17.740 -10.077 9.834   1.00 72.40  ? 449 PHE B CD1 1 
ATOM   1088 C  CD2 . PHE B 1 54 ? -18.999 -10.327 11.844  1.00 65.08  ? 449 PHE B CD2 1 
ATOM   1089 C  CE1 . PHE B 1 54 ? -17.432 -8.765  10.180  1.00 70.21  ? 449 PHE B CE1 1 
ATOM   1090 C  CE2 . PHE B 1 54 ? -18.700 -9.011  12.191  1.00 67.98  ? 449 PHE B CE2 1 
ATOM   1091 C  CZ  . PHE B 1 54 ? -17.916 -8.233  11.361  1.00 55.56  ? 449 PHE B CZ  1 
ATOM   1092 N  N   . VAL B 1 55 ? -17.320 -13.773 12.524  1.00 73.43  ? 450 VAL B N   1 
ATOM   1093 C  CA  . VAL B 1 55 ? -16.670 -13.584 13.817  1.00 71.04  ? 450 VAL B CA  1 
ATOM   1094 C  C   . VAL B 1 55 ? -15.246 -14.102 13.754  1.00 59.94  ? 450 VAL B C   1 
ATOM   1095 O  O   . VAL B 1 55 ? -14.305 -13.424 14.167  1.00 66.05  ? 450 VAL B O   1 
ATOM   1096 C  CB  . VAL B 1 55 ? -17.478 -14.248 14.945  1.00 74.03  ? 450 VAL B CB  1 
ATOM   1097 C  CG1 . VAL B 1 55 ? -16.653 -14.305 16.221  1.00 59.92  ? 450 VAL B CG1 1 
ATOM   1098 C  CG2 . VAL B 1 55 ? -18.786 -13.483 15.173  1.00 68.43  ? 450 VAL B CG2 1 
ATOM   1099 N  N   . LYS B 1 56 ? -15.066 -15.290 13.200  1.00 68.99  ? 451 LYS B N   1 
ATOM   1100 C  CA  . LYS B 1 56 ? -13.729 -15.838 13.041  1.00 67.56  ? 451 LYS B CA  1 
ATOM   1101 C  C   . LYS B 1 56 ? -12.869 -14.955 12.131  1.00 85.99  ? 451 LYS B C   1 
ATOM   1102 O  O   . LYS B 1 56 ? -11.686 -14.718 12.427  1.00 69.15  ? 451 LYS B O   1 
ATOM   1103 C  CB  . LYS B 1 56 ? -13.845 -17.264 12.500  1.00 61.67  ? 451 LYS B CB  1 
ATOM   1104 C  CG  . LYS B 1 56 ? -12.564 -17.959 12.153  1.00 83.92  ? 451 LYS B CG  1 
ATOM   1105 C  CD  . LYS B 1 56 ? -12.882 -19.338 11.601  1.00 93.34  ? 451 LYS B CD  1 
ATOM   1106 C  CE  . LYS B 1 56 ? -13.722 -19.241 10.322  1.00 96.61  ? 451 LYS B CE  1 
ATOM   1107 N  NZ  . LYS B 1 56 ? -14.417 -20.531 9.981   1.00 105.40 ? 451 LYS B NZ  1 
ATOM   1108 N  N   . ASP B 1 57 ? -13.441 -14.455 11.023  1.00 78.39  ? 452 ASP B N   1 
ATOM   1109 C  CA  . ASP B 1 57 ? -12.637 -13.665 10.098  1.00 68.26  ? 452 ASP B CA  1 
ATOM   1110 C  C   . ASP B 1 57 ? -12.299 -12.303 10.685  1.00 72.16  ? 452 ASP B C   1 
ATOM   1111 O  O   . ASP B 1 57 ? -11.188 -11.799 10.476  1.00 68.11  ? 452 ASP B O   1 
ATOM   1112 C  CB  . ASP B 1 57 ? -13.343 -13.514 8.752   1.00 61.00  ? 452 ASP B CB  1 
ATOM   1113 C  CG  . ASP B 1 57 ? -13.270 -14.788 7.920   1.00 75.24  ? 452 ASP B CG  1 
ATOM   1114 O  OD1 . ASP B 1 57 ? -12.474 -15.689 8.293   1.00 68.11  ? 452 ASP B OD1 1 
ATOM   1115 O  OD2 . ASP B 1 57 ? -14.016 -14.897 6.911   1.00 85.69  ? 452 ASP B OD2 1 
ATOM   1116 N  N   . ARG B 1 58 ? -13.224 -11.697 11.424  1.00 68.56  ? 453 ARG B N   1 
ATOM   1117 C  CA  . ARG B 1 58 ? -12.902 -10.420 12.030  1.00 70.63  ? 453 ARG B CA  1 
ATOM   1118 C  C   . ARG B 1 58 ? -11.798 -10.566 13.067  1.00 71.17  ? 453 ARG B C   1 
ATOM   1119 O  O   . ARG B 1 58 ? -10.960 -9.673  13.208  1.00 66.93  ? 453 ARG B O   1 
ATOM   1120 C  CB  . ARG B 1 58 ? -14.142 -9.782  12.649  1.00 58.06  ? 453 ARG B CB  1 
ATOM   1121 C  CG  . ARG B 1 58 ? -13.858 -8.399  13.187  1.00 58.29  ? 453 ARG B CG  1 
ATOM   1122 C  CD  . ARG B 1 58 ? -14.904 -7.949  14.161  1.00 69.82  ? 453 ARG B CD  1 
ATOM   1123 N  NE  . ARG B 1 58 ? -14.868 -6.492  14.333  1.00 74.00  ? 453 ARG B NE  1 
ATOM   1124 C  CZ  . ARG B 1 58 ? -14.284 -5.857  15.346  1.00 77.22  ? 453 ARG B CZ  1 
ATOM   1125 N  NH1 . ARG B 1 58 ? -13.671 -6.568  16.289  1.00 60.25  ? 453 ARG B NH1 1 
ATOM   1126 N  NH2 . ARG B 1 58 ? -14.319 -4.518  15.412  1.00 72.04  ? 453 ARG B NH2 1 
ATOM   1127 N  N   . ARG B 1 59 ? -11.765 -11.676 13.800  1.00 71.16  ? 454 ARG B N   1 
ATOM   1128 C  CA  . ARG B 1 59 ? -10.743 -11.817 14.836  1.00 70.49  ? 454 ARG B CA  1 
ATOM   1129 C  C   . ARG B 1 59 ? -9.361  -11.997 14.221  1.00 69.52  ? 454 ARG B C   1 
ATOM   1130 O  O   . ARG B 1 59 ? -8.393  -11.355 14.655  1.00 67.76  ? 454 ARG B O   1 
ATOM   1131 C  CB  . ARG B 1 59 ? -11.082 -12.992 15.759  1.00 65.53  ? 454 ARG B CB  1 
ATOM   1132 C  CG  . ARG B 1 59 ? -10.057 -13.260 16.849  1.00 73.23  ? 454 ARG B CG  1 
ATOM   1133 C  CD  . ARG B 1 59 ? -10.610 -14.215 17.889  1.00 76.65  ? 454 ARG B CD  1 
ATOM   1134 N  NE  . ARG B 1 59 ? -10.871 -15.519 17.293  1.00 69.04  ? 454 ARG B NE  1 
ATOM   1135 C  CZ  . ARG B 1 59 ? -12.073 -16.077 17.159  1.00 73.63  ? 454 ARG B CZ  1 
ATOM   1136 N  NH1 . ARG B 1 59 ? -13.173 -15.465 17.593  1.00 70.96  ? 454 ARG B NH1 1 
ATOM   1137 N  NH2 . ARG B 1 59 ? -12.159 -17.264 16.578  1.00 65.36  ? 454 ARG B NH2 1 
ATOM   1138 N  N   . ALA B 1 60 ? -9.253  -12.885 13.227  1.00 55.18  ? 455 ALA B N   1 
ATOM   1139 C  CA  . ALA B 1 60 ? -8.042  -12.987 12.416  1.00 66.66  ? 455 ALA B CA  1 
ATOM   1140 C  C   . ALA B 1 60 ? -7.646  -11.633 11.818  1.00 67.04  ? 455 ALA B C   1 
ATOM   1141 O  O   . ALA B 1 60 ? -6.474  -11.235 11.886  1.00 72.76  ? 455 ALA B O   1 
ATOM   1142 C  CB  . ALA B 1 60 ? -8.248  -14.024 11.312  1.00 51.77  ? 455 ALA B CB  1 
HETATM 1143 N  N   . MSE B 1 61 ? -8.577  -10.920 11.227  1.00 71.22  ? 456 MSE B N   1 
HETATM 1144 C  CA  . MSE B 1 61 ? -8.238  -9.686  10.575  1.00 62.89  ? 456 MSE B CA  1 
HETATM 1145 C  C   . MSE B 1 61 ? -7.755  -8.650  11.531  1.00 68.75  ? 456 MSE B C   1 
HETATM 1146 O  O   . MSE B 1 61 ? -6.858  -7.914  11.180  1.00 71.35  ? 456 MSE B O   1 
HETATM 1147 C  CB  . MSE B 1 61 ? -9.439  -9.222  9.781   1.00 63.71  ? 456 MSE B CB  1 
HETATM 1148 C  CG  . MSE B 1 61 ? -9.193  -7.937  9.026   1.00 87.77  ? 456 MSE B CG  1 
HETATM 1149 SE SE  . MSE B 1 61 ? -8.112  -8.192  7.435   1.00 101.63 ? 456 MSE B SE  1 
HETATM 1150 C  CE  . MSE B 1 61 ? -8.220  -10.084 7.050   1.00 79.61  ? 456 MSE B CE  1 
ATOM   1151 N  N   . LYS B 1 62 ? -8.302  -8.567  12.724  1.00 72.48  ? 457 LYS B N   1 
ATOM   1152 C  CA  . LYS B 1 62 ? -7.782  -7.640  13.728  1.00 63.42  ? 457 LYS B CA  1 
ATOM   1153 C  C   . LYS B 1 62 ? -6.326  -7.967  14.060  1.00 68.45  ? 457 LYS B C   1 
ATOM   1154 O  O   . LYS B 1 62 ? -5.494  -7.067  14.229  1.00 69.49  ? 457 LYS B O   1 
ATOM   1155 C  CB  . LYS B 1 62 ? -8.628  -7.685  15.005  1.00 68.42  ? 457 LYS B CB  1 
ATOM   1156 C  CG  . LYS B 1 62 ? -8.160  -6.663  16.071  1.00 77.28  ? 457 LYS B CG  1 
ATOM   1157 C  CD  . LYS B 1 62 ? -8.984  -6.690  17.351  1.00 82.31  ? 457 LYS B CD  1 
ATOM   1158 C  CE  . LYS B 1 62 ? -8.822  -5.387  18.134  1.00 79.77  ? 457 LYS B CE  1 
ATOM   1159 N  NZ  . LYS B 1 62 ? -9.195  -5.480  19.586  1.00 99.35  ? 457 LYS B NZ  1 
ATOM   1160 N  N   . ARG B 1 63 ? -6.000  -9.252  14.144  1.00 72.19  ? 458 ARG B N   1 
ATOM   1161 C  CA  . ARG B 1 63 ? -4.625  -9.636  14.424  1.00 75.87  ? 458 ARG B CA  1 
ATOM   1162 C  C   . ARG B 1 63 ? -3.700  -9.239  13.277  1.00 71.32  ? 458 ARG B C   1 
ATOM   1163 O  O   . ARG B 1 63 ? -2.643  -8.652  13.523  1.00 72.35  ? 458 ARG B O   1 
ATOM   1164 C  CB  . ARG B 1 63 ? -4.572  -11.130 14.734  1.00 65.80  ? 458 ARG B CB  1 
ATOM   1165 C  CG  . ARG B 1 63 ? -5.257  -11.441 16.064  1.00 75.97  ? 458 ARG B CG  1 
ATOM   1166 C  CD  . ARG B 1 63 ? -5.278  -12.912 16.388  1.00 78.05  ? 458 ARG B CD  1 
ATOM   1167 N  NE  . ARG B 1 63 ? -6.084  -13.212 17.571  1.00 78.72  ? 458 ARG B NE  1 
ATOM   1168 C  CZ  . ARG B 1 63 ? -6.138  -14.414 18.141  1.00 75.27  ? 458 ARG B CZ  1 
ATOM   1169 N  NH1 . ARG B 1 63 ? -5.429  -15.420 17.639  1.00 66.63  ? 458 ARG B NH1 1 
ATOM   1170 N  NH2 . ARG B 1 63 ? -6.893  -14.610 19.214  1.00 69.66  ? 458 ARG B NH2 1 
ATOM   1171 N  N   . GLU B 1 64 ? -4.115  -9.474  12.015  1.00 78.71  ? 459 GLU B N   1 
ATOM   1172 C  CA  . GLU B 1 64 ? -3.286  -9.069  10.871  1.00 64.09  ? 459 GLU B CA  1 
ATOM   1173 C  C   . GLU B 1 64 ? -3.090  -7.558  10.825  1.00 63.71  ? 459 GLU B C   1 
ATOM   1174 O  O   . GLU B 1 64 ? -1.990  -7.075  10.542  1.00 80.46  ? 459 GLU B O   1 
ATOM   1175 C  CB  . GLU B 1 64 ? -3.905  -9.543  9.561   1.00 69.88  ? 459 GLU B CB  1 
ATOM   1176 C  CG  . GLU B 1 64 ? -4.000  -11.046 9.405   1.00 79.39  ? 459 GLU B CG  1 
ATOM   1177 C  CD  . GLU B 1 64 ? -2.704  -11.688 8.947   1.00 82.65  ? 459 GLU B CD  1 
ATOM   1178 O  OE1 . GLU B 1 64 ? -1.642  -11.020 8.988   1.00 97.00  ? 459 GLU B OE1 1 
ATOM   1179 O  OE2 . GLU B 1 64 ? -2.756  -12.859 8.520   1.00 93.87  ? 459 GLU B OE2 1 
ATOM   1180 N  N   . TYR B 1 65 ? -4.141  -6.791  11.084  1.00 55.25  ? 460 TYR B N   1 
ATOM   1181 C  CA  . TYR B 1 65 ? -3.981  -5.348  11.104  1.00 61.01  ? 460 TYR B CA  1 
ATOM   1182 C  C   . TYR B 1 65 ? -3.000  -4.926  12.181  1.00 74.53  ? 460 TYR B C   1 
ATOM   1183 O  O   . TYR B 1 65 ? -2.081  -4.138  11.926  1.00 75.10  ? 460 TYR B O   1 
ATOM   1184 C  CB  . TYR B 1 65 ? -5.323  -4.672  11.330  1.00 57.26  ? 460 TYR B CB  1 
ATOM   1185 C  CG  . TYR B 1 65 ? -5.192  -3.182  11.486  1.00 70.76  ? 460 TYR B CG  1 
ATOM   1186 C  CD1 . TYR B 1 65 ? -4.786  -2.392  10.410  1.00 77.57  ? 460 TYR B CD1 1 
ATOM   1187 C  CD2 . TYR B 1 65 ? -5.460  -2.556  12.699  1.00 72.22  ? 460 TYR B CD2 1 
ATOM   1188 C  CE1 . TYR B 1 65 ? -4.669  -1.016  10.533  1.00 80.14  ? 460 TYR B CE1 1 
ATOM   1189 C  CE2 . TYR B 1 65 ? -5.343  -1.173  12.830  1.00 85.10  ? 460 TYR B CE2 1 
ATOM   1190 C  CZ  . TYR B 1 65 ? -4.960  -0.415  11.738  1.00 82.19  ? 460 TYR B CZ  1 
ATOM   1191 O  OH  . TYR B 1 65 ? -4.830  0.946   11.850  1.00 96.52  ? 460 TYR B OH  1 
ATOM   1192 N  N   . GLU B 1 66 ? -3.193  -5.434  13.402  1.00 77.78  ? 461 GLU B N   1 
ATOM   1193 C  CA  . GLU B 1 66 ? -2.345  -5.018  14.518  1.00 76.08  ? 461 GLU B CA  1 
ATOM   1194 C  C   . GLU B 1 66 ? -0.884  -5.341  14.242  1.00 63.87  ? 461 GLU B C   1 
ATOM   1195 O  O   . GLU B 1 66 ? 0.004   -4.527  14.520  1.00 65.55  ? 461 GLU B O   1 
ATOM   1196 C  CB  . GLU B 1 66 ? -2.823  -5.666  15.820  1.00 67.47  ? 461 GLU B CB  1 
ATOM   1197 C  CG  . GLU B 1 66 ? -4.141  -5.056  16.309  1.00 70.60  ? 461 GLU B CG  1 
ATOM   1198 C  CD  . GLU B 1 66 ? -4.493  -5.398  17.740  0.50 67.31  ? 461 GLU B CD  1 
ATOM   1199 O  OE1 . GLU B 1 66 ? -4.308  -6.559  18.154  0.50 72.83  ? 461 GLU B OE1 1 
ATOM   1200 O  OE2 . GLU B 1 66 ? -4.951  -4.492  18.453  0.50 66.93  ? 461 GLU B OE2 1 
ATOM   1201 N  N   . GLU B 1 67 ? -0.618  -6.511  13.661  1.00 67.16  ? 462 GLU B N   1 
ATOM   1202 C  CA  . GLU B 1 67 ? 0.750   -6.853  13.302  1.00 65.62  ? 462 GLU B CA  1 
ATOM   1203 C  C   . GLU B 1 67 ? 1.266   -5.956  12.193  1.00 73.18  ? 462 GLU B C   1 
ATOM   1204 O  O   . GLU B 1 67 ? 2.418   -5.514  12.236  1.00 82.88  ? 462 GLU B O   1 
ATOM   1205 C  CB  . GLU B 1 67 ? 0.818   -8.316  12.901  1.00 62.43  ? 462 GLU B CB  1 
ATOM   1206 C  CG  . GLU B 1 67 ? 0.662   -9.206  14.127  1.00 79.27  ? 462 GLU B CG  1 
ATOM   1207 C  CD  . GLU B 1 67 ? 1.227   -10.575 13.896  1.00 78.63  ? 462 GLU B CD  1 
ATOM   1208 O  OE1 . GLU B 1 67 ? 1.202   -11.019 12.732  1.00 96.28  ? 462 GLU B OE1 1 
ATOM   1209 O  OE2 . GLU B 1 67 ? 1.729   -11.190 14.865  1.00 88.94  ? 462 GLU B OE2 1 
ATOM   1210 N  N   . PHE B 1 68 ? 0.413   -5.659  11.212  1.00 76.61  ? 463 PHE B N   1 
ATOM   1211 C  CA  . PHE B 1 68 ? 0.776   -4.732  10.153  1.00 78.31  ? 463 PHE B CA  1 
ATOM   1212 C  C   . PHE B 1 68 ? 1.180   -3.375  10.721  1.00 74.28  ? 463 PHE B C   1 
ATOM   1213 O  O   . PHE B 1 68 ? 2.230   -2.831  10.367  1.00 76.94  ? 463 PHE B O   1 
ATOM   1214 C  CB  . PHE B 1 68 ? -0.386  -4.602  9.177   1.00 67.45  ? 463 PHE B CB  1 
ATOM   1215 C  CG  . PHE B 1 68 ? -0.239  -3.470  8.246   1.00 75.89  ? 463 PHE B CG  1 
ATOM   1216 C  CD1 . PHE B 1 68 ? 0.562   -3.593  7.122   1.00 77.33  ? 463 PHE B CD1 1 
ATOM   1217 C  CD2 . PHE B 1 68 ? -0.872  -2.257  8.510   1.00 73.85  ? 463 PHE B CD2 1 
ATOM   1218 C  CE1 . PHE B 1 68 ? 0.739   -2.532  6.269   1.00 68.85  ? 463 PHE B CE1 1 
ATOM   1219 C  CE2 . PHE B 1 68 ? -0.727  -1.193  7.652   1.00 74.69  ? 463 PHE B CE2 1 
ATOM   1220 C  CZ  . PHE B 1 68 ? 0.082   -1.326  6.525   1.00 74.11  ? 463 PHE B CZ  1 
ATOM   1221 N  N   . LYS B 1 69 ? 0.374   -2.840  11.633  1.00 77.09  ? 464 LYS B N   1 
ATOM   1222 C  CA  . LYS B 1 69 ? 0.674   -1.559  12.259  1.00 73.75  ? 464 LYS B CA  1 
ATOM   1223 C  C   . LYS B 1 69 ? 2.037   -1.569  12.958  1.00 83.41  ? 464 LYS B C   1 
ATOM   1224 O  O   . LYS B 1 69 ? 2.721   -0.539  13.002  1.00 79.86  ? 464 LYS B O   1 
ATOM   1225 C  CB  . LYS B 1 69 ? -0.436  -1.225  13.261  1.00 62.51  ? 464 LYS B CB  1 
ATOM   1226 C  CG  . LYS B 1 69 ? -0.624  0.230   13.537  1.00 85.94  ? 464 LYS B CG  1 
ATOM   1227 C  CD  . LYS B 1 69 ? -2.050  0.479   13.951  1.00 84.96  ? 464 LYS B CD  1 
ATOM   1228 C  CE  . LYS B 1 69 ? -2.167  0.478   15.451  1.00 86.47  ? 464 LYS B CE  1 
ATOM   1229 N  NZ  . LYS B 1 69 ? -3.584  0.391   15.887  1.00 93.55  ? 464 LYS B NZ  1 
ATOM   1230 N  N   . VAL B 1 70 ? 2.444   -2.716  13.509  1.00 75.44  ? 465 VAL B N   1 
ATOM   1231 C  CA  . VAL B 1 70 ? 3.755   -2.826  14.139  1.00 80.36  ? 465 VAL B CA  1 
ATOM   1232 C  C   . VAL B 1 70 ? 4.865   -2.919  13.090  1.00 79.60  ? 465 VAL B C   1 
ATOM   1233 O  O   . VAL B 1 70 ? 5.924   -2.296  13.245  1.00 74.50  ? 465 VAL B O   1 
ATOM   1234 C  CB  . VAL B 1 70 ? 3.792   -4.028  15.109  1.00 84.76  ? 465 VAL B CB  1 
ATOM   1235 C  CG1 . VAL B 1 70 ? 5.221   -4.309  15.585  1.00 73.50  ? 465 VAL B CG1 1 
ATOM   1236 C  CG2 . VAL B 1 70 ? 2.899   -3.761  16.303  1.00 75.16  ? 465 VAL B CG2 1 
ATOM   1237 N  N   . ARG B 1 71 ? 4.670   -3.715  12.026  1.00 76.68  ? 466 ARG B N   1 
ATOM   1238 C  CA  . ARG B 1 71 ? 5.695   -3.772  10.984  1.00 75.95  ? 466 ARG B CA  1 
ATOM   1239 C  C   . ARG B 1 71 ? 5.917   -2.407  10.370  1.00 74.38  ? 466 ARG B C   1 
ATOM   1240 O  O   . ARG B 1 71 ? 7.048   -2.049  10.042  1.00 87.80  ? 466 ARG B O   1 
ATOM   1241 C  CB  . ARG B 1 71 ? 5.321   -4.763  9.897   1.00 72.10  ? 466 ARG B CB  1 
ATOM   1242 C  CG  . ARG B 1 71 ? 5.525   -6.207  10.289  1.00 87.91  ? 466 ARG B CG  1 
ATOM   1243 C  CD  . ARG B 1 71 ? 5.253   -7.115  9.109   1.00 84.43  ? 466 ARG B CD  1 
ATOM   1244 N  NE  . ARG B 1 71 ? 3.868   -7.019  8.652   1.00 95.96  ? 466 ARG B NE  1 
ATOM   1245 C  CZ  . ARG B 1 71 ? 2.986   -8.010  8.729   1.00 94.98  ? 466 ARG B CZ  1 
ATOM   1246 N  NH1 . ARG B 1 71 ? 3.348   -9.176  9.246   1.00 98.60  ? 466 ARG B NH1 1 
ATOM   1247 N  NH2 . ARG B 1 71 ? 1.747   -7.837  8.284   1.00 95.87  ? 466 ARG B NH2 1 
ATOM   1248 N  N   . ILE B 1 72 ? 4.862   -1.617  10.249  1.00 75.39  ? 467 ILE B N   1 
ATOM   1249 C  CA  . ILE B 1 72 ? 5.006   -0.266  9.736   1.00 78.80  ? 467 ILE B CA  1 
ATOM   1250 C  C   . ILE B 1 72 ? 5.768   0.592   10.734  1.00 84.29  ? 467 ILE B C   1 
ATOM   1251 O  O   . ILE B 1 72 ? 6.729   1.279   10.369  1.00 91.75  ? 467 ILE B O   1 
ATOM   1252 C  CB  . ILE B 1 72 ? 3.624   0.318   9.385   1.00 73.62  ? 467 ILE B CB  1 
ATOM   1253 C  CG1 . ILE B 1 72 ? 3.126   -0.308  8.084   1.00 79.14  ? 467 ILE B CG1 1 
ATOM   1254 C  CG2 . ILE B 1 72 ? 3.656   1.835   9.328   1.00 74.91  ? 467 ILE B CG2 1 
ATOM   1255 C  CD1 . ILE B 1 72 ? 4.147   -0.243  6.936   1.00 77.51  ? 467 ILE B CD1 1 
ATOM   1256 N  N   . ASN B 1 73 ? 5.373   0.546   12.015  1.00 83.27  ? 468 ASN B N   1 
ATOM   1257 C  CA  . ASN B 1 73 ? 6.091   1.308   13.038  1.00 81.33  ? 468 ASN B CA  1 
ATOM   1258 C  C   . ASN B 1 73 ? 7.593   1.043   12.978  1.00 84.65  ? 468 ASN B C   1 
ATOM   1259 O  O   . ASN B 1 73 ? 8.399   1.979   13.054  1.00 90.33  ? 468 ASN B O   1 
ATOM   1260 C  CB  . ASN B 1 73 ? 5.539   0.980   14.423  1.00 75.18  ? 468 ASN B CB  1 
ATOM   1261 C  CG  . ASN B 1 73 ? 4.216   1.670   14.699  1.00 90.91  ? 468 ASN B CG  1 
ATOM   1262 O  OD1 . ASN B 1 73 ? 3.512   2.085   13.761  1.00 82.28  ? 468 ASN B OD1 1 
ATOM   1263 N  ND2 . ASN B 1 73 ? 3.861   1.794   15.994  1.00 80.47  ? 468 ASN B ND2 1 
ATOM   1264 N  N   . GLY B 1 74 ? 7.983   -0.220  12.804  1.00 80.08  ? 469 GLY B N   1 
ATOM   1265 C  CA  . GLY B 1 74 ? 9.378   -0.595  12.690  1.00 82.52  ? 469 GLY B CA  1 
ATOM   1266 C  C   . GLY B 1 74 ? 10.049  -0.154  11.406  1.00 97.07  ? 469 GLY B C   1 
ATOM   1267 O  O   . GLY B 1 74 ? 11.283  -0.159  11.347  1.00 98.42  ? 469 GLY B O   1 
ATOM   1268 N  N   . LEU B 1 75 ? 9.281   0.206   10.377  1.00 98.52  ? 470 LEU B N   1 
ATOM   1269 C  CA  . LEU B 1 75 ? 9.868   0.790   9.175   1.00 99.78  ? 470 LEU B CA  1 
ATOM   1270 C  C   . LEU B 1 75 ? 10.027  2.301   9.283   1.00 94.59  ? 470 LEU B C   1 
ATOM   1271 O  O   . LEU B 1 75 ? 10.950  2.856   8.672   1.00 100.14 ? 470 LEU B O   1 
ATOM   1272 C  CB  . LEU B 1 75 ? 9.029   0.451   7.935   1.00 74.61  ? 470 LEU B CB  1 
ATOM   1273 C  CG  . LEU B 1 75 ? 8.914   -1.034  7.627   1.00 71.75  ? 470 LEU B CG  1 
ATOM   1274 C  CD1 . LEU B 1 75 ? 8.172   -1.245  6.317   1.00 84.52  ? 470 LEU B CD1 1 
ATOM   1275 C  CD2 . LEU B 1 75 ? 10.271  -1.706  7.605   1.00 85.89  ? 470 LEU B CD2 1 
ATOM   1276 N  N   . VAL B 1 76 ? 9.154   2.972   10.035  1.00 95.51  ? 471 VAL B N   1 
ATOM   1277 C  CA  . VAL B 1 76 ? 9.331   4.401   10.285  1.00 100.12 ? 471 VAL B CA  1 
ATOM   1278 C  C   . VAL B 1 76 ? 10.590  4.647   11.108  1.00 106.03 ? 471 VAL B C   1 
ATOM   1279 O  O   . VAL B 1 76 ? 11.427  5.487   10.755  1.00 117.06 ? 471 VAL B O   1 
ATOM   1280 C  CB  . VAL B 1 76 ? 8.091   4.993   10.974  1.00 93.35  ? 471 VAL B CB  1 
ATOM   1281 C  CG1 . VAL B 1 76 ? 8.391   6.414   11.426  1.00 94.44  ? 471 VAL B CG1 1 
ATOM   1282 C  CG2 . VAL B 1 76 ? 6.895   4.955   10.034  1.00 95.55  ? 471 VAL B CG2 1 
ATOM   1283 N  N   . ALA B 1 77 ? 10.738  3.935   12.225  1.00 107.36 ? 472 ALA B N   1 
ATOM   1284 C  CA  . ALA B 1 77 ? 11.936  4.104   13.041  1.00 110.02 ? 472 ALA B CA  1 
ATOM   1285 C  C   . ALA B 1 77 ? 13.208  3.633   12.339  1.00 114.46 ? 472 ALA B C   1 
ATOM   1286 O  O   . ALA B 1 77 ? 14.304  4.014   12.759  1.00 120.74 ? 472 ALA B O   1 
ATOM   1287 C  CB  . ALA B 1 77 ? 11.819  3.317   14.345  1.00 111.17 ? 472 ALA B CB  1 
ATOM   1288 N  N   . LYS B 1 78 ? 13.085  2.811   11.290  1.00 111.68 ? 473 LYS B N   1 
ATOM   1289 C  CA  . LYS B 1 78 ? 14.239  2.386   10.503  1.00 107.76 ? 473 LYS B CA  1 
ATOM   1290 C  C   . LYS B 1 78 ? 14.465  3.341   9.334   1.00 120.20 ? 473 LYS B C   1 
ATOM   1291 O  O   . LYS B 1 78 ? 15.001  2.955   8.288   1.00 120.12 ? 473 LYS B O   1 
ATOM   1292 C  CB  . LYS B 1 78 ? 14.111  0.943   10.014  1.00 104.29 ? 473 LYS B CB  1 
ATOM   1293 C  CG  . LYS B 1 78 ? 14.492  -0.110  11.021  1.00 112.87 ? 473 LYS B CG  1 
ATOM   1294 C  CD  . LYS B 1 78 ? 14.216  -1.512  10.470  1.00 115.94 ? 473 LYS B CD  1 
ATOM   1295 C  CE  . LYS B 1 78 ? 15.027  -1.798  9.210   1.00 118.85 ? 473 LYS B CE  1 
ATOM   1296 N  NZ  . LYS B 1 78 ? 14.830  -3.178  8.694   1.00 110.82 ? 473 LYS B NZ  1 
ATOM   1297 N  N   . ALA B 1 79 ? 14.038  4.591   9.502   1.00 119.73 ? 474 ALA B N   1 
ATOM   1298 C  CA  . ALA B 1 79 ? 14.289  5.650   8.526   1.00 113.98 ? 474 ALA B CA  1 
ATOM   1299 C  C   . ALA B 1 79 ? 14.603  6.859   9.412   1.00 115.11 ? 474 ALA B C   1 
ATOM   1300 O  O   . ALA B 1 79 ? 13.711  7.429   10.046  1.00 115.35 ? 474 ALA B O   1 
ATOM   1301 C  CB  . ALA B 1 79 ? 13.070  5.793   7.625   1.00 106.28 ? 474 ALA B CB  1 
ATOM   1302 N  N   . GLN B 1 80 ? 15.891  7.210   9.471   1.00 124.55 ? 475 GLN B N   1 
ATOM   1303 C  CA  . GLN B 1 80 ? 16.375  8.349   10.259  1.00 129.77 ? 475 GLN B CA  1 
ATOM   1304 C  C   . GLN B 1 80 ? 17.656  8.938   9.642   1.00 128.57 ? 475 GLN B C   1 
ATOM   1305 O  O   . GLN B 1 80 ? 18.578  8.218   9.251   1.00 118.50 ? 475 GLN B O   1 
ATOM   1306 C  CB  . GLN B 1 80 ? 16.631  8.019   11.730  1.00 128.85 ? 475 GLN B CB  1 
ATOM   1307 C  CG  . GLN B 1 80 ? 15.445  7.423   12.451  1.00 127.87 ? 475 GLN B CG  1 
ATOM   1308 C  CD  . GLN B 1 80 ? 15.839  6.785   13.768  1.00 131.29 ? 475 GLN B CD  1 
ATOM   1309 O  OE1 . GLN B 1 80 ? 16.954  6.981   14.254  1.00 128.61 ? 475 GLN B OE1 1 
ATOM   1310 N  NE2 . GLN B 1 80 ? 14.929  6.005   14.349  1.00 129.46 ? 475 GLN B NE2 1 
HETATM 1311 C  CAC . FLC C 2 .  ? 12.183  -11.812 -20.938 1.00 125.81 ? 1   FLC A CAC 1 
HETATM 1312 C  CA  . FLC C 2 .  ? 10.668  -11.873 -20.867 1.00 135.63 ? 1   FLC A CA  1 
HETATM 1313 C  CB  . FLC C 2 .  ? 10.084  -10.621 -20.231 1.00 133.75 ? 1   FLC A CB  1 
HETATM 1314 C  CBC . FLC C 2 .  ? 10.001  -9.498  -21.262 1.00 128.23 ? 1   FLC A CBC 1 
HETATM 1315 C  CG  . FLC C 2 .  ? 8.727   -10.931 -19.603 1.00 136.70 ? 1   FLC A CG  1 
HETATM 1316 C  CGC . FLC C 2 .  ? 7.607   -11.188 -20.605 1.00 143.08 ? 1   FLC A CGC 1 
HETATM 1317 O  OA1 . FLC C 2 .  ? 12.801  -12.504 -21.786 1.00 133.87 ? 1   FLC A OA1 1 
HETATM 1318 O  OA2 . FLC C 2 .  ? 12.831  -11.080 -20.154 1.00 117.04 ? 1   FLC A OA2 1 
HETATM 1319 O  OB1 . FLC C 2 .  ? 10.592  -9.627  -22.367 1.00 127.26 ? 1   FLC A OB1 1 
HETATM 1320 O  OB2 . FLC C 2 .  ? 9.360   -8.428  -21.041 1.00 125.73 ? 1   FLC A OB2 1 
HETATM 1321 O  OG1 . FLC C 2 .  ? 7.567   -12.261 -21.274 1.00 139.47 ? 1   FLC A OG1 1 
HETATM 1322 O  OG2 . FLC C 2 .  ? 6.688   -10.332 -20.757 1.00 140.14 ? 1   FLC A OG2 1 
HETATM 1323 O  OHB . FLC C 2 .  ? 10.955  -10.240 -19.195 1.00 130.21 ? 1   FLC A OHB 1 
HETATM 1324 C  C1  . GOL D 3 .  ? 10.216  13.062  -18.250 1.00 101.22 ? 601 GOL A C1  1 
HETATM 1325 O  O1  . GOL D 3 .  ? 10.366  13.209  -16.855 1.00 104.80 ? 601 GOL A O1  1 
HETATM 1326 C  C2  . GOL D 3 .  ? 8.750   12.803  -18.584 1.00 105.82 ? 601 GOL A C2  1 
HETATM 1327 O  O2  . GOL D 3 .  ? 8.049   14.017  -18.731 1.00 103.88 ? 601 GOL A O2  1 
HETATM 1328 C  C3  . GOL D 3 .  ? 8.628   12.003  -19.875 1.00 103.96 ? 601 GOL A C3  1 
HETATM 1329 O  O3  . GOL D 3 .  ? 7.289   12.045  -20.308 1.00 100.02 ? 601 GOL A O3  1 
HETATM 1330 P  P   . PO4 E 4 .  ? 4.547   10.114  -25.528 0.33 76.18  ? 602 PO4 A P   1 
HETATM 1331 O  O1  . PO4 E 4 .  ? 3.320   9.759   -24.719 0.33 75.40  ? 602 PO4 A O1  1 
HETATM 1332 O  O2  . PO4 E 4 .  ? 5.106   8.855   -26.152 0.33 75.45  ? 602 PO4 A O2  1 
HETATM 1333 O  O3  . PO4 E 4 .  ? 5.587   10.751  -24.635 0.33 61.59  ? 602 PO4 A O3  1 
HETATM 1334 O  O4  . PO4 E 4 .  ? 4.152   11.075  -26.627 0.33 75.47  ? 602 PO4 A O4  1 
HETATM 1335 C  CAC . FLC F 2 .  ? -20.156 -17.827 0.463   1.00 128.67 ? 1   FLC B CAC 1 
HETATM 1336 C  CA  . FLC F 2 .  ? -18.804 -18.307 -0.028  1.00 139.11 ? 1   FLC B CA  1 
HETATM 1337 C  CB  . FLC F 2 .  ? -17.686 -17.648 0.759   1.00 137.82 ? 1   FLC B CB  1 
HETATM 1338 C  CBC . FLC F 2 .  ? -17.516 -18.343 2.109   1.00 132.15 ? 1   FLC B CBC 1 
HETATM 1339 C  CG  . FLC F 2 .  ? -16.393 -17.631 -0.056  1.00 138.54 ? 1   FLC B CG  1 
HETATM 1340 C  CGC . FLC F 2 .  ? -15.625 -18.948 -0.089  1.00 141.51 ? 1   FLC B CGC 1 
HETATM 1341 O  OA1 . FLC F 2 .  ? -21.165 -18.567 0.348   1.00 136.43 ? 1   FLC B OA1 1 
HETATM 1342 O  OA2 . FLC F 2 .  ? -20.280 -16.693 0.982   1.00 119.88 ? 1   FLC B OA2 1 
HETATM 1343 O  OB1 . FLC F 2 .  ? -18.373 -19.185 2.491   1.00 131.67 ? 1   FLC B OB1 1 
HETATM 1344 O  OB2 . FLC F 2 .  ? -16.533 -18.091 2.867   1.00 129.19 ? 1   FLC B OB2 1 
HETATM 1345 O  OG1 . FLC F 2 .  ? -16.194 -20.034 -0.398  1.00 137.24 ? 1   FLC B OG1 1 
HETATM 1346 O  OG2 . FLC F 2 .  ? -14.388 -18.951 0.176   1.00 137.08 ? 1   FLC B OG2 1 
HETATM 1347 O  OHB . FLC F 2 .  ? -18.078 -16.313 0.969   1.00 133.56 ? 1   FLC B OHB 1 
HETATM 1348 C  C1  . GOL G 3 .  ? -8.733  -8.989  21.361  1.00 102.22 ? 601 GOL B C1  1 
HETATM 1349 O  O1  . GOL G 3 .  ? -8.419  -7.897  20.524  1.00 102.88 ? 601 GOL B O1  1 
HETATM 1350 C  C2  . GOL G 3 .  ? -7.701  -10.114 21.249  1.00 104.12 ? 601 GOL B C2  1 
HETATM 1351 O  O2  . GOL G 3 .  ? -6.414  -9.651  20.892  1.00 103.65 ? 601 GOL B O2  1 
HETATM 1352 C  C3  . GOL G 3 .  ? -8.197  -11.167 20.260  1.00 101.10 ? 601 GOL B C3  1 
HETATM 1353 O  O3  . GOL G 3 .  ? -7.175  -12.080 19.933  1.00 97.56  ? 601 GOL B O3  1 
HETATM 1354 P  P   . PO4 H 4 .  ? -6.779  -18.183 19.932  0.33 78.42  ? 602 PO4 B P   1 
HETATM 1355 O  O1  . PO4 H 4 .  ? -7.922  -18.980 19.337  0.33 78.42  ? 602 PO4 B O1  1 
HETATM 1356 O  O2  . PO4 H 4 .  ? -7.277  -16.835 20.405  0.33 63.95  ? 602 PO4 B O2  1 
HETATM 1357 O  O3  . PO4 H 4 .  ? -6.194  -18.957 21.095  0.33 78.49  ? 602 PO4 B O3  1 
HETATM 1358 O  O4  . PO4 H 4 .  ? -5.709  -17.997 18.876  0.33 77.68  ? 602 PO4 B O4  1 
HETATM 1359 O  O   . HOH I 5 .  ? 16.546  -0.896  1.566   1.00 85.98  ? 701 HOH A O   1 
HETATM 1360 O  O   . HOH I 5 .  ? 16.620  -9.412  -11.784 1.00 80.92  ? 702 HOH A O   1 
HETATM 1361 O  O   . HOH I 5 .  ? 8.469   -6.141  -22.071 1.00 94.45  ? 703 HOH A O   1 
HETATM 1362 O  O   . HOH I 5 .  ? 18.298  -4.144  -17.406 1.00 66.11  ? 704 HOH A O   1 
HETATM 1363 O  O   . HOH J 5 .  ? -15.134 -18.406 4.830   1.00 93.86  ? 701 HOH B O   1 
HETATM 1364 O  O   . HOH J 5 .  ? -21.484 -7.224  0.209   1.00 85.15  ? 702 HOH B O   1 
HETATM 1365 O  O   . HOH J 5 .  ? -22.154 -10.397 7.402   1.00 64.83  ? 703 HOH B O   1 
HETATM 1366 O  O   . HOH J 5 .  ? -14.726 6.756   2.568   1.00 88.88  ? 704 HOH B O   1 
# 
